data_3NY1
# 
_entry.id   3NY1 
# 
_audit_conform.dict_name       mmcif_pdbx.dic 
_audit_conform.dict_version    5.387 
_audit_conform.dict_location   http://mmcif.pdb.org/dictionaries/ascii/mmcif_pdbx.dic 
# 
loop_
_database_2.database_id 
_database_2.database_code 
_database_2.pdbx_database_accession 
_database_2.pdbx_DOI 
PDB   3NY1         pdb_00003ny1 10.2210/pdb3ny1/pdb 
RCSB  RCSB060421   ?            ?                   
WWPDB D_1000060421 ?            ?                   
# 
loop_
_pdbx_audit_revision_history.ordinal 
_pdbx_audit_revision_history.data_content_type 
_pdbx_audit_revision_history.major_revision 
_pdbx_audit_revision_history.minor_revision 
_pdbx_audit_revision_history.revision_date 
1 'Structure model' 1 0 2010-08-11 
2 'Structure model' 1 1 2011-07-13 
3 'Structure model' 1 2 2024-02-21 
# 
_pdbx_audit_revision_details.ordinal             1 
_pdbx_audit_revision_details.revision_ordinal    1 
_pdbx_audit_revision_details.data_content_type   'Structure model' 
_pdbx_audit_revision_details.provider            repository 
_pdbx_audit_revision_details.type                'Initial release' 
_pdbx_audit_revision_details.description         ? 
_pdbx_audit_revision_details.details             ? 
# 
loop_
_pdbx_audit_revision_group.ordinal 
_pdbx_audit_revision_group.revision_ordinal 
_pdbx_audit_revision_group.data_content_type 
_pdbx_audit_revision_group.group 
1 2 'Structure model' 'Version format compliance' 
2 3 'Structure model' 'Data collection'           
3 3 'Structure model' 'Database references'       
4 3 'Structure model' 'Derived calculations'      
# 
loop_
_pdbx_audit_revision_category.ordinal 
_pdbx_audit_revision_category.revision_ordinal 
_pdbx_audit_revision_category.data_content_type 
_pdbx_audit_revision_category.category 
1 3 'Structure model' chem_comp_atom         
2 3 'Structure model' chem_comp_bond         
3 3 'Structure model' database_2             
4 3 'Structure model' pdbx_struct_conn_angle 
5 3 'Structure model' struct_conn            
6 3 'Structure model' struct_ref_seq_dif     
7 3 'Structure model' struct_site            
# 
loop_
_pdbx_audit_revision_item.ordinal 
_pdbx_audit_revision_item.revision_ordinal 
_pdbx_audit_revision_item.data_content_type 
_pdbx_audit_revision_item.item 
1  3 'Structure model' '_database_2.pdbx_DOI'                        
2  3 'Structure model' '_database_2.pdbx_database_accession'         
3  3 'Structure model' '_pdbx_struct_conn_angle.ptnr1_auth_asym_id'  
4  3 'Structure model' '_pdbx_struct_conn_angle.ptnr1_auth_comp_id'  
5  3 'Structure model' '_pdbx_struct_conn_angle.ptnr1_auth_seq_id'   
6  3 'Structure model' '_pdbx_struct_conn_angle.ptnr1_label_asym_id' 
7  3 'Structure model' '_pdbx_struct_conn_angle.ptnr1_label_atom_id' 
8  3 'Structure model' '_pdbx_struct_conn_angle.ptnr1_label_comp_id' 
9  3 'Structure model' '_pdbx_struct_conn_angle.ptnr1_label_seq_id'  
10 3 'Structure model' '_pdbx_struct_conn_angle.ptnr2_auth_asym_id'  
11 3 'Structure model' '_pdbx_struct_conn_angle.ptnr2_auth_seq_id'   
12 3 'Structure model' '_pdbx_struct_conn_angle.ptnr2_label_asym_id' 
13 3 'Structure model' '_pdbx_struct_conn_angle.ptnr3_auth_asym_id'  
14 3 'Structure model' '_pdbx_struct_conn_angle.ptnr3_auth_comp_id'  
15 3 'Structure model' '_pdbx_struct_conn_angle.ptnr3_auth_seq_id'   
16 3 'Structure model' '_pdbx_struct_conn_angle.ptnr3_label_asym_id' 
17 3 'Structure model' '_pdbx_struct_conn_angle.ptnr3_label_atom_id' 
18 3 'Structure model' '_pdbx_struct_conn_angle.ptnr3_label_comp_id' 
19 3 'Structure model' '_pdbx_struct_conn_angle.ptnr3_label_seq_id'  
20 3 'Structure model' '_pdbx_struct_conn_angle.value'               
21 3 'Structure model' '_struct_conn.pdbx_dist_value'                
22 3 'Structure model' '_struct_conn.ptnr1_auth_asym_id'             
23 3 'Structure model' '_struct_conn.ptnr1_auth_comp_id'             
24 3 'Structure model' '_struct_conn.ptnr1_auth_seq_id'              
25 3 'Structure model' '_struct_conn.ptnr1_label_asym_id'            
26 3 'Structure model' '_struct_conn.ptnr1_label_atom_id'            
27 3 'Structure model' '_struct_conn.ptnr1_label_comp_id'            
28 3 'Structure model' '_struct_conn.ptnr1_label_seq_id'             
29 3 'Structure model' '_struct_conn.ptnr2_auth_asym_id'             
30 3 'Structure model' '_struct_conn.ptnr2_auth_comp_id'             
31 3 'Structure model' '_struct_conn.ptnr2_auth_seq_id'              
32 3 'Structure model' '_struct_conn.ptnr2_label_asym_id'            
33 3 'Structure model' '_struct_conn.ptnr2_label_atom_id'            
34 3 'Structure model' '_struct_conn.ptnr2_label_comp_id'            
35 3 'Structure model' '_struct_conn.ptnr2_label_seq_id'             
36 3 'Structure model' '_struct_ref_seq_dif.details'                 
37 3 'Structure model' '_struct_site.pdbx_auth_asym_id'              
38 3 'Structure model' '_struct_site.pdbx_auth_comp_id'              
39 3 'Structure model' '_struct_site.pdbx_auth_seq_id'               
# 
_pdbx_database_status.status_code                     REL 
_pdbx_database_status.entry_id                        3NY1 
_pdbx_database_status.recvd_initial_deposition_date   2010-07-14 
_pdbx_database_status.deposit_site                    RCSB 
_pdbx_database_status.process_site                    RCSB 
_pdbx_database_status.status_code_sf                  REL 
_pdbx_database_status.status_code_mr                  ? 
_pdbx_database_status.SG_entry                        ? 
_pdbx_database_status.pdb_format_compatible           Y 
_pdbx_database_status.status_code_cs                  ? 
_pdbx_database_status.status_code_nmr_data            ? 
_pdbx_database_status.methods_development_category    ? 
# 
loop_
_pdbx_database_related.db_name 
_pdbx_database_related.db_id 
_pdbx_database_related.details 
_pdbx_database_related.content_type 
PDB 3NY2 'Structure of the ubr-box of UBR2 ubiquitin ligase'           unspecified 
PDB 3NY3 'Structure of the ubr-box of UBR2 in complex with N-recognin' unspecified 
# 
loop_
_audit_author.name 
_audit_author.pdbx_ordinal 
'Matta-Camacho, E.' 1 
'Kozlov, G.'        2 
'Li, F.'            3 
'Gehring, K.'       4 
# 
_citation.id                        primary 
_citation.title                     'Structural basis of substrate recognition and specificity in the N-end rule pathway.' 
_citation.journal_abbrev            Nat.Struct.Mol.Biol. 
_citation.journal_volume            17 
_citation.page_first                1182 
_citation.page_last                 1187 
_citation.year                      2010 
_citation.journal_id_ASTM           ? 
_citation.country                   US 
_citation.journal_id_ISSN           1545-9993 
_citation.journal_id_CSD            ? 
_citation.book_publisher            ? 
_citation.pdbx_database_id_PubMed   20835242 
_citation.pdbx_database_id_DOI      10.1038/nsmb.1894 
# 
loop_
_citation_author.citation_id 
_citation_author.name 
_citation_author.ordinal 
_citation_author.identifier_ORCID 
primary 'Matta-Camacho, E.' 1 ? 
primary 'Kozlov, G.'        2 ? 
primary 'Li, F.F.'          3 ? 
primary 'Gehring, K.'       4 ? 
# 
loop_
_entity.id 
_entity.type 
_entity.src_method 
_entity.pdbx_description 
_entity.formula_weight 
_entity.pdbx_number_of_molecules 
_entity.pdbx_ec 
_entity.pdbx_mutation 
_entity.pdbx_fragment 
_entity.details 
1 polymer     man 'E3 ubiquitin-protein ligase UBR1' 8449.517 2  6.3.2.19 ? 'ubr-box, UNP residues 98-168' ? 
2 non-polymer syn 'ZINC ION'                         65.409   6  ?        ? ?                              ? 
3 water       nat water                              18.015   40 ?        ? ?                              ? 
# 
_entity_name_com.entity_id   1 
_entity_name_com.name        'N-recognin-1, Ubiquitin-protein ligase E3-alpha-1, Ubiquitin-protein ligase E3-alpha-I' 
# 
_entity_poly.entity_id                      1 
_entity_poly.type                           'polypeptide(L)' 
_entity_poly.nstd_linkage                   no 
_entity_poly.nstd_monomer                   no 
_entity_poly.pdbx_seq_one_letter_code       GPLGSQLCGRVFKSGETTYSCRDCAIDPTCVLCMDCFQDSVHKNHRYKMHTSTGGGFCDCGDTEAWKTGPFCVNHEP 
_entity_poly.pdbx_seq_one_letter_code_can   GPLGSQLCGRVFKSGETTYSCRDCAIDPTCVLCMDCFQDSVHKNHRYKMHTSTGGGFCDCGDTEAWKTGPFCVNHEP 
_entity_poly.pdbx_strand_id                 A,B 
_entity_poly.pdbx_target_identifier         ? 
# 
loop_
_pdbx_entity_nonpoly.entity_id 
_pdbx_entity_nonpoly.name 
_pdbx_entity_nonpoly.comp_id 
2 'ZINC ION' ZN  
3 water      HOH 
# 
loop_
_entity_poly_seq.entity_id 
_entity_poly_seq.num 
_entity_poly_seq.mon_id 
_entity_poly_seq.hetero 
1 1  GLY n 
1 2  PRO n 
1 3  LEU n 
1 4  GLY n 
1 5  SER n 
1 6  GLN n 
1 7  LEU n 
1 8  CYS n 
1 9  GLY n 
1 10 ARG n 
1 11 VAL n 
1 12 PHE n 
1 13 LYS n 
1 14 SER n 
1 15 GLY n 
1 16 GLU n 
1 17 THR n 
1 18 THR n 
1 19 TYR n 
1 20 SER n 
1 21 CYS n 
1 22 ARG n 
1 23 ASP n 
1 24 CYS n 
1 25 ALA n 
1 26 ILE n 
1 27 ASP n 
1 28 PRO n 
1 29 THR n 
1 30 CYS n 
1 31 VAL n 
1 32 LEU n 
1 33 CYS n 
1 34 MET n 
1 35 ASP n 
1 36 CYS n 
1 37 PHE n 
1 38 GLN n 
1 39 ASP n 
1 40 SER n 
1 41 VAL n 
1 42 HIS n 
1 43 LYS n 
1 44 ASN n 
1 45 HIS n 
1 46 ARG n 
1 47 TYR n 
1 48 LYS n 
1 49 MET n 
1 50 HIS n 
1 51 THR n 
1 52 SER n 
1 53 THR n 
1 54 GLY n 
1 55 GLY n 
1 56 GLY n 
1 57 PHE n 
1 58 CYS n 
1 59 ASP n 
1 60 CYS n 
1 61 GLY n 
1 62 ASP n 
1 63 THR n 
1 64 GLU n 
1 65 ALA n 
1 66 TRP n 
1 67 LYS n 
1 68 THR n 
1 69 GLY n 
1 70 PRO n 
1 71 PHE n 
1 72 CYS n 
1 73 VAL n 
1 74 ASN n 
1 75 HIS n 
1 76 GLU n 
1 77 PRO n 
# 
_entity_src_gen.entity_id                          1 
_entity_src_gen.pdbx_src_id                        1 
_entity_src_gen.pdbx_alt_source_flag               sample 
_entity_src_gen.pdbx_seq_type                      ? 
_entity_src_gen.pdbx_beg_seq_num                   ? 
_entity_src_gen.pdbx_end_seq_num                   ? 
_entity_src_gen.gene_src_common_name               human 
_entity_src_gen.gene_src_genus                     ? 
_entity_src_gen.pdbx_gene_src_gene                 UBR1 
_entity_src_gen.gene_src_species                   ? 
_entity_src_gen.gene_src_strain                    ? 
_entity_src_gen.gene_src_tissue                    ? 
_entity_src_gen.gene_src_tissue_fraction           ? 
_entity_src_gen.gene_src_details                   ? 
_entity_src_gen.pdbx_gene_src_fragment             ? 
_entity_src_gen.pdbx_gene_src_scientific_name      'Homo sapiens' 
_entity_src_gen.pdbx_gene_src_ncbi_taxonomy_id     9606 
_entity_src_gen.pdbx_gene_src_variant              ? 
_entity_src_gen.pdbx_gene_src_cell_line            ? 
_entity_src_gen.pdbx_gene_src_atcc                 ? 
_entity_src_gen.pdbx_gene_src_organ                ? 
_entity_src_gen.pdbx_gene_src_organelle            ? 
_entity_src_gen.pdbx_gene_src_cell                 ? 
_entity_src_gen.pdbx_gene_src_cellular_location    ? 
_entity_src_gen.host_org_common_name               ? 
_entity_src_gen.pdbx_host_org_scientific_name      'Escherichia coli' 
_entity_src_gen.pdbx_host_org_ncbi_taxonomy_id     511693 
_entity_src_gen.host_org_genus                     ? 
_entity_src_gen.pdbx_host_org_gene                 ? 
_entity_src_gen.pdbx_host_org_organ                ? 
_entity_src_gen.host_org_species                   ? 
_entity_src_gen.pdbx_host_org_tissue               ? 
_entity_src_gen.pdbx_host_org_tissue_fraction      ? 
_entity_src_gen.pdbx_host_org_strain               BL21 
_entity_src_gen.pdbx_host_org_variant              ? 
_entity_src_gen.pdbx_host_org_cell_line            ? 
_entity_src_gen.pdbx_host_org_atcc                 ? 
_entity_src_gen.pdbx_host_org_culture_collection   ? 
_entity_src_gen.pdbx_host_org_cell                 ? 
_entity_src_gen.pdbx_host_org_organelle            ? 
_entity_src_gen.pdbx_host_org_cellular_location    ? 
_entity_src_gen.pdbx_host_org_vector_type          plasmid 
_entity_src_gen.pdbx_host_org_vector               ? 
_entity_src_gen.host_org_details                   ? 
_entity_src_gen.expression_system_id               ? 
_entity_src_gen.plasmid_name                       pGEX-6P-1 
_entity_src_gen.plasmid_details                    ? 
_entity_src_gen.pdbx_description                   ? 
# 
loop_
_chem_comp.id 
_chem_comp.type 
_chem_comp.mon_nstd_flag 
_chem_comp.name 
_chem_comp.pdbx_synonyms 
_chem_comp.formula 
_chem_comp.formula_weight 
ALA 'L-peptide linking' y ALANINE         ? 'C3 H7 N O2'     89.093  
ARG 'L-peptide linking' y ARGININE        ? 'C6 H15 N4 O2 1' 175.209 
ASN 'L-peptide linking' y ASPARAGINE      ? 'C4 H8 N2 O3'    132.118 
ASP 'L-peptide linking' y 'ASPARTIC ACID' ? 'C4 H7 N O4'     133.103 
CYS 'L-peptide linking' y CYSTEINE        ? 'C3 H7 N O2 S'   121.158 
GLN 'L-peptide linking' y GLUTAMINE       ? 'C5 H10 N2 O3'   146.144 
GLU 'L-peptide linking' y 'GLUTAMIC ACID' ? 'C5 H9 N O4'     147.129 
GLY 'peptide linking'   y GLYCINE         ? 'C2 H5 N O2'     75.067  
HIS 'L-peptide linking' y HISTIDINE       ? 'C6 H10 N3 O2 1' 156.162 
HOH non-polymer         . WATER           ? 'H2 O'           18.015  
ILE 'L-peptide linking' y ISOLEUCINE      ? 'C6 H13 N O2'    131.173 
LEU 'L-peptide linking' y LEUCINE         ? 'C6 H13 N O2'    131.173 
LYS 'L-peptide linking' y LYSINE          ? 'C6 H15 N2 O2 1' 147.195 
MET 'L-peptide linking' y METHIONINE      ? 'C5 H11 N O2 S'  149.211 
PHE 'L-peptide linking' y PHENYLALANINE   ? 'C9 H11 N O2'    165.189 
PRO 'L-peptide linking' y PROLINE         ? 'C5 H9 N O2'     115.130 
SER 'L-peptide linking' y SERINE          ? 'C3 H7 N O3'     105.093 
THR 'L-peptide linking' y THREONINE       ? 'C4 H9 N O3'     119.119 
TRP 'L-peptide linking' y TRYPTOPHAN      ? 'C11 H12 N2 O2'  204.225 
TYR 'L-peptide linking' y TYROSINE        ? 'C9 H11 N O3'    181.189 
VAL 'L-peptide linking' y VALINE          ? 'C5 H11 N O2'    117.146 
ZN  non-polymer         . 'ZINC ION'      ? 'Zn 2'           65.409  
# 
loop_
_pdbx_poly_seq_scheme.asym_id 
_pdbx_poly_seq_scheme.entity_id 
_pdbx_poly_seq_scheme.seq_id 
_pdbx_poly_seq_scheme.mon_id 
_pdbx_poly_seq_scheme.ndb_seq_num 
_pdbx_poly_seq_scheme.pdb_seq_num 
_pdbx_poly_seq_scheme.auth_seq_num 
_pdbx_poly_seq_scheme.pdb_mon_id 
_pdbx_poly_seq_scheme.auth_mon_id 
_pdbx_poly_seq_scheme.pdb_strand_id 
_pdbx_poly_seq_scheme.pdb_ins_code 
_pdbx_poly_seq_scheme.hetero 
A 1 1  GLY 1  92  ?   ?   ?   A . n 
A 1 2  PRO 2  93  ?   ?   ?   A . n 
A 1 3  LEU 3  94  ?   ?   ?   A . n 
A 1 4  GLY 4  95  95  GLY GLY A . n 
A 1 5  SER 5  96  96  SER SER A . n 
A 1 6  GLN 6  97  97  GLN GLN A . n 
A 1 7  LEU 7  98  98  LEU LEU A . n 
A 1 8  CYS 8  99  99  CYS CYS A . n 
A 1 9  GLY 9  100 100 GLY GLY A . n 
A 1 10 ARG 10 101 101 ARG ARG A . n 
A 1 11 VAL 11 102 102 VAL VAL A . n 
A 1 12 PHE 12 103 103 PHE PHE A . n 
A 1 13 LYS 13 104 104 LYS LYS A . n 
A 1 14 SER 14 105 105 SER SER A . n 
A 1 15 GLY 15 106 106 GLY GLY A . n 
A 1 16 GLU 16 107 107 GLU GLU A . n 
A 1 17 THR 17 108 108 THR THR A . n 
A 1 18 THR 18 109 109 THR THR A . n 
A 1 19 TYR 19 110 110 TYR TYR A . n 
A 1 20 SER 20 111 111 SER SER A . n 
A 1 21 CYS 21 112 112 CYS CYS A . n 
A 1 22 ARG 22 113 113 ARG ARG A . n 
A 1 23 ASP 23 114 114 ASP ASP A . n 
A 1 24 CYS 24 115 115 CYS CYS A . n 
A 1 25 ALA 25 116 116 ALA ALA A . n 
A 1 26 ILE 26 117 117 ILE ILE A . n 
A 1 27 ASP 27 118 118 ASP ASP A . n 
A 1 28 PRO 28 119 119 PRO PRO A . n 
A 1 29 THR 29 120 120 THR THR A . n 
A 1 30 CYS 30 121 121 CYS CYS A . n 
A 1 31 VAL 31 122 122 VAL VAL A . n 
A 1 32 LEU 32 123 123 LEU LEU A . n 
A 1 33 CYS 33 124 124 CYS CYS A . n 
A 1 34 MET 34 125 125 MET MET A . n 
A 1 35 ASP 35 126 126 ASP ASP A . n 
A 1 36 CYS 36 127 127 CYS CYS A . n 
A 1 37 PHE 37 128 128 PHE PHE A . n 
A 1 38 GLN 38 129 129 GLN GLN A . n 
A 1 39 ASP 39 130 130 ASP ASP A . n 
A 1 40 SER 40 131 131 SER SER A . n 
A 1 41 VAL 41 132 132 VAL VAL A . n 
A 1 42 HIS 42 133 133 HIS HIS A . n 
A 1 43 LYS 43 134 134 LYS LYS A . n 
A 1 44 ASN 44 135 135 ASN ASN A . n 
A 1 45 HIS 45 136 136 HIS HIS A . n 
A 1 46 ARG 46 137 137 ARG ARG A . n 
A 1 47 TYR 47 138 138 TYR TYR A . n 
A 1 48 LYS 48 139 139 LYS LYS A . n 
A 1 49 MET 49 140 140 MET MET A . n 
A 1 50 HIS 50 141 141 HIS HIS A . n 
A 1 51 THR 51 142 142 THR THR A . n 
A 1 52 SER 52 143 143 SER SER A . n 
A 1 53 THR 53 144 144 THR THR A . n 
A 1 54 GLY 54 145 145 GLY GLY A . n 
A 1 55 GLY 55 146 146 GLY GLY A . n 
A 1 56 GLY 56 147 147 GLY GLY A . n 
A 1 57 PHE 57 148 148 PHE PHE A . n 
A 1 58 CYS 58 149 149 CYS CYS A . n 
A 1 59 ASP 59 150 150 ASP ASP A . n 
A 1 60 CYS 60 151 151 CYS CYS A . n 
A 1 61 GLY 61 152 152 GLY GLY A . n 
A 1 62 ASP 62 153 153 ASP ASP A . n 
A 1 63 THR 63 154 154 THR THR A . n 
A 1 64 GLU 64 155 155 GLU GLU A . n 
A 1 65 ALA 65 156 156 ALA ALA A . n 
A 1 66 TRP 66 157 157 TRP TRP A . n 
A 1 67 LYS 67 158 158 LYS LYS A . n 
A 1 68 THR 68 159 159 THR THR A . n 
A 1 69 GLY 69 160 160 GLY GLY A . n 
A 1 70 PRO 70 161 161 PRO PRO A . n 
A 1 71 PHE 71 162 162 PHE PHE A . n 
A 1 72 CYS 72 163 163 CYS CYS A . n 
A 1 73 VAL 73 164 164 VAL VAL A . n 
A 1 74 ASN 74 165 165 ASN ASN A . n 
A 1 75 HIS 75 166 166 HIS HIS A . n 
A 1 76 GLU 76 167 167 GLU GLU A . n 
A 1 77 PRO 77 168 ?   ?   ?   A . n 
B 1 1  GLY 1  92  ?   ?   ?   B . n 
B 1 2  PRO 2  93  ?   ?   ?   B . n 
B 1 3  LEU 3  94  ?   ?   ?   B . n 
B 1 4  GLY 4  95  ?   ?   ?   B . n 
B 1 5  SER 5  96  ?   ?   ?   B . n 
B 1 6  GLN 6  97  ?   ?   ?   B . n 
B 1 7  LEU 7  98  98  LEU LEU B . n 
B 1 8  CYS 8  99  99  CYS CYS B . n 
B 1 9  GLY 9  100 100 GLY GLY B . n 
B 1 10 ARG 10 101 101 ARG ARG B . n 
B 1 11 VAL 11 102 102 VAL VAL B . n 
B 1 12 PHE 12 103 103 PHE PHE B . n 
B 1 13 LYS 13 104 104 LYS ALA B . n 
B 1 14 SER 14 105 105 SER SER B . n 
B 1 15 GLY 15 106 106 GLY GLY B . n 
B 1 16 GLU 16 107 107 GLU GLU B . n 
B 1 17 THR 17 108 108 THR THR B . n 
B 1 18 THR 18 109 109 THR THR B . n 
B 1 19 TYR 19 110 110 TYR TYR B . n 
B 1 20 SER 20 111 111 SER SER B . n 
B 1 21 CYS 21 112 112 CYS CYS B . n 
B 1 22 ARG 22 113 113 ARG ARG B . n 
B 1 23 ASP 23 114 114 ASP ASP B . n 
B 1 24 CYS 24 115 115 CYS CYS B . n 
B 1 25 ALA 25 116 116 ALA ALA B . n 
B 1 26 ILE 26 117 117 ILE ILE B . n 
B 1 27 ASP 27 118 118 ASP ASP B . n 
B 1 28 PRO 28 119 119 PRO PRO B . n 
B 1 29 THR 29 120 120 THR THR B . n 
B 1 30 CYS 30 121 121 CYS CYS B . n 
B 1 31 VAL 31 122 122 VAL VAL B . n 
B 1 32 LEU 32 123 123 LEU LEU B . n 
B 1 33 CYS 33 124 124 CYS CYS B . n 
B 1 34 MET 34 125 125 MET MET B . n 
B 1 35 ASP 35 126 126 ASP ASP B . n 
B 1 36 CYS 36 127 127 CYS CYS B . n 
B 1 37 PHE 37 128 128 PHE PHE B . n 
B 1 38 GLN 38 129 129 GLN GLN B . n 
B 1 39 ASP 39 130 130 ASP ASP B . n 
B 1 40 SER 40 131 131 SER SER B . n 
B 1 41 VAL 41 132 132 VAL VAL B . n 
B 1 42 HIS 42 133 133 HIS HIS B . n 
B 1 43 LYS 43 134 134 LYS LYS B . n 
B 1 44 ASN 44 135 135 ASN ASN B . n 
B 1 45 HIS 45 136 136 HIS HIS B . n 
B 1 46 ARG 46 137 137 ARG ARG B . n 
B 1 47 TYR 47 138 138 TYR TYR B . n 
B 1 48 LYS 48 139 139 LYS LYS B . n 
B 1 49 MET 49 140 140 MET MET B . n 
B 1 50 HIS 50 141 141 HIS HIS B . n 
B 1 51 THR 51 142 142 THR THR B . n 
B 1 52 SER 52 143 143 SER SER B . n 
B 1 53 THR 53 144 144 THR THR B . n 
B 1 54 GLY 54 145 145 GLY GLY B . n 
B 1 55 GLY 55 146 146 GLY GLY B . n 
B 1 56 GLY 56 147 147 GLY GLY B . n 
B 1 57 PHE 57 148 148 PHE PHE B . n 
B 1 58 CYS 58 149 149 CYS CYS B . n 
B 1 59 ASP 59 150 150 ASP ASP B . n 
B 1 60 CYS 60 151 151 CYS CYS B . n 
B 1 61 GLY 61 152 152 GLY GLY B . n 
B 1 62 ASP 62 153 153 ASP ASP B . n 
B 1 63 THR 63 154 154 THR THR B . n 
B 1 64 GLU 64 155 155 GLU GLU B . n 
B 1 65 ALA 65 156 156 ALA ALA B . n 
B 1 66 TRP 66 157 157 TRP TRP B . n 
B 1 67 LYS 67 158 158 LYS LYS B . n 
B 1 68 THR 68 159 159 THR THR B . n 
B 1 69 GLY 69 160 160 GLY GLY B . n 
B 1 70 PRO 70 161 161 PRO PRO B . n 
B 1 71 PHE 71 162 162 PHE PHE B . n 
B 1 72 CYS 72 163 163 CYS CYS B . n 
B 1 73 VAL 73 164 164 VAL VAL B . n 
B 1 74 ASN 74 165 165 ASN ASN B . n 
B 1 75 HIS 75 166 166 HIS HIS B . n 
B 1 76 GLU 76 167 167 GLU GLU B . n 
B 1 77 PRO 77 168 ?   ?   ?   B . n 
# 
loop_
_pdbx_nonpoly_scheme.asym_id 
_pdbx_nonpoly_scheme.entity_id 
_pdbx_nonpoly_scheme.mon_id 
_pdbx_nonpoly_scheme.ndb_seq_num 
_pdbx_nonpoly_scheme.pdb_seq_num 
_pdbx_nonpoly_scheme.auth_seq_num 
_pdbx_nonpoly_scheme.pdb_mon_id 
_pdbx_nonpoly_scheme.auth_mon_id 
_pdbx_nonpoly_scheme.pdb_strand_id 
_pdbx_nonpoly_scheme.pdb_ins_code 
C 2 ZN  1  4   4  ZN  ZN  A . 
D 2 ZN  1  5   5  ZN  ZN  A . 
E 2 ZN  1  6   6  ZN  ZN  A . 
F 2 ZN  1  1   1  ZN  ZN  B . 
G 2 ZN  1  2   2  ZN  ZN  B . 
H 2 ZN  1  3   3  ZN  ZN  B . 
I 3 HOH 1  1   1  HOH HOH A . 
I 3 HOH 2  2   2  HOH HOH A . 
I 3 HOH 3  10  10 HOH HOH A . 
I 3 HOH 4  13  13 HOH HOH A . 
I 3 HOH 5  15  15 HOH HOH A . 
I 3 HOH 6  16  16 HOH HOH A . 
I 3 HOH 7  23  23 HOH HOH A . 
I 3 HOH 8  25  25 HOH HOH A . 
I 3 HOH 9  26  26 HOH HOH A . 
I 3 HOH 10 29  29 HOH HOH A . 
I 3 HOH 11 30  30 HOH HOH A . 
I 3 HOH 12 31  31 HOH HOH A . 
I 3 HOH 13 33  33 HOH HOH A . 
I 3 HOH 14 41  41 HOH HOH A . 
I 3 HOH 15 46  46 HOH HOH A . 
I 3 HOH 16 169 4  HOH HOH A . 
I 3 HOH 17 170 5  HOH HOH A . 
J 3 HOH 1  7   7  HOH HOH B . 
J 3 HOH 2  8   8  HOH HOH B . 
J 3 HOH 3  9   9  HOH HOH B . 
J 3 HOH 4  11  11 HOH HOH B . 
J 3 HOH 5  12  12 HOH HOH B . 
J 3 HOH 6  14  14 HOH HOH B . 
J 3 HOH 7  17  17 HOH HOH B . 
J 3 HOH 8  18  18 HOH HOH B . 
J 3 HOH 9  19  19 HOH HOH B . 
J 3 HOH 10 20  20 HOH HOH B . 
J 3 HOH 11 21  21 HOH HOH B . 
J 3 HOH 12 22  22 HOH HOH B . 
J 3 HOH 13 24  24 HOH HOH B . 
J 3 HOH 14 28  28 HOH HOH B . 
J 3 HOH 15 32  32 HOH HOH B . 
J 3 HOH 16 34  34 HOH HOH B . 
J 3 HOH 17 36  36 HOH HOH B . 
J 3 HOH 18 39  39 HOH HOH B . 
J 3 HOH 19 54  54 HOH HOH B . 
J 3 HOH 20 55  55 HOH HOH B . 
J 3 HOH 21 56  56 HOH HOH B . 
J 3 HOH 22 57  57 HOH HOH B . 
J 3 HOH 23 169 3  HOH HOH B . 
# 
loop_
_pdbx_unobs_or_zero_occ_atoms.id 
_pdbx_unobs_or_zero_occ_atoms.PDB_model_num 
_pdbx_unobs_or_zero_occ_atoms.polymer_flag 
_pdbx_unobs_or_zero_occ_atoms.occupancy_flag 
_pdbx_unobs_or_zero_occ_atoms.auth_asym_id 
_pdbx_unobs_or_zero_occ_atoms.auth_comp_id 
_pdbx_unobs_or_zero_occ_atoms.auth_seq_id 
_pdbx_unobs_or_zero_occ_atoms.PDB_ins_code 
_pdbx_unobs_or_zero_occ_atoms.auth_atom_id 
_pdbx_unobs_or_zero_occ_atoms.label_alt_id 
_pdbx_unobs_or_zero_occ_atoms.label_asym_id 
_pdbx_unobs_or_zero_occ_atoms.label_comp_id 
_pdbx_unobs_or_zero_occ_atoms.label_seq_id 
_pdbx_unobs_or_zero_occ_atoms.label_atom_id 
1 1 Y 1 B LYS 104 ? CG ? B LYS 13 CG 
2 1 Y 1 B LYS 104 ? CD ? B LYS 13 CD 
3 1 Y 1 B LYS 104 ? CE ? B LYS 13 CE 
4 1 Y 1 B LYS 104 ? NZ ? B LYS 13 NZ 
# 
loop_
_software.name 
_software.classification 
_software.version 
_software.citation_id 
_software.pdbx_ordinal 
ADSC     'data collection' Quantum  ? 1 
SOLVE    phasing           .        ? 2 
REFMAC   refinement        5.5.0102 ? 3 
HKL-2000 'data reduction'  .        ? 4 
HKL-2000 'data scaling'    .        ? 5 
# 
_cell.entry_id           3NY1 
_cell.length_a           29.702 
_cell.length_b           49.262 
_cell.length_c           43.831 
_cell.angle_alpha        90.00 
_cell.angle_beta         100.51 
_cell.angle_gamma        90.00 
_cell.Z_PDB              4 
_cell.pdbx_unique_axis   ? 
_cell.length_a_esd       ? 
_cell.length_b_esd       ? 
_cell.length_c_esd       ? 
_cell.angle_alpha_esd    ? 
_cell.angle_beta_esd     ? 
_cell.angle_gamma_esd    ? 
# 
_symmetry.entry_id                         3NY1 
_symmetry.space_group_name_H-M             'P 1 21 1' 
_symmetry.pdbx_full_space_group_name_H-M   ? 
_symmetry.cell_setting                     ? 
_symmetry.Int_Tables_number                4 
_symmetry.space_group_name_Hall            ? 
# 
_exptl.entry_id          3NY1 
_exptl.method            'X-RAY DIFFRACTION' 
_exptl.crystals_number   1 
# 
_exptl_crystal.id                    1 
_exptl_crystal.density_meas          ? 
_exptl_crystal.density_Matthews      1.87 
_exptl_crystal.density_percent_sol   34.07 
_exptl_crystal.description           ? 
_exptl_crystal.F_000                 ? 
_exptl_crystal.preparation           ? 
# 
_exptl_crystal_grow.crystal_id      1 
_exptl_crystal_grow.method          'VAPOR DIFFUSION, HANGING DROP' 
_exptl_crystal_grow.temp            293 
_exptl_crystal_grow.temp_details    ? 
_exptl_crystal_grow.pH              6.5 
_exptl_crystal_grow.pdbx_details    '0.1M Bis-Tris, 25% PEG3350, pH 6.5, VAPOR DIFFUSION, HANGING DROP, temperature 293K' 
_exptl_crystal_grow.pdbx_pH_range   ? 
# 
_diffrn.id                     1 
_diffrn.ambient_temp           100 
_diffrn.ambient_temp_details   ? 
_diffrn.crystal_id             1 
# 
_diffrn_detector.diffrn_id              1 
_diffrn_detector.detector               CCD 
_diffrn_detector.type                   'ADSC QUANTUM 210' 
_diffrn_detector.pdbx_collection_date   2009-10-28 
_diffrn_detector.details                ? 
# 
_diffrn_radiation.diffrn_id                        1 
_diffrn_radiation.wavelength_id                    1 
_diffrn_radiation.pdbx_monochromatic_or_laue_m_l   M 
_diffrn_radiation.monochromator                    'Si 111 CHANNEL' 
_diffrn_radiation.pdbx_diffrn_protocol             'SINGLE WAVELENGTH' 
_diffrn_radiation.pdbx_scattering_type             x-ray 
# 
_diffrn_radiation_wavelength.id           1 
_diffrn_radiation_wavelength.wavelength   1.2836 
_diffrn_radiation_wavelength.wt           1.0 
# 
_diffrn_source.diffrn_id                   1 
_diffrn_source.source                      SYNCHROTRON 
_diffrn_source.type                        'CHESS BEAMLINE F2' 
_diffrn_source.pdbx_synchrotron_site       CHESS 
_diffrn_source.pdbx_synchrotron_beamline   F2 
_diffrn_source.pdbx_wavelength             ? 
_diffrn_source.pdbx_wavelength_list        1.2836 
# 
_reflns.entry_id                     3NY1 
_reflns.observed_criterion_sigma_I   1 
_reflns.observed_criterion_sigma_F   1 
_reflns.d_resolution_low             50 
_reflns.d_resolution_high            2.08 
_reflns.number_obs                   7043 
_reflns.number_all                   7136 
_reflns.percent_possible_obs         98.7 
_reflns.pdbx_Rmerge_I_obs            ? 
_reflns.pdbx_Rsym_value              ? 
_reflns.pdbx_netI_over_sigmaI        ? 
_reflns.B_iso_Wilson_estimate        ? 
_reflns.pdbx_redundancy              ? 
_reflns.R_free_details               ? 
_reflns.limit_h_max                  ? 
_reflns.limit_h_min                  ? 
_reflns.limit_k_max                  ? 
_reflns.limit_k_min                  ? 
_reflns.limit_l_max                  ? 
_reflns.limit_l_min                  ? 
_reflns.observed_criterion_F_max     ? 
_reflns.observed_criterion_F_min     ? 
_reflns.pdbx_chi_squared             ? 
_reflns.pdbx_scaling_rejects         ? 
_reflns.pdbx_diffrn_id               1 
_reflns.pdbx_ordinal                 1 
# 
_reflns_shell.d_res_high             2.08 
_reflns_shell.d_res_low              2.12 
_reflns_shell.percent_possible_all   86.4 
_reflns_shell.Rmerge_I_obs           ? 
_reflns_shell.pdbx_Rsym_value        ? 
_reflns_shell.meanI_over_sigI_obs    ? 
_reflns_shell.pdbx_redundancy        ? 
_reflns_shell.percent_possible_obs   ? 
_reflns_shell.number_unique_all      ? 
_reflns_shell.number_measured_all    ? 
_reflns_shell.number_measured_obs    ? 
_reflns_shell.number_unique_obs      ? 
_reflns_shell.pdbx_chi_squared       ? 
_reflns_shell.pdbx_diffrn_id         ? 
_reflns_shell.pdbx_ordinal           1 
# 
_refine.entry_id                                 3NY1 
_refine.ls_number_reflns_obs                     7043 
_refine.ls_number_reflns_all                     7136 
_refine.pdbx_ls_sigma_I                          ? 
_refine.pdbx_ls_sigma_F                          1 
_refine.pdbx_data_cutoff_high_absF               ? 
_refine.pdbx_data_cutoff_low_absF                ? 
_refine.pdbx_data_cutoff_high_rms_absF           ? 
_refine.ls_d_res_low                             43.10 
_refine.ls_d_res_high                            2.085 
_refine.ls_percent_reflns_obs                    98.22 
_refine.ls_R_factor_obs                          0.19673 
_refine.ls_R_factor_all                          0.20 
_refine.ls_R_factor_R_work                       0.19429 
_refine.ls_R_factor_R_free                       0.24783 
_refine.ls_R_factor_R_free_error                 ? 
_refine.ls_R_factor_R_free_error_details         ? 
_refine.ls_percent_reflns_R_free                 4.5 
_refine.ls_number_reflns_R_free                  335 
_refine.ls_number_parameters                     ? 
_refine.ls_number_restraints                     ? 
_refine.occupancy_min                            ? 
_refine.occupancy_max                            ? 
_refine.correlation_coeff_Fo_to_Fc               0.946 
_refine.correlation_coeff_Fo_to_Fc_free          0.908 
_refine.B_iso_mean                               16.471 
_refine.aniso_B[1][1]                            -0.13 
_refine.aniso_B[2][2]                            0.51 
_refine.aniso_B[3][3]                            -0.99 
_refine.aniso_B[1][2]                            0.00 
_refine.aniso_B[1][3]                            -1.66 
_refine.aniso_B[2][3]                            0.00 
_refine.solvent_model_details                    MASK 
_refine.solvent_model_param_ksol                 ? 
_refine.solvent_model_param_bsol                 ? 
_refine.pdbx_solvent_vdw_probe_radii             1.40 
_refine.pdbx_solvent_ion_probe_radii             0.80 
_refine.pdbx_solvent_shrinkage_radii             0.80 
_refine.pdbx_ls_cross_valid_method               THROUGHOUT 
_refine.details                                  ? 
_refine.pdbx_starting_model                      ? 
_refine.pdbx_method_to_determine_struct          SAD 
_refine.pdbx_isotropic_thermal_model             ? 
_refine.pdbx_stereochemistry_target_values       'MAXIMUM LIKELIHOOD' 
_refine.pdbx_stereochem_target_val_spec_case     ? 
_refine.pdbx_R_Free_selection_details            RANDOM 
_refine.pdbx_overall_ESU_R_Free                  0.212 
_refine.overall_SU_ML                            0.164 
_refine.overall_SU_B                             10.883 
_refine.overall_SU_R_Cruickshank_DPI             ? 
_refine.ls_redundancy_reflns_obs                 ? 
_refine.B_iso_min                                ? 
_refine.B_iso_max                                ? 
_refine.overall_SU_R_free                        ? 
_refine.ls_wR_factor_R_free                      ? 
_refine.ls_wR_factor_R_work                      ? 
_refine.overall_FOM_free_R_set                   ? 
_refine.overall_FOM_work_R_set                   ? 
_refine.pdbx_overall_phase_error                 ? 
_refine.pdbx_refine_id                           'X-RAY DIFFRACTION' 
_refine.pdbx_overall_ESU_R                       ? 
_refine.pdbx_diffrn_id                           1 
_refine.pdbx_TLS_residual_ADP_flag               ? 
_refine.pdbx_overall_SU_R_free_Cruickshank_DPI   ? 
_refine.pdbx_overall_SU_R_Blow_DPI               ? 
_refine.pdbx_overall_SU_R_free_Blow_DPI          ? 
# 
_refine_hist.pdbx_refine_id                   'X-RAY DIFFRACTION' 
_refine_hist.cycle_id                         LAST 
_refine_hist.pdbx_number_atoms_protein        1091 
_refine_hist.pdbx_number_atoms_nucleic_acid   0 
_refine_hist.pdbx_number_atoms_ligand         6 
_refine_hist.number_atoms_solvent             40 
_refine_hist.number_atoms_total               1137 
_refine_hist.d_res_high                       2.085 
_refine_hist.d_res_low                        43.10 
# 
loop_
_refine_ls_restr.type 
_refine_ls_restr.dev_ideal 
_refine_ls_restr.dev_ideal_target 
_refine_ls_restr.weight 
_refine_ls_restr.number 
_refine_ls_restr.pdbx_refine_id 
_refine_ls_restr.pdbx_restraint_function 
r_bond_refined_d       0.012  0.021  ? 1117 'X-RAY DIFFRACTION' ? 
r_angle_refined_deg    1.471  1.910  ? 1505 'X-RAY DIFFRACTION' ? 
r_dihedral_angle_1_deg 7.579  5.000  ? 141  'X-RAY DIFFRACTION' ? 
r_dihedral_angle_2_deg 34.599 23.585 ? 53   'X-RAY DIFFRACTION' ? 
r_dihedral_angle_3_deg 22.124 15.000 ? 175  'X-RAY DIFFRACTION' ? 
r_dihedral_angle_4_deg 26.995 15.000 ? 6    'X-RAY DIFFRACTION' ? 
r_chiral_restr         0.113  0.200  ? 156  'X-RAY DIFFRACTION' ? 
r_gen_planes_refined   0.005  0.021  ? 866  'X-RAY DIFFRACTION' ? 
r_mcbond_it            0.499  1.500  ? 702  'X-RAY DIFFRACTION' ? 
r_mcangle_it           0.940  2.000  ? 1124 'X-RAY DIFFRACTION' ? 
r_scbond_it            1.707  3.000  ? 415  'X-RAY DIFFRACTION' ? 
r_scangle_it           2.764  4.500  ? 381  'X-RAY DIFFRACTION' ? 
# 
_refine_ls_shell.pdbx_total_number_of_bins_used   20 
_refine_ls_shell.d_res_high                       2.085 
_refine_ls_shell.d_res_low                        2.139 
_refine_ls_shell.number_reflns_R_work             441 
_refine_ls_shell.R_factor_R_work                  0.257 
_refine_ls_shell.percent_reflns_obs               84.30 
_refine_ls_shell.R_factor_R_free                  0.309 
_refine_ls_shell.R_factor_R_free_error            ? 
_refine_ls_shell.percent_reflns_R_free            ? 
_refine_ls_shell.number_reflns_R_free             26 
_refine_ls_shell.number_reflns_all                ? 
_refine_ls_shell.R_factor_all                     ? 
_refine_ls_shell.number_reflns_obs                ? 
_refine_ls_shell.redundancy_reflns_obs            ? 
_refine_ls_shell.pdbx_refine_id                   'X-RAY DIFFRACTION' 
# 
_struct.entry_id                  3NY1 
_struct.title                     'Structure of the ubr-box of the UBR1 ubiquitin ligase' 
_struct.pdbx_model_details        ? 
_struct.pdbx_CASP_flag            ? 
_struct.pdbx_model_type_details   ? 
# 
_struct_keywords.entry_id        3NY1 
_struct_keywords.pdbx_keywords   LIGASE 
_struct_keywords.text            'zinc finger-like, ubiquitin ligase, LIGASE' 
# 
loop_
_struct_asym.id 
_struct_asym.pdbx_blank_PDB_chainid_flag 
_struct_asym.pdbx_modified 
_struct_asym.entity_id 
_struct_asym.details 
A N N 1 ? 
B N N 1 ? 
C N N 2 ? 
D N N 2 ? 
E N N 2 ? 
F N N 2 ? 
G N N 2 ? 
H N N 2 ? 
I N N 3 ? 
J N N 3 ? 
# 
_struct_ref.id                         1 
_struct_ref.db_name                    UNP 
_struct_ref.db_code                    UBR1_HUMAN 
_struct_ref.pdbx_db_accession          Q8IWV7 
_struct_ref.entity_id                  1 
_struct_ref.pdbx_seq_one_letter_code   QLCGRVFKSGETTYSCRDCAIDPTCVLCMDCFQDSVHKNHRYKMHTSTGGGFCDCGDTEAWKTGPFCVNHEP 
_struct_ref.pdbx_align_begin           97 
_struct_ref.pdbx_db_isoform            ? 
# 
loop_
_struct_ref_seq.align_id 
_struct_ref_seq.ref_id 
_struct_ref_seq.pdbx_PDB_id_code 
_struct_ref_seq.pdbx_strand_id 
_struct_ref_seq.seq_align_beg 
_struct_ref_seq.pdbx_seq_align_beg_ins_code 
_struct_ref_seq.seq_align_end 
_struct_ref_seq.pdbx_seq_align_end_ins_code 
_struct_ref_seq.pdbx_db_accession 
_struct_ref_seq.db_align_beg 
_struct_ref_seq.pdbx_db_align_beg_ins_code 
_struct_ref_seq.db_align_end 
_struct_ref_seq.pdbx_db_align_end_ins_code 
_struct_ref_seq.pdbx_auth_seq_align_beg 
_struct_ref_seq.pdbx_auth_seq_align_end 
1 1 3NY1 A 6 ? 77 ? Q8IWV7 97 ? 168 ? 97 168 
2 1 3NY1 B 6 ? 77 ? Q8IWV7 97 ? 168 ? 97 168 
# 
loop_
_struct_ref_seq_dif.align_id 
_struct_ref_seq_dif.pdbx_pdb_id_code 
_struct_ref_seq_dif.mon_id 
_struct_ref_seq_dif.pdbx_pdb_strand_id 
_struct_ref_seq_dif.seq_num 
_struct_ref_seq_dif.pdbx_pdb_ins_code 
_struct_ref_seq_dif.pdbx_seq_db_name 
_struct_ref_seq_dif.pdbx_seq_db_accession_code 
_struct_ref_seq_dif.db_mon_id 
_struct_ref_seq_dif.pdbx_seq_db_seq_num 
_struct_ref_seq_dif.details 
_struct_ref_seq_dif.pdbx_auth_seq_num 
_struct_ref_seq_dif.pdbx_ordinal 
1 3NY1 GLY A 1 ? UNP Q8IWV7 ? ? 'expression tag' 92 1  
1 3NY1 PRO A 2 ? UNP Q8IWV7 ? ? 'expression tag' 93 2  
1 3NY1 LEU A 3 ? UNP Q8IWV7 ? ? 'expression tag' 94 3  
1 3NY1 GLY A 4 ? UNP Q8IWV7 ? ? 'expression tag' 95 4  
1 3NY1 SER A 5 ? UNP Q8IWV7 ? ? 'expression tag' 96 5  
2 3NY1 GLY B 1 ? UNP Q8IWV7 ? ? 'expression tag' 92 6  
2 3NY1 PRO B 2 ? UNP Q8IWV7 ? ? 'expression tag' 93 7  
2 3NY1 LEU B 3 ? UNP Q8IWV7 ? ? 'expression tag' 94 8  
2 3NY1 GLY B 4 ? UNP Q8IWV7 ? ? 'expression tag' 95 9  
2 3NY1 SER B 5 ? UNP Q8IWV7 ? ? 'expression tag' 96 10 
# 
loop_
_pdbx_struct_assembly.id 
_pdbx_struct_assembly.details 
_pdbx_struct_assembly.method_details 
_pdbx_struct_assembly.oligomeric_details 
_pdbx_struct_assembly.oligomeric_count 
1 author_and_software_defined_assembly PISA monomeric 1 
2 author_and_software_defined_assembly PISA monomeric 1 
# 
loop_
_pdbx_struct_assembly_gen.assembly_id 
_pdbx_struct_assembly_gen.oper_expression 
_pdbx_struct_assembly_gen.asym_id_list 
1 1 A,C,D,E,I 
2 1 B,F,G,H,J 
# 
_pdbx_struct_oper_list.id                   1 
_pdbx_struct_oper_list.type                 'identity operation' 
_pdbx_struct_oper_list.name                 1_555 
_pdbx_struct_oper_list.symmetry_operation   x,y,z 
_pdbx_struct_oper_list.matrix[1][1]         1.0000000000 
_pdbx_struct_oper_list.matrix[1][2]         0.0000000000 
_pdbx_struct_oper_list.matrix[1][3]         0.0000000000 
_pdbx_struct_oper_list.vector[1]            0.0000000000 
_pdbx_struct_oper_list.matrix[2][1]         0.0000000000 
_pdbx_struct_oper_list.matrix[2][2]         1.0000000000 
_pdbx_struct_oper_list.matrix[2][3]         0.0000000000 
_pdbx_struct_oper_list.vector[2]            0.0000000000 
_pdbx_struct_oper_list.matrix[3][1]         0.0000000000 
_pdbx_struct_oper_list.matrix[3][2]         0.0000000000 
_pdbx_struct_oper_list.matrix[3][3]         1.0000000000 
_pdbx_struct_oper_list.vector[3]            0.0000000000 
# 
_struct_biol.id        1 
_struct_biol.details   ? 
# 
loop_
_struct_conf.conf_type_id 
_struct_conf.id 
_struct_conf.pdbx_PDB_helix_id 
_struct_conf.beg_label_comp_id 
_struct_conf.beg_label_asym_id 
_struct_conf.beg_label_seq_id 
_struct_conf.pdbx_beg_PDB_ins_code 
_struct_conf.end_label_comp_id 
_struct_conf.end_label_asym_id 
_struct_conf.end_label_seq_id 
_struct_conf.pdbx_end_PDB_ins_code 
_struct_conf.beg_auth_comp_id 
_struct_conf.beg_auth_asym_id 
_struct_conf.beg_auth_seq_id 
_struct_conf.end_auth_comp_id 
_struct_conf.end_auth_asym_id 
_struct_conf.end_auth_seq_id 
_struct_conf.pdbx_PDB_helix_class 
_struct_conf.details 
_struct_conf.pdbx_PDB_helix_length 
HELX_P HELX_P1 1 CYS A 33 ? GLN A 38 ? CYS A 124 GLN A 129 1 ? 6 
HELX_P HELX_P2 2 ASP A 39 ? HIS A 45 ? ASP A 130 HIS A 136 5 ? 7 
HELX_P HELX_P3 3 MET B 34 ? ASP B 39 ? MET B 125 ASP B 130 1 ? 6 
HELX_P HELX_P4 4 SER B 40 ? HIS B 45 ? SER B 131 HIS B 136 5 ? 6 
# 
_struct_conf_type.id          HELX_P 
_struct_conf_type.criteria    ? 
_struct_conf_type.reference   ? 
# 
loop_
_struct_conn.id 
_struct_conn.conn_type_id 
_struct_conn.pdbx_leaving_atom_flag 
_struct_conn.pdbx_PDB_id 
_struct_conn.ptnr1_label_asym_id 
_struct_conn.ptnr1_label_comp_id 
_struct_conn.ptnr1_label_seq_id 
_struct_conn.ptnr1_label_atom_id 
_struct_conn.pdbx_ptnr1_label_alt_id 
_struct_conn.pdbx_ptnr1_PDB_ins_code 
_struct_conn.pdbx_ptnr1_standard_comp_id 
_struct_conn.ptnr1_symmetry 
_struct_conn.ptnr2_label_asym_id 
_struct_conn.ptnr2_label_comp_id 
_struct_conn.ptnr2_label_seq_id 
_struct_conn.ptnr2_label_atom_id 
_struct_conn.pdbx_ptnr2_label_alt_id 
_struct_conn.pdbx_ptnr2_PDB_ins_code 
_struct_conn.ptnr1_auth_asym_id 
_struct_conn.ptnr1_auth_comp_id 
_struct_conn.ptnr1_auth_seq_id 
_struct_conn.ptnr2_auth_asym_id 
_struct_conn.ptnr2_auth_comp_id 
_struct_conn.ptnr2_auth_seq_id 
_struct_conn.ptnr2_symmetry 
_struct_conn.pdbx_ptnr3_label_atom_id 
_struct_conn.pdbx_ptnr3_label_seq_id 
_struct_conn.pdbx_ptnr3_label_comp_id 
_struct_conn.pdbx_ptnr3_label_asym_id 
_struct_conn.pdbx_ptnr3_label_alt_id 
_struct_conn.pdbx_ptnr3_PDB_ins_code 
_struct_conn.details 
_struct_conn.pdbx_dist_value 
_struct_conn.pdbx_value_order 
_struct_conn.pdbx_role 
metalc1  metalc ? ? C ZN . ZN ? ? ? 1_555 A CYS 8  SG  ? ? A ZN 4 A CYS 99  1_555 ? ? ? ? ? ? ? 2.316 ? ? 
metalc2  metalc ? ? C ZN . ZN ? ? ? 1_555 A CYS 33 SG  ? ? A ZN 4 A CYS 124 1_555 ? ? ? ? ? ? ? 2.427 ? ? 
metalc3  metalc ? ? C ZN . ZN ? ? ? 1_555 A CYS 36 SG  ? ? A ZN 4 A CYS 127 1_555 ? ? ? ? ? ? ? 2.362 ? ? 
metalc4  metalc ? ? C ZN . ZN ? ? ? 1_555 A CYS 58 SG  ? ? A ZN 4 A CYS 149 1_555 ? ? ? ? ? ? ? 2.364 ? ? 
metalc5  metalc ? ? D ZN . ZN ? ? ? 1_555 A CYS 36 SG  ? ? A ZN 5 A CYS 127 1_555 ? ? ? ? ? ? ? 2.202 ? ? 
metalc6  metalc ? ? D ZN . ZN ? ? ? 1_555 A CYS 60 SG  ? ? A ZN 5 A CYS 151 1_555 ? ? ? ? ? ? ? 2.334 ? ? 
metalc7  metalc ? ? D ZN . ZN ? ? ? 1_555 A CYS 72 SG  ? ? A ZN 5 A CYS 163 1_555 ? ? ? ? ? ? ? 2.277 ? ? 
metalc8  metalc ? ? D ZN . ZN ? ? ? 1_555 A HIS 75 ND1 ? ? A ZN 5 A HIS 166 1_555 ? ? ? ? ? ? ? 2.145 ? ? 
metalc9  metalc ? ? E ZN . ZN ? ? ? 1_555 A CYS 21 SG  ? ? A ZN 6 A CYS 112 1_555 ? ? ? ? ? ? ? 2.201 ? ? 
metalc10 metalc ? ? E ZN . ZN ? ? ? 1_555 A CYS 24 SG  ? ? A ZN 6 A CYS 115 1_555 ? ? ? ? ? ? ? 2.217 ? ? 
metalc11 metalc ? ? E ZN . ZN ? ? ? 1_555 A HIS 42 ND1 ? ? A ZN 6 A HIS 133 1_555 ? ? ? ? ? ? ? 2.101 ? ? 
metalc12 metalc ? ? E ZN . ZN ? ? ? 1_555 A HIS 45 ND1 ? ? A ZN 6 A HIS 136 1_555 ? ? ? ? ? ? ? 2.023 ? ? 
metalc13 metalc ? ? F ZN . ZN ? ? ? 1_555 B CYS 8  SG  ? ? B ZN 1 B CYS 99  1_555 ? ? ? ? ? ? ? 2.344 ? ? 
metalc14 metalc ? ? F ZN . ZN ? ? ? 1_555 B CYS 33 SG  ? ? B ZN 1 B CYS 124 1_555 ? ? ? ? ? ? ? 2.318 ? ? 
metalc15 metalc ? ? F ZN . ZN ? ? ? 1_555 B CYS 36 SG  ? ? B ZN 1 B CYS 127 1_555 ? ? ? ? ? ? ? 2.440 ? ? 
metalc16 metalc ? ? F ZN . ZN ? ? ? 1_555 B CYS 58 SG  ? ? B ZN 1 B CYS 149 1_555 ? ? ? ? ? ? ? 2.204 ? ? 
metalc17 metalc ? ? G ZN . ZN ? ? ? 1_555 B CYS 36 SG  ? ? B ZN 2 B CYS 127 1_555 ? ? ? ? ? ? ? 2.246 ? ? 
metalc18 metalc ? ? G ZN . ZN ? ? ? 1_555 B CYS 60 SG  ? ? B ZN 2 B CYS 151 1_555 ? ? ? ? ? ? ? 2.218 ? ? 
metalc19 metalc ? ? G ZN . ZN ? ? ? 1_555 B CYS 72 SG  ? ? B ZN 2 B CYS 163 1_555 ? ? ? ? ? ? ? 2.255 ? ? 
metalc20 metalc ? ? G ZN . ZN ? ? ? 1_555 B HIS 75 ND1 ? ? B ZN 2 B HIS 166 1_555 ? ? ? ? ? ? ? 2.110 ? ? 
metalc21 metalc ? ? H ZN . ZN ? ? ? 1_555 B CYS 21 SG  ? ? B ZN 3 B CYS 112 1_555 ? ? ? ? ? ? ? 2.264 ? ? 
metalc22 metalc ? ? H ZN . ZN ? ? ? 1_555 B CYS 24 SG  ? ? B ZN 3 B CYS 115 1_555 ? ? ? ? ? ? ? 2.239 ? ? 
metalc23 metalc ? ? H ZN . ZN ? ? ? 1_555 B HIS 42 ND1 ? ? B ZN 3 B HIS 133 1_555 ? ? ? ? ? ? ? 2.085 ? ? 
metalc24 metalc ? ? H ZN . ZN ? ? ? 1_555 B HIS 45 ND1 ? ? B ZN 3 B HIS 136 1_555 ? ? ? ? ? ? ? 2.073 ? ? 
# 
_struct_conn_type.id          metalc 
_struct_conn_type.criteria    ? 
_struct_conn_type.reference   ? 
# 
loop_
_pdbx_struct_conn_angle.id 
_pdbx_struct_conn_angle.ptnr1_label_atom_id 
_pdbx_struct_conn_angle.ptnr1_label_alt_id 
_pdbx_struct_conn_angle.ptnr1_label_asym_id 
_pdbx_struct_conn_angle.ptnr1_label_comp_id 
_pdbx_struct_conn_angle.ptnr1_label_seq_id 
_pdbx_struct_conn_angle.ptnr1_auth_atom_id 
_pdbx_struct_conn_angle.ptnr1_auth_asym_id 
_pdbx_struct_conn_angle.ptnr1_auth_comp_id 
_pdbx_struct_conn_angle.ptnr1_auth_seq_id 
_pdbx_struct_conn_angle.ptnr1_PDB_ins_code 
_pdbx_struct_conn_angle.ptnr1_symmetry 
_pdbx_struct_conn_angle.ptnr2_label_atom_id 
_pdbx_struct_conn_angle.ptnr2_label_alt_id 
_pdbx_struct_conn_angle.ptnr2_label_asym_id 
_pdbx_struct_conn_angle.ptnr2_label_comp_id 
_pdbx_struct_conn_angle.ptnr2_label_seq_id 
_pdbx_struct_conn_angle.ptnr2_auth_atom_id 
_pdbx_struct_conn_angle.ptnr2_auth_asym_id 
_pdbx_struct_conn_angle.ptnr2_auth_comp_id 
_pdbx_struct_conn_angle.ptnr2_auth_seq_id 
_pdbx_struct_conn_angle.ptnr2_PDB_ins_code 
_pdbx_struct_conn_angle.ptnr2_symmetry 
_pdbx_struct_conn_angle.ptnr3_label_atom_id 
_pdbx_struct_conn_angle.ptnr3_label_alt_id 
_pdbx_struct_conn_angle.ptnr3_label_asym_id 
_pdbx_struct_conn_angle.ptnr3_label_comp_id 
_pdbx_struct_conn_angle.ptnr3_label_seq_id 
_pdbx_struct_conn_angle.ptnr3_auth_atom_id 
_pdbx_struct_conn_angle.ptnr3_auth_asym_id 
_pdbx_struct_conn_angle.ptnr3_auth_comp_id 
_pdbx_struct_conn_angle.ptnr3_auth_seq_id 
_pdbx_struct_conn_angle.ptnr3_PDB_ins_code 
_pdbx_struct_conn_angle.ptnr3_symmetry 
_pdbx_struct_conn_angle.value 
_pdbx_struct_conn_angle.value_esd 
1  SG  ? A CYS 8  ? A CYS 99  ? 1_555 ZN ? C ZN . ? A ZN 4 ? 1_555 SG  ? A CYS 33 ? A CYS 124 ? 1_555 113.5 ? 
2  SG  ? A CYS 8  ? A CYS 99  ? 1_555 ZN ? C ZN . ? A ZN 4 ? 1_555 SG  ? A CYS 36 ? A CYS 127 ? 1_555 104.8 ? 
3  SG  ? A CYS 33 ? A CYS 124 ? 1_555 ZN ? C ZN . ? A ZN 4 ? 1_555 SG  ? A CYS 36 ? A CYS 127 ? 1_555 100.8 ? 
4  SG  ? A CYS 8  ? A CYS 99  ? 1_555 ZN ? C ZN . ? A ZN 4 ? 1_555 SG  ? A CYS 58 ? A CYS 149 ? 1_555 110.2 ? 
5  SG  ? A CYS 33 ? A CYS 124 ? 1_555 ZN ? C ZN . ? A ZN 4 ? 1_555 SG  ? A CYS 58 ? A CYS 149 ? 1_555 111.0 ? 
6  SG  ? A CYS 36 ? A CYS 127 ? 1_555 ZN ? C ZN . ? A ZN 4 ? 1_555 SG  ? A CYS 58 ? A CYS 149 ? 1_555 116.1 ? 
7  SG  ? A CYS 36 ? A CYS 127 ? 1_555 ZN ? D ZN . ? A ZN 5 ? 1_555 SG  ? A CYS 60 ? A CYS 151 ? 1_555 115.2 ? 
8  SG  ? A CYS 36 ? A CYS 127 ? 1_555 ZN ? D ZN . ? A ZN 5 ? 1_555 SG  ? A CYS 72 ? A CYS 163 ? 1_555 115.6 ? 
9  SG  ? A CYS 60 ? A CYS 151 ? 1_555 ZN ? D ZN . ? A ZN 5 ? 1_555 SG  ? A CYS 72 ? A CYS 163 ? 1_555 113.4 ? 
10 SG  ? A CYS 36 ? A CYS 127 ? 1_555 ZN ? D ZN . ? A ZN 5 ? 1_555 ND1 ? A HIS 75 ? A HIS 166 ? 1_555 103.7 ? 
11 SG  ? A CYS 60 ? A CYS 151 ? 1_555 ZN ? D ZN . ? A ZN 5 ? 1_555 ND1 ? A HIS 75 ? A HIS 166 ? 1_555 108.9 ? 
12 SG  ? A CYS 72 ? A CYS 163 ? 1_555 ZN ? D ZN . ? A ZN 5 ? 1_555 ND1 ? A HIS 75 ? A HIS 166 ? 1_555 97.8  ? 
13 SG  ? A CYS 21 ? A CYS 112 ? 1_555 ZN ? E ZN . ? A ZN 6 ? 1_555 SG  ? A CYS 24 ? A CYS 115 ? 1_555 119.2 ? 
14 SG  ? A CYS 21 ? A CYS 112 ? 1_555 ZN ? E ZN . ? A ZN 6 ? 1_555 ND1 ? A HIS 42 ? A HIS 133 ? 1_555 108.7 ? 
15 SG  ? A CYS 24 ? A CYS 115 ? 1_555 ZN ? E ZN . ? A ZN 6 ? 1_555 ND1 ? A HIS 42 ? A HIS 133 ? 1_555 102.3 ? 
16 SG  ? A CYS 21 ? A CYS 112 ? 1_555 ZN ? E ZN . ? A ZN 6 ? 1_555 ND1 ? A HIS 45 ? A HIS 136 ? 1_555 115.1 ? 
17 SG  ? A CYS 24 ? A CYS 115 ? 1_555 ZN ? E ZN . ? A ZN 6 ? 1_555 ND1 ? A HIS 45 ? A HIS 136 ? 1_555 101.3 ? 
18 ND1 ? A HIS 42 ? A HIS 133 ? 1_555 ZN ? E ZN . ? A ZN 6 ? 1_555 ND1 ? A HIS 45 ? A HIS 136 ? 1_555 109.3 ? 
19 SG  ? B CYS 8  ? B CYS 99  ? 1_555 ZN ? F ZN . ? B ZN 1 ? 1_555 SG  ? B CYS 33 ? B CYS 124 ? 1_555 116.1 ? 
20 SG  ? B CYS 8  ? B CYS 99  ? 1_555 ZN ? F ZN . ? B ZN 1 ? 1_555 SG  ? B CYS 36 ? B CYS 127 ? 1_555 101.9 ? 
21 SG  ? B CYS 33 ? B CYS 124 ? 1_555 ZN ? F ZN . ? B ZN 1 ? 1_555 SG  ? B CYS 36 ? B CYS 127 ? 1_555 98.7  ? 
22 SG  ? B CYS 8  ? B CYS 99  ? 1_555 ZN ? F ZN . ? B ZN 1 ? 1_555 SG  ? B CYS 58 ? B CYS 149 ? 1_555 111.8 ? 
23 SG  ? B CYS 33 ? B CYS 124 ? 1_555 ZN ? F ZN . ? B ZN 1 ? 1_555 SG  ? B CYS 58 ? B CYS 149 ? 1_555 116.5 ? 
24 SG  ? B CYS 36 ? B CYS 127 ? 1_555 ZN ? F ZN . ? B ZN 1 ? 1_555 SG  ? B CYS 58 ? B CYS 149 ? 1_555 109.7 ? 
25 SG  ? B CYS 36 ? B CYS 127 ? 1_555 ZN ? G ZN . ? B ZN 2 ? 1_555 SG  ? B CYS 60 ? B CYS 151 ? 1_555 111.5 ? 
26 SG  ? B CYS 36 ? B CYS 127 ? 1_555 ZN ? G ZN . ? B ZN 2 ? 1_555 SG  ? B CYS 72 ? B CYS 163 ? 1_555 110.5 ? 
27 SG  ? B CYS 60 ? B CYS 151 ? 1_555 ZN ? G ZN . ? B ZN 2 ? 1_555 SG  ? B CYS 72 ? B CYS 163 ? 1_555 116.9 ? 
28 SG  ? B CYS 36 ? B CYS 127 ? 1_555 ZN ? G ZN . ? B ZN 2 ? 1_555 ND1 ? B HIS 75 ? B HIS 166 ? 1_555 105.9 ? 
29 SG  ? B CYS 60 ? B CYS 151 ? 1_555 ZN ? G ZN . ? B ZN 2 ? 1_555 ND1 ? B HIS 75 ? B HIS 166 ? 1_555 107.2 ? 
30 SG  ? B CYS 72 ? B CYS 163 ? 1_555 ZN ? G ZN . ? B ZN 2 ? 1_555 ND1 ? B HIS 75 ? B HIS 166 ? 1_555 103.9 ? 
31 SG  ? B CYS 21 ? B CYS 112 ? 1_555 ZN ? H ZN . ? B ZN 3 ? 1_555 SG  ? B CYS 24 ? B CYS 115 ? 1_555 118.3 ? 
32 SG  ? B CYS 21 ? B CYS 112 ? 1_555 ZN ? H ZN . ? B ZN 3 ? 1_555 ND1 ? B HIS 42 ? B HIS 133 ? 1_555 111.0 ? 
33 SG  ? B CYS 24 ? B CYS 115 ? 1_555 ZN ? H ZN . ? B ZN 3 ? 1_555 ND1 ? B HIS 42 ? B HIS 133 ? 1_555 98.5  ? 
34 SG  ? B CYS 21 ? B CYS 112 ? 1_555 ZN ? H ZN . ? B ZN 3 ? 1_555 ND1 ? B HIS 45 ? B HIS 136 ? 1_555 112.8 ? 
35 SG  ? B CYS 24 ? B CYS 115 ? 1_555 ZN ? H ZN . ? B ZN 3 ? 1_555 ND1 ? B HIS 45 ? B HIS 136 ? 1_555 105.7 ? 
36 ND1 ? B HIS 42 ? B HIS 133 ? 1_555 ZN ? H ZN . ? B ZN 3 ? 1_555 ND1 ? B HIS 45 ? B HIS 136 ? 1_555 109.5 ? 
# 
loop_
_struct_sheet.id 
_struct_sheet.type 
_struct_sheet.number_strands 
_struct_sheet.details 
A ? 2 ? 
B ? 3 ? 
# 
loop_
_struct_sheet_order.sheet_id 
_struct_sheet_order.range_id_1 
_struct_sheet_order.range_id_2 
_struct_sheet_order.offset 
_struct_sheet_order.sense 
A 1 2 ? anti-parallel 
B 1 2 ? anti-parallel 
B 2 3 ? anti-parallel 
# 
loop_
_struct_sheet_range.sheet_id 
_struct_sheet_range.id 
_struct_sheet_range.beg_label_comp_id 
_struct_sheet_range.beg_label_asym_id 
_struct_sheet_range.beg_label_seq_id 
_struct_sheet_range.pdbx_beg_PDB_ins_code 
_struct_sheet_range.end_label_comp_id 
_struct_sheet_range.end_label_asym_id 
_struct_sheet_range.end_label_seq_id 
_struct_sheet_range.pdbx_end_PDB_ins_code 
_struct_sheet_range.beg_auth_comp_id 
_struct_sheet_range.beg_auth_asym_id 
_struct_sheet_range.beg_auth_seq_id 
_struct_sheet_range.end_auth_comp_id 
_struct_sheet_range.end_auth_asym_id 
_struct_sheet_range.end_auth_seq_id 
A 1 THR A 17 ? CYS A 21 ? THR A 108 CYS A 112 
A 2 TYR A 47 ? THR A 51 ? TYR A 138 THR A 142 
B 1 LEU B 32 ? CYS B 33 ? LEU B 123 CYS B 124 
B 2 THR B 17 ? CYS B 21 ? THR B 108 CYS B 112 
B 3 TYR B 47 ? THR B 51 ? TYR B 138 THR B 142 
# 
loop_
_pdbx_struct_sheet_hbond.sheet_id 
_pdbx_struct_sheet_hbond.range_id_1 
_pdbx_struct_sheet_hbond.range_id_2 
_pdbx_struct_sheet_hbond.range_1_label_atom_id 
_pdbx_struct_sheet_hbond.range_1_label_comp_id 
_pdbx_struct_sheet_hbond.range_1_label_asym_id 
_pdbx_struct_sheet_hbond.range_1_label_seq_id 
_pdbx_struct_sheet_hbond.range_1_PDB_ins_code 
_pdbx_struct_sheet_hbond.range_1_auth_atom_id 
_pdbx_struct_sheet_hbond.range_1_auth_comp_id 
_pdbx_struct_sheet_hbond.range_1_auth_asym_id 
_pdbx_struct_sheet_hbond.range_1_auth_seq_id 
_pdbx_struct_sheet_hbond.range_2_label_atom_id 
_pdbx_struct_sheet_hbond.range_2_label_comp_id 
_pdbx_struct_sheet_hbond.range_2_label_asym_id 
_pdbx_struct_sheet_hbond.range_2_label_seq_id 
_pdbx_struct_sheet_hbond.range_2_PDB_ins_code 
_pdbx_struct_sheet_hbond.range_2_auth_atom_id 
_pdbx_struct_sheet_hbond.range_2_auth_comp_id 
_pdbx_struct_sheet_hbond.range_2_auth_asym_id 
_pdbx_struct_sheet_hbond.range_2_auth_seq_id 
A 1 2 N SER A 20 ? N SER A 111 O LYS A 48 ? O LYS A 139 
B 1 2 O LEU B 32 ? O LEU B 123 N TYR B 19 ? N TYR B 110 
B 2 3 N THR B 18 ? N THR B 109 O HIS B 50 ? O HIS B 141 
# 
loop_
_struct_site.id 
_struct_site.pdbx_evidence_code 
_struct_site.pdbx_auth_asym_id 
_struct_site.pdbx_auth_comp_id 
_struct_site.pdbx_auth_seq_id 
_struct_site.pdbx_auth_ins_code 
_struct_site.pdbx_num_residues 
_struct_site.details 
AC1 Software A ZN 4 ? 4 'BINDING SITE FOR RESIDUE ZN A 4' 
AC2 Software A ZN 5 ? 4 'BINDING SITE FOR RESIDUE ZN A 5' 
AC3 Software A ZN 6 ? 4 'BINDING SITE FOR RESIDUE ZN A 6' 
AC4 Software B ZN 1 ? 4 'BINDING SITE FOR RESIDUE ZN B 1' 
AC5 Software B ZN 2 ? 4 'BINDING SITE FOR RESIDUE ZN B 2' 
AC6 Software B ZN 3 ? 4 'BINDING SITE FOR RESIDUE ZN B 3' 
# 
loop_
_struct_site_gen.id 
_struct_site_gen.site_id 
_struct_site_gen.pdbx_num_res 
_struct_site_gen.label_comp_id 
_struct_site_gen.label_asym_id 
_struct_site_gen.label_seq_id 
_struct_site_gen.pdbx_auth_ins_code 
_struct_site_gen.auth_comp_id 
_struct_site_gen.auth_asym_id 
_struct_site_gen.auth_seq_id 
_struct_site_gen.label_atom_id 
_struct_site_gen.label_alt_id 
_struct_site_gen.symmetry 
_struct_site_gen.details 
1  AC1 4 CYS A 8  ? CYS A 99  . ? 1_555 ? 
2  AC1 4 CYS A 33 ? CYS A 124 . ? 1_555 ? 
3  AC1 4 CYS A 36 ? CYS A 127 . ? 1_555 ? 
4  AC1 4 CYS A 58 ? CYS A 149 . ? 1_555 ? 
5  AC2 4 CYS A 36 ? CYS A 127 . ? 1_555 ? 
6  AC2 4 CYS A 60 ? CYS A 151 . ? 1_555 ? 
7  AC2 4 CYS A 72 ? CYS A 163 . ? 1_555 ? 
8  AC2 4 HIS A 75 ? HIS A 166 . ? 1_555 ? 
9  AC3 4 CYS A 21 ? CYS A 112 . ? 1_555 ? 
10 AC3 4 CYS A 24 ? CYS A 115 . ? 1_555 ? 
11 AC3 4 HIS A 42 ? HIS A 133 . ? 1_555 ? 
12 AC3 4 HIS A 45 ? HIS A 136 . ? 1_555 ? 
13 AC4 4 CYS B 8  ? CYS B 99  . ? 1_555 ? 
14 AC4 4 CYS B 33 ? CYS B 124 . ? 1_555 ? 
15 AC4 4 CYS B 36 ? CYS B 127 . ? 1_555 ? 
16 AC4 4 CYS B 58 ? CYS B 149 . ? 1_555 ? 
17 AC5 4 CYS B 36 ? CYS B 127 . ? 1_555 ? 
18 AC5 4 CYS B 60 ? CYS B 151 . ? 1_555 ? 
19 AC5 4 CYS B 72 ? CYS B 163 . ? 1_555 ? 
20 AC5 4 HIS B 75 ? HIS B 166 . ? 1_555 ? 
21 AC6 4 CYS B 21 ? CYS B 112 . ? 1_555 ? 
22 AC6 4 CYS B 24 ? CYS B 115 . ? 1_555 ? 
23 AC6 4 HIS B 42 ? HIS B 133 . ? 1_555 ? 
24 AC6 4 HIS B 45 ? HIS B 136 . ? 1_555 ? 
# 
_pdbx_validate_rmsd_angle.id                         1 
_pdbx_validate_rmsd_angle.PDB_model_num              1 
_pdbx_validate_rmsd_angle.auth_atom_id_1             CA 
_pdbx_validate_rmsd_angle.auth_asym_id_1             B 
_pdbx_validate_rmsd_angle.auth_comp_id_1             LEU 
_pdbx_validate_rmsd_angle.auth_seq_id_1              123 
_pdbx_validate_rmsd_angle.PDB_ins_code_1             ? 
_pdbx_validate_rmsd_angle.label_alt_id_1             ? 
_pdbx_validate_rmsd_angle.auth_atom_id_2             CB 
_pdbx_validate_rmsd_angle.auth_asym_id_2             B 
_pdbx_validate_rmsd_angle.auth_comp_id_2             LEU 
_pdbx_validate_rmsd_angle.auth_seq_id_2              123 
_pdbx_validate_rmsd_angle.PDB_ins_code_2             ? 
_pdbx_validate_rmsd_angle.label_alt_id_2             ? 
_pdbx_validate_rmsd_angle.auth_atom_id_3             CG 
_pdbx_validate_rmsd_angle.auth_asym_id_3             B 
_pdbx_validate_rmsd_angle.auth_comp_id_3             LEU 
_pdbx_validate_rmsd_angle.auth_seq_id_3              123 
_pdbx_validate_rmsd_angle.PDB_ins_code_3             ? 
_pdbx_validate_rmsd_angle.label_alt_id_3             ? 
_pdbx_validate_rmsd_angle.angle_value                129.37 
_pdbx_validate_rmsd_angle.angle_target_value         115.30 
_pdbx_validate_rmsd_angle.angle_deviation            14.07 
_pdbx_validate_rmsd_angle.angle_standard_deviation   2.30 
_pdbx_validate_rmsd_angle.linker_flag                N 
# 
_pdbx_validate_peptide_omega.id               1 
_pdbx_validate_peptide_omega.PDB_model_num    1 
_pdbx_validate_peptide_omega.auth_comp_id_1   HIS 
_pdbx_validate_peptide_omega.auth_asym_id_1   B 
_pdbx_validate_peptide_omega.auth_seq_id_1    166 
_pdbx_validate_peptide_omega.PDB_ins_code_1   ? 
_pdbx_validate_peptide_omega.label_alt_id_1   ? 
_pdbx_validate_peptide_omega.auth_comp_id_2   GLU 
_pdbx_validate_peptide_omega.auth_asym_id_2   B 
_pdbx_validate_peptide_omega.auth_seq_id_2    167 
_pdbx_validate_peptide_omega.PDB_ins_code_2   ? 
_pdbx_validate_peptide_omega.label_alt_id_2   ? 
_pdbx_validate_peptide_omega.omega            147.35 
# 
loop_
_pdbx_refine_tls.pdbx_refine_id 
_pdbx_refine_tls.id 
_pdbx_refine_tls.details 
_pdbx_refine_tls.method 
_pdbx_refine_tls.origin_x 
_pdbx_refine_tls.origin_y 
_pdbx_refine_tls.origin_z 
_pdbx_refine_tls.T[1][1] 
_pdbx_refine_tls.T[2][2] 
_pdbx_refine_tls.T[3][3] 
_pdbx_refine_tls.T[1][2] 
_pdbx_refine_tls.T[1][3] 
_pdbx_refine_tls.T[2][3] 
_pdbx_refine_tls.L[1][1] 
_pdbx_refine_tls.L[2][2] 
_pdbx_refine_tls.L[3][3] 
_pdbx_refine_tls.L[1][2] 
_pdbx_refine_tls.L[1][3] 
_pdbx_refine_tls.L[2][3] 
_pdbx_refine_tls.S[1][1] 
_pdbx_refine_tls.S[1][2] 
_pdbx_refine_tls.S[1][3] 
_pdbx_refine_tls.S[2][1] 
_pdbx_refine_tls.S[2][2] 
_pdbx_refine_tls.S[2][3] 
_pdbx_refine_tls.S[3][1] 
_pdbx_refine_tls.S[3][2] 
_pdbx_refine_tls.S[3][3] 
'X-RAY DIFFRACTION' 1 ? refined 3.5404  6.2325   -5.1938 0.3087 0.0742 0.0669 -0.0079 -0.0709 0.0001  0.9796 1.6314  1.2045  1.2347  1.0845  1.3836  -0.0981 0.1395  -0.0400 -0.2522 0.1466  -0.0088 -0.1242 0.1485  -0.0485 
'X-RAY DIFFRACTION' 2 ? refined 7.4757  13.7450  4.8630  0.1035 0.0354 0.0892 -0.0224 -0.0201 0.0243  2.9644 3.8013  6.1550  -0.5543 0.6340  1.4031  -0.0647 0.0098  0.2259  -0.4182 0.0903  0.0984  -0.0539 0.1253  -0.0256 
'X-RAY DIFFRACTION' 3 ? refined 14.0808 13.1446  0.0054  0.2798 0.1949 0.1024 0.2075  -0.0196 -0.0426 1.2190 22.3847 17.1539 3.3181  0.8918  17.0286 -0.0379 0.1098  -0.2933 -0.8038 0.2437  -0.7813 -0.3657 0.3006  -0.2057 
'X-RAY DIFFRACTION' 4 ? refined 1.4798  7.4088   6.1851  0.0963 0.0535 0.1321 -0.0359 -0.0314 0.0165  3.5263 5.3373  3.5849  -0.3698 -0.0148 1.5419  -0.0760 -0.0587 0.1514  -0.0168 0.0133  0.4164  0.1005  -0.1049 0.0627  
'X-RAY DIFFRACTION' 5 ? refined -8.4067 -7.3918  4.4982  0.2882 0.2316 0.0316 0.1936  0.0103  -0.0246 4.1064 9.3368  4.3057  2.0860  0.5028  6.1256  -0.0322 -0.4360 0.3422  0.2200  -0.1265 0.3176  0.0326  -0.1218 0.1587  
'X-RAY DIFFRACTION' 6 ? refined -3.3444 -12.2818 -3.9312 0.0978 0.0707 0.0827 0.0039  -0.0113 0.0034  3.0163 3.2743  2.3548  -0.6300 0.1302  0.8207  -0.0494 -0.1085 -0.1560 0.2212  0.0350  -0.1442 -0.0666 0.1477  0.0144  
'X-RAY DIFFRACTION' 7 ? refined 1.0292  -14.7793 -0.6575 0.1826 0.1586 0.2608 -0.0715 -0.1555 0.0921  5.6818 5.7810  8.3720  -5.5202 -5.8791 4.9124  -0.3283 -0.5199 0.4097  0.5293  0.4088  -0.6601 0.1460  0.5025  -0.0806 
'X-RAY DIFFRACTION' 8 ? refined -9.3625 -8.8692  -6.7467 0.0882 0.0621 0.1097 -0.0129 -0.0039 0.0026  1.9067 2.8858  2.9543  -0.1261 0.5205  0.6525  0.0237  0.0099  0.0680  -0.0913 -0.0648 0.2642  -0.1307 -0.0038 0.0411  
# 
loop_
_pdbx_refine_tls_group.pdbx_refine_id 
_pdbx_refine_tls_group.id 
_pdbx_refine_tls_group.refine_tls_id 
_pdbx_refine_tls_group.beg_auth_asym_id 
_pdbx_refine_tls_group.beg_auth_seq_id 
_pdbx_refine_tls_group.beg_label_asym_id 
_pdbx_refine_tls_group.beg_label_seq_id 
_pdbx_refine_tls_group.end_auth_asym_id 
_pdbx_refine_tls_group.end_auth_seq_id 
_pdbx_refine_tls_group.end_label_asym_id 
_pdbx_refine_tls_group.end_label_seq_id 
_pdbx_refine_tls_group.selection 
_pdbx_refine_tls_group.selection_details 
'X-RAY DIFFRACTION' 1 1 A 95  ? ? A 109 ? ? ? ? 
'X-RAY DIFFRACTION' 2 2 A 110 ? ? A 136 ? ? ? ? 
'X-RAY DIFFRACTION' 3 3 A 137 ? ? A 144 ? ? ? ? 
'X-RAY DIFFRACTION' 4 4 A 145 ? ? A 167 ? ? ? ? 
'X-RAY DIFFRACTION' 5 5 B 98  ? ? B 110 ? ? ? ? 
'X-RAY DIFFRACTION' 6 6 B 111 ? ? B 133 ? ? ? ? 
'X-RAY DIFFRACTION' 7 7 B 134 ? ? B 143 ? ? ? ? 
'X-RAY DIFFRACTION' 8 8 B 144 ? ? B 167 ? ? ? ? 
# 
loop_
_pdbx_unobs_or_zero_occ_residues.id 
_pdbx_unobs_or_zero_occ_residues.PDB_model_num 
_pdbx_unobs_or_zero_occ_residues.polymer_flag 
_pdbx_unobs_or_zero_occ_residues.occupancy_flag 
_pdbx_unobs_or_zero_occ_residues.auth_asym_id 
_pdbx_unobs_or_zero_occ_residues.auth_comp_id 
_pdbx_unobs_or_zero_occ_residues.auth_seq_id 
_pdbx_unobs_or_zero_occ_residues.PDB_ins_code 
_pdbx_unobs_or_zero_occ_residues.label_asym_id 
_pdbx_unobs_or_zero_occ_residues.label_comp_id 
_pdbx_unobs_or_zero_occ_residues.label_seq_id 
1  1 Y 1 A GLY 92  ? A GLY 1  
2  1 Y 1 A PRO 93  ? A PRO 2  
3  1 Y 1 A LEU 94  ? A LEU 3  
4  1 Y 1 A PRO 168 ? A PRO 77 
5  1 Y 1 B GLY 92  ? B GLY 1  
6  1 Y 1 B PRO 93  ? B PRO 2  
7  1 Y 1 B LEU 94  ? B LEU 3  
8  1 Y 1 B GLY 95  ? B GLY 4  
9  1 Y 1 B SER 96  ? B SER 5  
10 1 Y 1 B GLN 97  ? B GLN 6  
11 1 Y 1 B PRO 168 ? B PRO 77 
# 
loop_
_chem_comp_atom.comp_id 
_chem_comp_atom.atom_id 
_chem_comp_atom.type_symbol 
_chem_comp_atom.pdbx_aromatic_flag 
_chem_comp_atom.pdbx_stereo_config 
_chem_comp_atom.pdbx_ordinal 
ALA N    N  N N 1   
ALA CA   C  N S 2   
ALA C    C  N N 3   
ALA O    O  N N 4   
ALA CB   C  N N 5   
ALA OXT  O  N N 6   
ALA H    H  N N 7   
ALA H2   H  N N 8   
ALA HA   H  N N 9   
ALA HB1  H  N N 10  
ALA HB2  H  N N 11  
ALA HB3  H  N N 12  
ALA HXT  H  N N 13  
ARG N    N  N N 14  
ARG CA   C  N S 15  
ARG C    C  N N 16  
ARG O    O  N N 17  
ARG CB   C  N N 18  
ARG CG   C  N N 19  
ARG CD   C  N N 20  
ARG NE   N  N N 21  
ARG CZ   C  N N 22  
ARG NH1  N  N N 23  
ARG NH2  N  N N 24  
ARG OXT  O  N N 25  
ARG H    H  N N 26  
ARG H2   H  N N 27  
ARG HA   H  N N 28  
ARG HB2  H  N N 29  
ARG HB3  H  N N 30  
ARG HG2  H  N N 31  
ARG HG3  H  N N 32  
ARG HD2  H  N N 33  
ARG HD3  H  N N 34  
ARG HE   H  N N 35  
ARG HH11 H  N N 36  
ARG HH12 H  N N 37  
ARG HH21 H  N N 38  
ARG HH22 H  N N 39  
ARG HXT  H  N N 40  
ASN N    N  N N 41  
ASN CA   C  N S 42  
ASN C    C  N N 43  
ASN O    O  N N 44  
ASN CB   C  N N 45  
ASN CG   C  N N 46  
ASN OD1  O  N N 47  
ASN ND2  N  N N 48  
ASN OXT  O  N N 49  
ASN H    H  N N 50  
ASN H2   H  N N 51  
ASN HA   H  N N 52  
ASN HB2  H  N N 53  
ASN HB3  H  N N 54  
ASN HD21 H  N N 55  
ASN HD22 H  N N 56  
ASN HXT  H  N N 57  
ASP N    N  N N 58  
ASP CA   C  N S 59  
ASP C    C  N N 60  
ASP O    O  N N 61  
ASP CB   C  N N 62  
ASP CG   C  N N 63  
ASP OD1  O  N N 64  
ASP OD2  O  N N 65  
ASP OXT  O  N N 66  
ASP H    H  N N 67  
ASP H2   H  N N 68  
ASP HA   H  N N 69  
ASP HB2  H  N N 70  
ASP HB3  H  N N 71  
ASP HD2  H  N N 72  
ASP HXT  H  N N 73  
CYS N    N  N N 74  
CYS CA   C  N R 75  
CYS C    C  N N 76  
CYS O    O  N N 77  
CYS CB   C  N N 78  
CYS SG   S  N N 79  
CYS OXT  O  N N 80  
CYS H    H  N N 81  
CYS H2   H  N N 82  
CYS HA   H  N N 83  
CYS HB2  H  N N 84  
CYS HB3  H  N N 85  
CYS HG   H  N N 86  
CYS HXT  H  N N 87  
GLN N    N  N N 88  
GLN CA   C  N S 89  
GLN C    C  N N 90  
GLN O    O  N N 91  
GLN CB   C  N N 92  
GLN CG   C  N N 93  
GLN CD   C  N N 94  
GLN OE1  O  N N 95  
GLN NE2  N  N N 96  
GLN OXT  O  N N 97  
GLN H    H  N N 98  
GLN H2   H  N N 99  
GLN HA   H  N N 100 
GLN HB2  H  N N 101 
GLN HB3  H  N N 102 
GLN HG2  H  N N 103 
GLN HG3  H  N N 104 
GLN HE21 H  N N 105 
GLN HE22 H  N N 106 
GLN HXT  H  N N 107 
GLU N    N  N N 108 
GLU CA   C  N S 109 
GLU C    C  N N 110 
GLU O    O  N N 111 
GLU CB   C  N N 112 
GLU CG   C  N N 113 
GLU CD   C  N N 114 
GLU OE1  O  N N 115 
GLU OE2  O  N N 116 
GLU OXT  O  N N 117 
GLU H    H  N N 118 
GLU H2   H  N N 119 
GLU HA   H  N N 120 
GLU HB2  H  N N 121 
GLU HB3  H  N N 122 
GLU HG2  H  N N 123 
GLU HG3  H  N N 124 
GLU HE2  H  N N 125 
GLU HXT  H  N N 126 
GLY N    N  N N 127 
GLY CA   C  N N 128 
GLY C    C  N N 129 
GLY O    O  N N 130 
GLY OXT  O  N N 131 
GLY H    H  N N 132 
GLY H2   H  N N 133 
GLY HA2  H  N N 134 
GLY HA3  H  N N 135 
GLY HXT  H  N N 136 
HIS N    N  N N 137 
HIS CA   C  N S 138 
HIS C    C  N N 139 
HIS O    O  N N 140 
HIS CB   C  N N 141 
HIS CG   C  Y N 142 
HIS ND1  N  Y N 143 
HIS CD2  C  Y N 144 
HIS CE1  C  Y N 145 
HIS NE2  N  Y N 146 
HIS OXT  O  N N 147 
HIS H    H  N N 148 
HIS H2   H  N N 149 
HIS HA   H  N N 150 
HIS HB2  H  N N 151 
HIS HB3  H  N N 152 
HIS HD1  H  N N 153 
HIS HD2  H  N N 154 
HIS HE1  H  N N 155 
HIS HE2  H  N N 156 
HIS HXT  H  N N 157 
HOH O    O  N N 158 
HOH H1   H  N N 159 
HOH H2   H  N N 160 
ILE N    N  N N 161 
ILE CA   C  N S 162 
ILE C    C  N N 163 
ILE O    O  N N 164 
ILE CB   C  N S 165 
ILE CG1  C  N N 166 
ILE CG2  C  N N 167 
ILE CD1  C  N N 168 
ILE OXT  O  N N 169 
ILE H    H  N N 170 
ILE H2   H  N N 171 
ILE HA   H  N N 172 
ILE HB   H  N N 173 
ILE HG12 H  N N 174 
ILE HG13 H  N N 175 
ILE HG21 H  N N 176 
ILE HG22 H  N N 177 
ILE HG23 H  N N 178 
ILE HD11 H  N N 179 
ILE HD12 H  N N 180 
ILE HD13 H  N N 181 
ILE HXT  H  N N 182 
LEU N    N  N N 183 
LEU CA   C  N S 184 
LEU C    C  N N 185 
LEU O    O  N N 186 
LEU CB   C  N N 187 
LEU CG   C  N N 188 
LEU CD1  C  N N 189 
LEU CD2  C  N N 190 
LEU OXT  O  N N 191 
LEU H    H  N N 192 
LEU H2   H  N N 193 
LEU HA   H  N N 194 
LEU HB2  H  N N 195 
LEU HB3  H  N N 196 
LEU HG   H  N N 197 
LEU HD11 H  N N 198 
LEU HD12 H  N N 199 
LEU HD13 H  N N 200 
LEU HD21 H  N N 201 
LEU HD22 H  N N 202 
LEU HD23 H  N N 203 
LEU HXT  H  N N 204 
LYS N    N  N N 205 
LYS CA   C  N S 206 
LYS C    C  N N 207 
LYS O    O  N N 208 
LYS CB   C  N N 209 
LYS CG   C  N N 210 
LYS CD   C  N N 211 
LYS CE   C  N N 212 
LYS NZ   N  N N 213 
LYS OXT  O  N N 214 
LYS H    H  N N 215 
LYS H2   H  N N 216 
LYS HA   H  N N 217 
LYS HB2  H  N N 218 
LYS HB3  H  N N 219 
LYS HG2  H  N N 220 
LYS HG3  H  N N 221 
LYS HD2  H  N N 222 
LYS HD3  H  N N 223 
LYS HE2  H  N N 224 
LYS HE3  H  N N 225 
LYS HZ1  H  N N 226 
LYS HZ2  H  N N 227 
LYS HZ3  H  N N 228 
LYS HXT  H  N N 229 
MET N    N  N N 230 
MET CA   C  N S 231 
MET C    C  N N 232 
MET O    O  N N 233 
MET CB   C  N N 234 
MET CG   C  N N 235 
MET SD   S  N N 236 
MET CE   C  N N 237 
MET OXT  O  N N 238 
MET H    H  N N 239 
MET H2   H  N N 240 
MET HA   H  N N 241 
MET HB2  H  N N 242 
MET HB3  H  N N 243 
MET HG2  H  N N 244 
MET HG3  H  N N 245 
MET HE1  H  N N 246 
MET HE2  H  N N 247 
MET HE3  H  N N 248 
MET HXT  H  N N 249 
PHE N    N  N N 250 
PHE CA   C  N S 251 
PHE C    C  N N 252 
PHE O    O  N N 253 
PHE CB   C  N N 254 
PHE CG   C  Y N 255 
PHE CD1  C  Y N 256 
PHE CD2  C  Y N 257 
PHE CE1  C  Y N 258 
PHE CE2  C  Y N 259 
PHE CZ   C  Y N 260 
PHE OXT  O  N N 261 
PHE H    H  N N 262 
PHE H2   H  N N 263 
PHE HA   H  N N 264 
PHE HB2  H  N N 265 
PHE HB3  H  N N 266 
PHE HD1  H  N N 267 
PHE HD2  H  N N 268 
PHE HE1  H  N N 269 
PHE HE2  H  N N 270 
PHE HZ   H  N N 271 
PHE HXT  H  N N 272 
PRO N    N  N N 273 
PRO CA   C  N S 274 
PRO C    C  N N 275 
PRO O    O  N N 276 
PRO CB   C  N N 277 
PRO CG   C  N N 278 
PRO CD   C  N N 279 
PRO OXT  O  N N 280 
PRO H    H  N N 281 
PRO HA   H  N N 282 
PRO HB2  H  N N 283 
PRO HB3  H  N N 284 
PRO HG2  H  N N 285 
PRO HG3  H  N N 286 
PRO HD2  H  N N 287 
PRO HD3  H  N N 288 
PRO HXT  H  N N 289 
SER N    N  N N 290 
SER CA   C  N S 291 
SER C    C  N N 292 
SER O    O  N N 293 
SER CB   C  N N 294 
SER OG   O  N N 295 
SER OXT  O  N N 296 
SER H    H  N N 297 
SER H2   H  N N 298 
SER HA   H  N N 299 
SER HB2  H  N N 300 
SER HB3  H  N N 301 
SER HG   H  N N 302 
SER HXT  H  N N 303 
THR N    N  N N 304 
THR CA   C  N S 305 
THR C    C  N N 306 
THR O    O  N N 307 
THR CB   C  N R 308 
THR OG1  O  N N 309 
THR CG2  C  N N 310 
THR OXT  O  N N 311 
THR H    H  N N 312 
THR H2   H  N N 313 
THR HA   H  N N 314 
THR HB   H  N N 315 
THR HG1  H  N N 316 
THR HG21 H  N N 317 
THR HG22 H  N N 318 
THR HG23 H  N N 319 
THR HXT  H  N N 320 
TRP N    N  N N 321 
TRP CA   C  N S 322 
TRP C    C  N N 323 
TRP O    O  N N 324 
TRP CB   C  N N 325 
TRP CG   C  Y N 326 
TRP CD1  C  Y N 327 
TRP CD2  C  Y N 328 
TRP NE1  N  Y N 329 
TRP CE2  C  Y N 330 
TRP CE3  C  Y N 331 
TRP CZ2  C  Y N 332 
TRP CZ3  C  Y N 333 
TRP CH2  C  Y N 334 
TRP OXT  O  N N 335 
TRP H    H  N N 336 
TRP H2   H  N N 337 
TRP HA   H  N N 338 
TRP HB2  H  N N 339 
TRP HB3  H  N N 340 
TRP HD1  H  N N 341 
TRP HE1  H  N N 342 
TRP HE3  H  N N 343 
TRP HZ2  H  N N 344 
TRP HZ3  H  N N 345 
TRP HH2  H  N N 346 
TRP HXT  H  N N 347 
TYR N    N  N N 348 
TYR CA   C  N S 349 
TYR C    C  N N 350 
TYR O    O  N N 351 
TYR CB   C  N N 352 
TYR CG   C  Y N 353 
TYR CD1  C  Y N 354 
TYR CD2  C  Y N 355 
TYR CE1  C  Y N 356 
TYR CE2  C  Y N 357 
TYR CZ   C  Y N 358 
TYR OH   O  N N 359 
TYR OXT  O  N N 360 
TYR H    H  N N 361 
TYR H2   H  N N 362 
TYR HA   H  N N 363 
TYR HB2  H  N N 364 
TYR HB3  H  N N 365 
TYR HD1  H  N N 366 
TYR HD2  H  N N 367 
TYR HE1  H  N N 368 
TYR HE2  H  N N 369 
TYR HH   H  N N 370 
TYR HXT  H  N N 371 
VAL N    N  N N 372 
VAL CA   C  N S 373 
VAL C    C  N N 374 
VAL O    O  N N 375 
VAL CB   C  N N 376 
VAL CG1  C  N N 377 
VAL CG2  C  N N 378 
VAL OXT  O  N N 379 
VAL H    H  N N 380 
VAL H2   H  N N 381 
VAL HA   H  N N 382 
VAL HB   H  N N 383 
VAL HG11 H  N N 384 
VAL HG12 H  N N 385 
VAL HG13 H  N N 386 
VAL HG21 H  N N 387 
VAL HG22 H  N N 388 
VAL HG23 H  N N 389 
VAL HXT  H  N N 390 
ZN  ZN   ZN N N 391 
# 
loop_
_chem_comp_bond.comp_id 
_chem_comp_bond.atom_id_1 
_chem_comp_bond.atom_id_2 
_chem_comp_bond.value_order 
_chem_comp_bond.pdbx_aromatic_flag 
_chem_comp_bond.pdbx_stereo_config 
_chem_comp_bond.pdbx_ordinal 
ALA N   CA   sing N N 1   
ALA N   H    sing N N 2   
ALA N   H2   sing N N 3   
ALA CA  C    sing N N 4   
ALA CA  CB   sing N N 5   
ALA CA  HA   sing N N 6   
ALA C   O    doub N N 7   
ALA C   OXT  sing N N 8   
ALA CB  HB1  sing N N 9   
ALA CB  HB2  sing N N 10  
ALA CB  HB3  sing N N 11  
ALA OXT HXT  sing N N 12  
ARG N   CA   sing N N 13  
ARG N   H    sing N N 14  
ARG N   H2   sing N N 15  
ARG CA  C    sing N N 16  
ARG CA  CB   sing N N 17  
ARG CA  HA   sing N N 18  
ARG C   O    doub N N 19  
ARG C   OXT  sing N N 20  
ARG CB  CG   sing N N 21  
ARG CB  HB2  sing N N 22  
ARG CB  HB3  sing N N 23  
ARG CG  CD   sing N N 24  
ARG CG  HG2  sing N N 25  
ARG CG  HG3  sing N N 26  
ARG CD  NE   sing N N 27  
ARG CD  HD2  sing N N 28  
ARG CD  HD3  sing N N 29  
ARG NE  CZ   sing N N 30  
ARG NE  HE   sing N N 31  
ARG CZ  NH1  sing N N 32  
ARG CZ  NH2  doub N N 33  
ARG NH1 HH11 sing N N 34  
ARG NH1 HH12 sing N N 35  
ARG NH2 HH21 sing N N 36  
ARG NH2 HH22 sing N N 37  
ARG OXT HXT  sing N N 38  
ASN N   CA   sing N N 39  
ASN N   H    sing N N 40  
ASN N   H2   sing N N 41  
ASN CA  C    sing N N 42  
ASN CA  CB   sing N N 43  
ASN CA  HA   sing N N 44  
ASN C   O    doub N N 45  
ASN C   OXT  sing N N 46  
ASN CB  CG   sing N N 47  
ASN CB  HB2  sing N N 48  
ASN CB  HB3  sing N N 49  
ASN CG  OD1  doub N N 50  
ASN CG  ND2  sing N N 51  
ASN ND2 HD21 sing N N 52  
ASN ND2 HD22 sing N N 53  
ASN OXT HXT  sing N N 54  
ASP N   CA   sing N N 55  
ASP N   H    sing N N 56  
ASP N   H2   sing N N 57  
ASP CA  C    sing N N 58  
ASP CA  CB   sing N N 59  
ASP CA  HA   sing N N 60  
ASP C   O    doub N N 61  
ASP C   OXT  sing N N 62  
ASP CB  CG   sing N N 63  
ASP CB  HB2  sing N N 64  
ASP CB  HB3  sing N N 65  
ASP CG  OD1  doub N N 66  
ASP CG  OD2  sing N N 67  
ASP OD2 HD2  sing N N 68  
ASP OXT HXT  sing N N 69  
CYS N   CA   sing N N 70  
CYS N   H    sing N N 71  
CYS N   H2   sing N N 72  
CYS CA  C    sing N N 73  
CYS CA  CB   sing N N 74  
CYS CA  HA   sing N N 75  
CYS C   O    doub N N 76  
CYS C   OXT  sing N N 77  
CYS CB  SG   sing N N 78  
CYS CB  HB2  sing N N 79  
CYS CB  HB3  sing N N 80  
CYS SG  HG   sing N N 81  
CYS OXT HXT  sing N N 82  
GLN N   CA   sing N N 83  
GLN N   H    sing N N 84  
GLN N   H2   sing N N 85  
GLN CA  C    sing N N 86  
GLN CA  CB   sing N N 87  
GLN CA  HA   sing N N 88  
GLN C   O    doub N N 89  
GLN C   OXT  sing N N 90  
GLN CB  CG   sing N N 91  
GLN CB  HB2  sing N N 92  
GLN CB  HB3  sing N N 93  
GLN CG  CD   sing N N 94  
GLN CG  HG2  sing N N 95  
GLN CG  HG3  sing N N 96  
GLN CD  OE1  doub N N 97  
GLN CD  NE2  sing N N 98  
GLN NE2 HE21 sing N N 99  
GLN NE2 HE22 sing N N 100 
GLN OXT HXT  sing N N 101 
GLU N   CA   sing N N 102 
GLU N   H    sing N N 103 
GLU N   H2   sing N N 104 
GLU CA  C    sing N N 105 
GLU CA  CB   sing N N 106 
GLU CA  HA   sing N N 107 
GLU C   O    doub N N 108 
GLU C   OXT  sing N N 109 
GLU CB  CG   sing N N 110 
GLU CB  HB2  sing N N 111 
GLU CB  HB3  sing N N 112 
GLU CG  CD   sing N N 113 
GLU CG  HG2  sing N N 114 
GLU CG  HG3  sing N N 115 
GLU CD  OE1  doub N N 116 
GLU CD  OE2  sing N N 117 
GLU OE2 HE2  sing N N 118 
GLU OXT HXT  sing N N 119 
GLY N   CA   sing N N 120 
GLY N   H    sing N N 121 
GLY N   H2   sing N N 122 
GLY CA  C    sing N N 123 
GLY CA  HA2  sing N N 124 
GLY CA  HA3  sing N N 125 
GLY C   O    doub N N 126 
GLY C   OXT  sing N N 127 
GLY OXT HXT  sing N N 128 
HIS N   CA   sing N N 129 
HIS N   H    sing N N 130 
HIS N   H2   sing N N 131 
HIS CA  C    sing N N 132 
HIS CA  CB   sing N N 133 
HIS CA  HA   sing N N 134 
HIS C   O    doub N N 135 
HIS C   OXT  sing N N 136 
HIS CB  CG   sing N N 137 
HIS CB  HB2  sing N N 138 
HIS CB  HB3  sing N N 139 
HIS CG  ND1  sing Y N 140 
HIS CG  CD2  doub Y N 141 
HIS ND1 CE1  doub Y N 142 
HIS ND1 HD1  sing N N 143 
HIS CD2 NE2  sing Y N 144 
HIS CD2 HD2  sing N N 145 
HIS CE1 NE2  sing Y N 146 
HIS CE1 HE1  sing N N 147 
HIS NE2 HE2  sing N N 148 
HIS OXT HXT  sing N N 149 
HOH O   H1   sing N N 150 
HOH O   H2   sing N N 151 
ILE N   CA   sing N N 152 
ILE N   H    sing N N 153 
ILE N   H2   sing N N 154 
ILE CA  C    sing N N 155 
ILE CA  CB   sing N N 156 
ILE CA  HA   sing N N 157 
ILE C   O    doub N N 158 
ILE C   OXT  sing N N 159 
ILE CB  CG1  sing N N 160 
ILE CB  CG2  sing N N 161 
ILE CB  HB   sing N N 162 
ILE CG1 CD1  sing N N 163 
ILE CG1 HG12 sing N N 164 
ILE CG1 HG13 sing N N 165 
ILE CG2 HG21 sing N N 166 
ILE CG2 HG22 sing N N 167 
ILE CG2 HG23 sing N N 168 
ILE CD1 HD11 sing N N 169 
ILE CD1 HD12 sing N N 170 
ILE CD1 HD13 sing N N 171 
ILE OXT HXT  sing N N 172 
LEU N   CA   sing N N 173 
LEU N   H    sing N N 174 
LEU N   H2   sing N N 175 
LEU CA  C    sing N N 176 
LEU CA  CB   sing N N 177 
LEU CA  HA   sing N N 178 
LEU C   O    doub N N 179 
LEU C   OXT  sing N N 180 
LEU CB  CG   sing N N 181 
LEU CB  HB2  sing N N 182 
LEU CB  HB3  sing N N 183 
LEU CG  CD1  sing N N 184 
LEU CG  CD2  sing N N 185 
LEU CG  HG   sing N N 186 
LEU CD1 HD11 sing N N 187 
LEU CD1 HD12 sing N N 188 
LEU CD1 HD13 sing N N 189 
LEU CD2 HD21 sing N N 190 
LEU CD2 HD22 sing N N 191 
LEU CD2 HD23 sing N N 192 
LEU OXT HXT  sing N N 193 
LYS N   CA   sing N N 194 
LYS N   H    sing N N 195 
LYS N   H2   sing N N 196 
LYS CA  C    sing N N 197 
LYS CA  CB   sing N N 198 
LYS CA  HA   sing N N 199 
LYS C   O    doub N N 200 
LYS C   OXT  sing N N 201 
LYS CB  CG   sing N N 202 
LYS CB  HB2  sing N N 203 
LYS CB  HB3  sing N N 204 
LYS CG  CD   sing N N 205 
LYS CG  HG2  sing N N 206 
LYS CG  HG3  sing N N 207 
LYS CD  CE   sing N N 208 
LYS CD  HD2  sing N N 209 
LYS CD  HD3  sing N N 210 
LYS CE  NZ   sing N N 211 
LYS CE  HE2  sing N N 212 
LYS CE  HE3  sing N N 213 
LYS NZ  HZ1  sing N N 214 
LYS NZ  HZ2  sing N N 215 
LYS NZ  HZ3  sing N N 216 
LYS OXT HXT  sing N N 217 
MET N   CA   sing N N 218 
MET N   H    sing N N 219 
MET N   H2   sing N N 220 
MET CA  C    sing N N 221 
MET CA  CB   sing N N 222 
MET CA  HA   sing N N 223 
MET C   O    doub N N 224 
MET C   OXT  sing N N 225 
MET CB  CG   sing N N 226 
MET CB  HB2  sing N N 227 
MET CB  HB3  sing N N 228 
MET CG  SD   sing N N 229 
MET CG  HG2  sing N N 230 
MET CG  HG3  sing N N 231 
MET SD  CE   sing N N 232 
MET CE  HE1  sing N N 233 
MET CE  HE2  sing N N 234 
MET CE  HE3  sing N N 235 
MET OXT HXT  sing N N 236 
PHE N   CA   sing N N 237 
PHE N   H    sing N N 238 
PHE N   H2   sing N N 239 
PHE CA  C    sing N N 240 
PHE CA  CB   sing N N 241 
PHE CA  HA   sing N N 242 
PHE C   O    doub N N 243 
PHE C   OXT  sing N N 244 
PHE CB  CG   sing N N 245 
PHE CB  HB2  sing N N 246 
PHE CB  HB3  sing N N 247 
PHE CG  CD1  doub Y N 248 
PHE CG  CD2  sing Y N 249 
PHE CD1 CE1  sing Y N 250 
PHE CD1 HD1  sing N N 251 
PHE CD2 CE2  doub Y N 252 
PHE CD2 HD2  sing N N 253 
PHE CE1 CZ   doub Y N 254 
PHE CE1 HE1  sing N N 255 
PHE CE2 CZ   sing Y N 256 
PHE CE2 HE2  sing N N 257 
PHE CZ  HZ   sing N N 258 
PHE OXT HXT  sing N N 259 
PRO N   CA   sing N N 260 
PRO N   CD   sing N N 261 
PRO N   H    sing N N 262 
PRO CA  C    sing N N 263 
PRO CA  CB   sing N N 264 
PRO CA  HA   sing N N 265 
PRO C   O    doub N N 266 
PRO C   OXT  sing N N 267 
PRO CB  CG   sing N N 268 
PRO CB  HB2  sing N N 269 
PRO CB  HB3  sing N N 270 
PRO CG  CD   sing N N 271 
PRO CG  HG2  sing N N 272 
PRO CG  HG3  sing N N 273 
PRO CD  HD2  sing N N 274 
PRO CD  HD3  sing N N 275 
PRO OXT HXT  sing N N 276 
SER N   CA   sing N N 277 
SER N   H    sing N N 278 
SER N   H2   sing N N 279 
SER CA  C    sing N N 280 
SER CA  CB   sing N N 281 
SER CA  HA   sing N N 282 
SER C   O    doub N N 283 
SER C   OXT  sing N N 284 
SER CB  OG   sing N N 285 
SER CB  HB2  sing N N 286 
SER CB  HB3  sing N N 287 
SER OG  HG   sing N N 288 
SER OXT HXT  sing N N 289 
THR N   CA   sing N N 290 
THR N   H    sing N N 291 
THR N   H2   sing N N 292 
THR CA  C    sing N N 293 
THR CA  CB   sing N N 294 
THR CA  HA   sing N N 295 
THR C   O    doub N N 296 
THR C   OXT  sing N N 297 
THR CB  OG1  sing N N 298 
THR CB  CG2  sing N N 299 
THR CB  HB   sing N N 300 
THR OG1 HG1  sing N N 301 
THR CG2 HG21 sing N N 302 
THR CG2 HG22 sing N N 303 
THR CG2 HG23 sing N N 304 
THR OXT HXT  sing N N 305 
TRP N   CA   sing N N 306 
TRP N   H    sing N N 307 
TRP N   H2   sing N N 308 
TRP CA  C    sing N N 309 
TRP CA  CB   sing N N 310 
TRP CA  HA   sing N N 311 
TRP C   O    doub N N 312 
TRP C   OXT  sing N N 313 
TRP CB  CG   sing N N 314 
TRP CB  HB2  sing N N 315 
TRP CB  HB3  sing N N 316 
TRP CG  CD1  doub Y N 317 
TRP CG  CD2  sing Y N 318 
TRP CD1 NE1  sing Y N 319 
TRP CD1 HD1  sing N N 320 
TRP CD2 CE2  doub Y N 321 
TRP CD2 CE3  sing Y N 322 
TRP NE1 CE2  sing Y N 323 
TRP NE1 HE1  sing N N 324 
TRP CE2 CZ2  sing Y N 325 
TRP CE3 CZ3  doub Y N 326 
TRP CE3 HE3  sing N N 327 
TRP CZ2 CH2  doub Y N 328 
TRP CZ2 HZ2  sing N N 329 
TRP CZ3 CH2  sing Y N 330 
TRP CZ3 HZ3  sing N N 331 
TRP CH2 HH2  sing N N 332 
TRP OXT HXT  sing N N 333 
TYR N   CA   sing N N 334 
TYR N   H    sing N N 335 
TYR N   H2   sing N N 336 
TYR CA  C    sing N N 337 
TYR CA  CB   sing N N 338 
TYR CA  HA   sing N N 339 
TYR C   O    doub N N 340 
TYR C   OXT  sing N N 341 
TYR CB  CG   sing N N 342 
TYR CB  HB2  sing N N 343 
TYR CB  HB3  sing N N 344 
TYR CG  CD1  doub Y N 345 
TYR CG  CD2  sing Y N 346 
TYR CD1 CE1  sing Y N 347 
TYR CD1 HD1  sing N N 348 
TYR CD2 CE2  doub Y N 349 
TYR CD2 HD2  sing N N 350 
TYR CE1 CZ   doub Y N 351 
TYR CE1 HE1  sing N N 352 
TYR CE2 CZ   sing Y N 353 
TYR CE2 HE2  sing N N 354 
TYR CZ  OH   sing N N 355 
TYR OH  HH   sing N N 356 
TYR OXT HXT  sing N N 357 
VAL N   CA   sing N N 358 
VAL N   H    sing N N 359 
VAL N   H2   sing N N 360 
VAL CA  C    sing N N 361 
VAL CA  CB   sing N N 362 
VAL CA  HA   sing N N 363 
VAL C   O    doub N N 364 
VAL C   OXT  sing N N 365 
VAL CB  CG1  sing N N 366 
VAL CB  CG2  sing N N 367 
VAL CB  HB   sing N N 368 
VAL CG1 HG11 sing N N 369 
VAL CG1 HG12 sing N N 370 
VAL CG1 HG13 sing N N 371 
VAL CG2 HG21 sing N N 372 
VAL CG2 HG22 sing N N 373 
VAL CG2 HG23 sing N N 374 
VAL OXT HXT  sing N N 375 
# 
_atom_sites.entry_id                    3NY1 
_atom_sites.fract_transf_matrix[1][1]   -0.03276190 
_atom_sites.fract_transf_matrix[1][2]   -0.00815416 
_atom_sites.fract_transf_matrix[1][3]   -0.00572182 
_atom_sites.fract_transf_matrix[2][1]   0.00025271 
_atom_sites.fract_transf_matrix[2][2]   0.01096927 
_atom_sites.fract_transf_matrix[2][3]   -0.01707926 
_atom_sites.fract_transf_matrix[3][1]   0.00258003 
_atom_sites.fract_transf_matrix[3][2]   -0.01942031 
_atom_sites.fract_transf_matrix[3][3]   -0.01243465 
_atom_sites.fract_transf_vector[1]      -0.171463 
_atom_sites.fract_transf_vector[2]      0.090080 
_atom_sites.fract_transf_vector[3]      0.240820 
# 
loop_
_atom_type.symbol 
C  
N  
O  
S  
ZN 
# 
loop_
_atom_site.group_PDB 
_atom_site.id 
_atom_site.type_symbol 
_atom_site.label_atom_id 
_atom_site.label_alt_id 
_atom_site.label_comp_id 
_atom_site.label_asym_id 
_atom_site.label_entity_id 
_atom_site.label_seq_id 
_atom_site.pdbx_PDB_ins_code 
_atom_site.Cartn_x 
_atom_site.Cartn_y 
_atom_site.Cartn_z 
_atom_site.occupancy 
_atom_site.B_iso_or_equiv 
_atom_site.pdbx_formal_charge 
_atom_site.auth_seq_id 
_atom_site.auth_comp_id 
_atom_site.auth_asym_id 
_atom_site.auth_atom_id 
_atom_site.pdbx_PDB_model_num 
ATOM   1    N  N   . GLY A 1 4  ? -6.600  -1.873  -2.480  1.00 12.93 ? 95  GLY A N   1 
ATOM   2    C  CA  . GLY A 1 4  ? -5.147  -2.109  -2.293  1.00 13.78 ? 95  GLY A CA  1 
ATOM   3    C  C   . GLY A 1 4  ? -4.730  -1.995  -0.848  1.00 14.64 ? 95  GLY A C   1 
ATOM   4    O  O   . GLY A 1 4  ? -5.526  -1.593  0.004   1.00 14.90 ? 95  GLY A O   1 
ATOM   5    N  N   . SER A 1 5  ? -3.471  -2.325  -0.571  1.00 14.77 ? 96  SER A N   1 
ATOM   6    C  CA  . SER A 1 5  ? -2.953  -2.301  0.800   1.00 15.36 ? 96  SER A CA  1 
ATOM   7    C  C   . SER A 1 5  ? -2.783  -0.907  1.411   1.00 16.07 ? 96  SER A C   1 
ATOM   8    O  O   . SER A 1 5  ? -2.825  -0.761  2.642   1.00 15.97 ? 96  SER A O   1 
ATOM   9    C  CB  . SER A 1 5  ? -1.613  -3.043  0.873   1.00 15.71 ? 96  SER A CB  1 
ATOM   10   O  OG  . SER A 1 5  ? -0.647  -2.436  0.027   1.00 15.02 ? 96  SER A OG  1 
ATOM   11   N  N   . GLN A 1 6  ? -2.597  0.110   0.565   1.00 16.81 ? 97  GLN A N   1 
ATOM   12   C  CA  . GLN A 1 6  ? -2.184  1.450   1.024   1.00 17.53 ? 97  GLN A CA  1 
ATOM   13   C  C   . GLN A 1 6  ? -3.329  2.459   1.083   1.00 17.73 ? 97  GLN A C   1 
ATOM   14   O  O   . GLN A 1 6  ? -4.112  2.517   0.148   1.00 18.10 ? 97  GLN A O   1 
ATOM   15   C  CB  . GLN A 1 6  ? -1.116  2.031   0.072   1.00 17.70 ? 97  GLN A CB  1 
ATOM   16   C  CG  . GLN A 1 6  ? 0.125   1.180   -0.144  1.00 17.00 ? 97  GLN A CG  1 
ATOM   17   C  CD  . GLN A 1 6  ? 0.812   0.811   1.151   1.00 17.71 ? 97  GLN A CD  1 
ATOM   18   O  OE1 . GLN A 1 6  ? 0.801   -0.351  1.552   1.00 16.35 ? 97  GLN A OE1 1 
ATOM   19   N  NE2 . GLN A 1 6  ? 1.415   1.809   1.828   1.00 16.98 ? 97  GLN A NE2 1 
ATOM   20   N  N   . LEU A 1 7  ? -3.389  3.281   2.141   1.00 18.27 ? 98  LEU A N   1 
ATOM   21   C  CA  . LEU A 1 7  ? -4.402  4.352   2.242   1.00 18.95 ? 98  LEU A CA  1 
ATOM   22   C  C   . LEU A 1 7  ? -4.347  5.305   1.073   1.00 19.19 ? 98  LEU A C   1 
ATOM   23   O  O   . LEU A 1 7  ? -5.381  5.659   0.522   1.00 19.42 ? 98  LEU A O   1 
ATOM   24   C  CB  . LEU A 1 7  ? -4.280  5.165   3.532   1.00 18.32 ? 98  LEU A CB  1 
ATOM   25   C  CG  . LEU A 1 7  ? -4.988  4.614   4.775   1.00 19.91 ? 98  LEU A CG  1 
ATOM   26   C  CD1 . LEU A 1 7  ? -4.869  5.600   5.912   1.00 20.38 ? 98  LEU A CD1 1 
ATOM   27   C  CD2 . LEU A 1 7  ? -6.462  4.300   4.505   1.00 20.15 ? 98  LEU A CD2 1 
ATOM   28   N  N   . CYS A 1 8  ? -3.133  5.731   0.723   1.00 19.62 ? 99  CYS A N   1 
ATOM   29   C  CA  . CYS A 1 8  ? -2.917  6.561   -0.445  1.00 19.87 ? 99  CYS A CA  1 
ATOM   30   C  C   . CYS A 1 8  ? -2.825  5.695   -1.696  1.00 20.85 ? 99  CYS A C   1 
ATOM   31   O  O   . CYS A 1 8  ? -3.675  5.780   -2.601  1.00 21.33 ? 99  CYS A O   1 
ATOM   32   C  CB  . CYS A 1 8  ? -1.658  7.410   -0.292  1.00 19.34 ? 99  CYS A CB  1 
ATOM   33   S  SG  . CYS A 1 8  ? -1.275  8.299   -1.795  1.00 17.77 ? 99  CYS A SG  1 
ATOM   34   N  N   . GLY A 1 9  ? -1.788  4.869   -1.772  1.00 21.48 ? 100 GLY A N   1 
ATOM   35   C  CA  . GLY A 1 9  ? -1.696  3.932   -2.895  1.00 22.85 ? 100 GLY A CA  1 
ATOM   36   C  C   . GLY A 1 9  ? -1.535  4.609   -4.240  1.00 23.06 ? 100 GLY A C   1 
ATOM   37   O  O   . GLY A 1 9  ? -2.150  4.217   -5.225  1.00 23.64 ? 100 GLY A O   1 
ATOM   38   N  N   . ARG A 1 10 ? -0.720  5.659   -4.264  1.00 23.14 ? 101 ARG A N   1 
ATOM   39   C  CA  . ARG A 1 10 ? -0.092  6.070   -5.494  1.00 22.57 ? 101 ARG A CA  1 
ATOM   40   C  C   . ARG A 1 10 ? 1.209   5.269   -5.562  1.00 21.81 ? 101 ARG A C   1 
ATOM   41   O  O   . ARG A 1 10 ? 1.831   4.989   -4.531  1.00 20.56 ? 101 ARG A O   1 
ATOM   42   C  CB  . ARG A 1 10 ? 0.154   7.565   -5.477  1.00 23.12 ? 101 ARG A CB  1 
ATOM   43   C  CG  . ARG A 1 10 ? 1.591   7.954   -5.400  1.00 24.08 ? 101 ARG A CG  1 
ATOM   44   C  CD  . ARG A 1 10 ? 1.778   9.272   -6.115  1.00 28.17 ? 101 ARG A CD  1 
ATOM   45   N  NE  . ARG A 1 10 ? 1.534   9.191   -7.552  1.00 29.59 ? 101 ARG A NE  1 
ATOM   46   C  CZ  . ARG A 1 10 ? 1.277   10.249  -8.317  1.00 32.36 ? 101 ARG A CZ  1 
ATOM   47   N  NH1 . ARG A 1 10 ? 1.222   11.464  -7.778  1.00 34.26 ? 101 ARG A NH1 1 
ATOM   48   N  NH2 . ARG A 1 10 ? 1.068   10.100  -9.621  1.00 33.39 ? 101 ARG A NH2 1 
ATOM   49   N  N   . VAL A 1 11 ? 1.582   4.829   -6.759  1.00 21.21 ? 102 VAL A N   1 
ATOM   50   C  CA  . VAL A 1 11 ? 2.829   4.083   -6.922  1.00 21.28 ? 102 VAL A CA  1 
ATOM   51   C  C   . VAL A 1 11 ? 3.753   4.811   -7.893  1.00 21.16 ? 102 VAL A C   1 
ATOM   52   O  O   . VAL A 1 11 ? 3.299   5.381   -8.895  1.00 21.56 ? 102 VAL A O   1 
ATOM   53   C  CB  . VAL A 1 11 ? 2.627   2.523   -7.198  1.00 21.32 ? 102 VAL A CB  1 
ATOM   54   C  CG1 . VAL A 1 11 ? 1.170   2.078   -6.936  1.00 20.62 ? 102 VAL A CG1 1 
ATOM   55   C  CG2 . VAL A 1 11 ? 3.151   2.092   -8.545  1.00 21.57 ? 102 VAL A CG2 1 
ATOM   56   N  N   . PHE A 1 12 ? 5.043   4.807   -7.573  1.00 20.90 ? 103 PHE A N   1 
ATOM   57   C  CA  . PHE A 1 12 ? 5.991   5.751   -8.165  1.00 20.63 ? 103 PHE A CA  1 
ATOM   58   C  C   . PHE A 1 12 ? 6.642   5.244   -9.431  1.00 20.79 ? 103 PHE A C   1 
ATOM   59   O  O   . PHE A 1 12 ? 6.982   4.066   -9.513  1.00 20.87 ? 103 PHE A O   1 
ATOM   60   C  CB  . PHE A 1 12 ? 7.096   6.072   -7.161  1.00 20.30 ? 103 PHE A CB  1 
ATOM   61   C  CG  . PHE A 1 12 ? 6.599   6.692   -5.878  1.00 20.97 ? 103 PHE A CG  1 
ATOM   62   C  CD1 . PHE A 1 12 ? 5.774   7.814   -5.901  1.00 19.62 ? 103 PHE A CD1 1 
ATOM   63   C  CD2 . PHE A 1 12 ? 6.977   6.161   -4.639  1.00 20.27 ? 103 PHE A CD2 1 
ATOM   64   C  CE1 . PHE A 1 12 ? 5.323   8.381   -4.714  1.00 20.46 ? 103 PHE A CE1 1 
ATOM   65   C  CE2 . PHE A 1 12 ? 6.521   6.723   -3.451  1.00 19.87 ? 103 PHE A CE2 1 
ATOM   66   C  CZ  . PHE A 1 12 ? 5.699   7.834   -3.490  1.00 20.67 ? 103 PHE A CZ  1 
ATOM   67   N  N   . LYS A 1 13 ? 6.828   6.134   -10.408 1.00 20.68 ? 104 LYS A N   1 
ATOM   68   C  CA  . LYS A 1 13 ? 7.641   5.828   -11.594 1.00 20.58 ? 104 LYS A CA  1 
ATOM   69   C  C   . LYS A 1 13 ? 9.110   6.063   -11.254 1.00 20.36 ? 104 LYS A C   1 
ATOM   70   O  O   . LYS A 1 13 ? 9.428   6.748   -10.275 1.00 19.60 ? 104 LYS A O   1 
ATOM   71   C  CB  . LYS A 1 13 ? 7.280   6.739   -12.777 1.00 20.55 ? 104 LYS A CB  1 
ATOM   72   C  CG  . LYS A 1 13 ? 5.830   6.737   -13.182 1.00 21.05 ? 104 LYS A CG  1 
ATOM   73   C  CD  . LYS A 1 13 ? 5.575   7.752   -14.271 1.00 21.50 ? 104 LYS A CD  1 
ATOM   74   C  CE  . LYS A 1 13 ? 5.657   9.177   -13.742 1.00 21.73 ? 104 LYS A CE  1 
ATOM   75   N  NZ  . LYS A 1 13 ? 5.445   10.142  -14.854 1.00 24.20 ? 104 LYS A NZ  1 
ATOM   76   N  N   . SER A 1 14 ? 9.999   5.522   -12.088 1.00 20.24 ? 105 SER A N   1 
ATOM   77   C  CA  . SER A 1 14 ? 11.423  5.833   -11.997 1.00 20.32 ? 105 SER A CA  1 
ATOM   78   C  C   . SER A 1 14 ? 11.651  7.313   -12.228 1.00 20.01 ? 105 SER A C   1 
ATOM   79   O  O   . SER A 1 14 ? 11.096  7.906   -13.157 1.00 19.81 ? 105 SER A O   1 
ATOM   80   C  CB  . SER A 1 14 ? 12.226  5.020   -13.005 1.00 20.52 ? 105 SER A CB  1 
ATOM   81   O  OG  . SER A 1 14 ? 11.819  3.662   -12.972 1.00 22.52 ? 105 SER A OG  1 
ATOM   82   N  N   . GLY A 1 15 ? 12.461  7.905   -11.355 1.00 19.89 ? 106 GLY A N   1 
ATOM   83   C  CA  . GLY A 1 15 ? 12.786  9.324   -11.432 1.00 19.37 ? 106 GLY A CA  1 
ATOM   84   C  C   . GLY A 1 15 ? 11.813  10.192  -10.654 1.00 18.99 ? 106 GLY A C   1 
ATOM   85   O  O   . GLY A 1 15 ? 11.989  11.412  -10.574 1.00 19.09 ? 106 GLY A O   1 
ATOM   86   N  N   . GLU A 1 16 ? 10.785  9.577   -10.071 1.00 18.23 ? 107 GLU A N   1 
ATOM   87   C  CA  . GLU A 1 16 ? 9.783   10.362  -9.356  1.00 17.21 ? 107 GLU A CA  1 
ATOM   88   C  C   . GLU A 1 16 ? 10.283  10.927  -8.017  1.00 16.55 ? 107 GLU A C   1 
ATOM   89   O  O   . GLU A 1 16 ? 10.880  10.218  -7.201  1.00 16.73 ? 107 GLU A O   1 
ATOM   90   C  CB  . GLU A 1 16 ? 8.485   9.588   -9.192  1.00 16.77 ? 107 GLU A CB  1 
ATOM   91   C  CG  . GLU A 1 16 ? 7.323   10.481  -8.848  1.00 17.43 ? 107 GLU A CG  1 
ATOM   92   C  CD  . GLU A 1 16 ? 5.967   9.872   -9.156  1.00 19.21 ? 107 GLU A CD  1 
ATOM   93   O  OE1 . GLU A 1 16 ? 5.009   10.276  -8.459  1.00 20.27 ? 107 GLU A OE1 1 
ATOM   94   O  OE2 . GLU A 1 16 ? 5.844   9.021   -10.082 1.00 17.70 ? 107 GLU A OE2 1 
ATOM   95   N  N   . THR A 1 17 ? 10.027  12.214  -7.818  1.00 15.54 ? 108 THR A N   1 
ATOM   96   C  CA  . THR A 1 17 ? 10.339  12.901  -6.580  1.00 14.89 ? 108 THR A CA  1 
ATOM   97   C  C   . THR A 1 17 ? 9.377   12.431  -5.491  1.00 14.77 ? 108 THR A C   1 
ATOM   98   O  O   . THR A 1 17 ? 8.161   12.342  -5.713  1.00 14.73 ? 108 THR A O   1 
ATOM   99   C  CB  . THR A 1 17 ? 10.209  14.413  -6.761  1.00 14.84 ? 108 THR A CB  1 
ATOM   100  O  OG1 . THR A 1 17 ? 11.012  14.827  -7.870  1.00 14.30 ? 108 THR A OG1 1 
ATOM   101  C  CG2 . THR A 1 17 ? 10.634  15.175  -5.493  1.00 13.43 ? 108 THR A CG2 1 
ATOM   102  N  N   . THR A 1 18 ? 9.947   12.116  -4.327  1.00 14.12 ? 109 THR A N   1 
ATOM   103  C  CA  . THR A 1 18 ? 9.216   11.655  -3.146  1.00 14.12 ? 109 THR A CA  1 
ATOM   104  C  C   . THR A 1 18 ? 9.837   12.332  -1.928  1.00 13.65 ? 109 THR A C   1 
ATOM   105  O  O   . THR A 1 18 ? 10.930  12.877  -2.024  1.00 13.80 ? 109 THR A O   1 
ATOM   106  C  CB  . THR A 1 18 ? 9.303   10.102  -2.975  1.00 14.46 ? 109 THR A CB  1 
ATOM   107  O  OG1 . THR A 1 18 ? 10.631  9.729   -2.578  1.00 14.63 ? 109 THR A OG1 1 
ATOM   108  C  CG2 . THR A 1 18 ? 8.921   9.368   -4.273  1.00 13.41 ? 109 THR A CG2 1 
ATOM   109  N  N   . TYR A 1 19 ? 9.143   12.339  -0.797  1.00 13.48 ? 110 TYR A N   1 
ATOM   110  C  CA  . TYR A 1 19 ? 9.678   13.007  0.406   1.00 13.81 ? 110 TYR A CA  1 
ATOM   111  C  C   . TYR A 1 19 ? 9.763   12.059  1.563   1.00 13.75 ? 110 TYR A C   1 
ATOM   112  O  O   . TYR A 1 19 ? 8.860   11.249  1.768   1.00 14.30 ? 110 TYR A O   1 
ATOM   113  C  CB  . TYR A 1 19 ? 8.778   14.161  0.852   1.00 13.21 ? 110 TYR A CB  1 
ATOM   114  C  CG  . TYR A 1 19 ? 8.784   15.342  -0.067  1.00 15.95 ? 110 TYR A CG  1 
ATOM   115  C  CD1 . TYR A 1 19 ? 7.967   15.364  -1.194  1.00 17.69 ? 110 TYR A CD1 1 
ATOM   116  C  CD2 . TYR A 1 19 ? 9.602   16.439  0.183   1.00 16.79 ? 110 TYR A CD2 1 
ATOM   117  C  CE1 . TYR A 1 19 ? 7.959   16.437  -2.056  1.00 20.99 ? 110 TYR A CE1 1 
ATOM   118  C  CE2 . TYR A 1 19 ? 9.593   17.537  -0.675  1.00 22.22 ? 110 TYR A CE2 1 
ATOM   119  C  CZ  . TYR A 1 19 ? 8.759   17.518  -1.796  1.00 22.33 ? 110 TYR A CZ  1 
ATOM   120  O  OH  . TYR A 1 19 ? 8.718   18.571  -2.666  1.00 26.28 ? 110 TYR A OH  1 
ATOM   121  N  N   . SER A 1 20 ? 10.824  12.185  2.349   1.00 13.81 ? 111 SER A N   1 
ATOM   122  C  CA  . SER A 1 20 ? 10.834  11.608  3.687   1.00 13.86 ? 111 SER A CA  1 
ATOM   123  C  C   . SER A 1 20 ? 10.921  12.765  4.700   1.00 14.20 ? 111 SER A C   1 
ATOM   124  O  O   . SER A 1 20 ? 11.223  13.902  4.320   1.00 13.58 ? 111 SER A O   1 
ATOM   125  C  CB  . SER A 1 20 ? 11.978  10.605  3.876   1.00 13.79 ? 111 SER A CB  1 
ATOM   126  O  OG  . SER A 1 20 ? 11.749  9.785   5.039   1.00 12.16 ? 111 SER A OG  1 
ATOM   127  N  N   . CYS A 1 21 ? 10.624  12.464  5.959   1.00 13.29 ? 112 CYS A N   1 
ATOM   128  C  CA  . CYS A 1 21 ? 10.796  13.399  7.052   1.00 13.29 ? 112 CYS A CA  1 
ATOM   129  C  C   . CYS A 1 21 ? 11.846  12.894  8.036   1.00 13.27 ? 112 CYS A C   1 
ATOM   130  O  O   . CYS A 1 21 ? 11.639  11.868  8.697   1.00 12.85 ? 112 CYS A O   1 
ATOM   131  C  CB  . CYS A 1 21 ? 9.477   13.622  7.809   1.00 13.57 ? 112 CYS A CB  1 
ATOM   132  S  SG  . CYS A 1 21 ? 9.606   14.855  9.149   1.00 11.81 ? 112 CYS A SG  1 
ATOM   133  N  N   . ARG A 1 22 ? 12.961  13.612  8.140   1.00 12.57 ? 113 ARG A N   1 
ATOM   134  C  CA  . ARG A 1 22 ? 14.024  13.213  9.065   1.00 13.73 ? 113 ARG A CA  1 
ATOM   135  C  C   . ARG A 1 22 ? 13.614  13.232  10.541  1.00 13.42 ? 113 ARG A C   1 
ATOM   136  O  O   . ARG A 1 22 ? 14.222  12.542  11.358  1.00 13.48 ? 113 ARG A O   1 
ATOM   137  C  CB  . ARG A 1 22 ? 15.279  14.060  8.862   1.00 13.58 ? 113 ARG A CB  1 
ATOM   138  C  CG  . ARG A 1 22 ? 15.921  13.838  7.508   1.00 16.76 ? 113 ARG A CG  1 
ATOM   139  C  CD  . ARG A 1 22 ? 17.399  14.207  7.515   1.00 19.13 ? 113 ARG A CD  1 
ATOM   140  N  NE  . ARG A 1 22 ? 17.578  15.646  7.433   1.00 22.46 ? 113 ARG A NE  1 
ATOM   141  C  CZ  . ARG A 1 22 ? 18.664  16.295  7.854   1.00 24.03 ? 113 ARG A CZ  1 
ATOM   142  N  NH1 . ARG A 1 22 ? 19.694  15.640  8.400   1.00 23.34 ? 113 ARG A NH1 1 
ATOM   143  N  NH2 . ARG A 1 22 ? 18.713  17.609  7.737   1.00 23.72 ? 113 ARG A NH2 1 
ATOM   144  N  N   . ASP A 1 23 ? 12.593  14.015  10.883  1.00 13.13 ? 114 ASP A N   1 
ATOM   145  C  CA  . ASP A 1 23 ? 12.131  14.087  12.263  1.00 12.72 ? 114 ASP A CA  1 
ATOM   146  C  C   . ASP A 1 23 ? 11.193  12.945  12.657  1.00 12.88 ? 114 ASP A C   1 
ATOM   147  O  O   . ASP A 1 23 ? 11.211  12.496  13.815  1.00 13.05 ? 114 ASP A O   1 
ATOM   148  C  CB  . ASP A 1 23 ? 11.453  15.443  12.532  1.00 12.72 ? 114 ASP A CB  1 
ATOM   149  C  CG  . ASP A 1 23 ? 12.425  16.602  12.466  1.00 12.40 ? 114 ASP A CG  1 
ATOM   150  O  OD1 . ASP A 1 23 ? 12.114  17.620  11.803  1.00 12.93 ? 114 ASP A OD1 1 
ATOM   151  O  OD2 . ASP A 1 23 ? 13.505  16.488  13.078  1.00 11.17 ? 114 ASP A OD2 1 
ATOM   152  N  N   . CYS A 1 24 ? 10.373  12.476  11.710  1.00 12.27 ? 115 CYS A N   1 
ATOM   153  C  CA  . CYS A 1 24 ? 9.284   11.548  12.038  1.00 12.03 ? 115 CYS A CA  1 
ATOM   154  C  C   . CYS A 1 24 ? 9.412   10.151  11.407  1.00 12.18 ? 115 CYS A C   1 
ATOM   155  O  O   . CYS A 1 24 ? 8.922   9.172   11.979  1.00 12.65 ? 115 CYS A O   1 
ATOM   156  C  CB  . CYS A 1 24 ? 7.918   12.169  11.702  1.00 12.14 ? 115 CYS A CB  1 
ATOM   157  S  SG  . CYS A 1 24 ? 7.668   13.906  12.290  1.00 14.25 ? 115 CYS A SG  1 
ATOM   158  N  N   . ALA A 1 25 ? 10.052  10.052  10.242  1.00 11.47 ? 116 ALA A N   1 
ATOM   159  C  CA  . ALA A 1 25 ? 10.197  8.756   9.567   1.00 12.13 ? 116 ALA A CA  1 
ATOM   160  C  C   . ALA A 1 25 ? 11.009  7.772   10.405  1.00 12.42 ? 116 ALA A C   1 
ATOM   161  O  O   . ALA A 1 25 ? 12.007  8.148   11.020  1.00 12.15 ? 116 ALA A O   1 
ATOM   162  C  CB  . ALA A 1 25 ? 10.857  8.925   8.212   1.00 12.31 ? 116 ALA A CB  1 
ATOM   163  N  N   . ILE A 1 26 ? 10.567  6.517   10.427  1.00 12.70 ? 117 ILE A N   1 
ATOM   164  C  CA  . ILE A 1 26 ? 11.314  5.433   11.066  1.00 13.97 ? 117 ILE A CA  1 
ATOM   165  C  C   . ILE A 1 26 ? 12.717  5.280   10.436  1.00 14.81 ? 117 ILE A C   1 
ATOM   166  O  O   . ILE A 1 26 ? 13.713  5.068   11.136  1.00 14.91 ? 117 ILE A O   1 
ATOM   167  C  CB  . ILE A 1 26 ? 10.487  4.117   11.019  1.00 13.80 ? 117 ILE A CB  1 
ATOM   168  C  CG1 . ILE A 1 26 ? 9.551   4.046   12.235  1.00 14.45 ? 117 ILE A CG1 1 
ATOM   169  C  CG2 . ILE A 1 26 ? 11.374  2.863   10.902  1.00 14.94 ? 117 ILE A CG2 1 
ATOM   170  C  CD1 . ILE A 1 26 ? 10.239  4.131   13.633  1.00 14.86 ? 117 ILE A CD1 1 
ATOM   171  N  N   . ASP A 1 27 ? 12.786  5.418   9.115   1.00 15.73 ? 118 ASP A N   1 
ATOM   172  C  CA  . ASP A 1 27 ? 14.056  5.446   8.379   1.00 17.09 ? 118 ASP A CA  1 
ATOM   173  C  C   . ASP A 1 27 ? 13.823  6.136   7.020   1.00 17.29 ? 118 ASP A C   1 
ATOM   174  O  O   . ASP A 1 27 ? 12.671  6.367   6.641   1.00 18.04 ? 118 ASP A O   1 
ATOM   175  C  CB  . ASP A 1 27 ? 14.639  4.021   8.215   1.00 17.14 ? 118 ASP A CB  1 
ATOM   176  C  CG  . ASP A 1 27 ? 13.729  3.106   7.427   1.00 18.59 ? 118 ASP A CG  1 
ATOM   177  O  OD1 . ASP A 1 27 ? 13.340  2.058   7.968   1.00 20.37 ? 118 ASP A OD1 1 
ATOM   178  O  OD2 . ASP A 1 27 ? 13.393  3.433   6.265   1.00 18.98 ? 118 ASP A OD2 1 
ATOM   179  N  N   . PRO A 1 28 ? 14.905  6.467   6.278   1.00 17.87 ? 119 PRO A N   1 
ATOM   180  C  CA  . PRO A 1 28 ? 14.757  7.206   4.993   1.00 17.59 ? 119 PRO A CA  1 
ATOM   181  C  C   . PRO A 1 28 ? 13.961  6.496   3.879   1.00 17.32 ? 119 PRO A C   1 
ATOM   182  O  O   . PRO A 1 28 ? 13.545  7.151   2.904   1.00 17.03 ? 119 PRO A O   1 
ATOM   183  C  CB  . PRO A 1 28 ? 16.210  7.428   4.540   1.00 18.14 ? 119 PRO A CB  1 
ATOM   184  C  CG  . PRO A 1 28 ? 17.040  7.294   5.825   1.00 18.42 ? 119 PRO A CG  1 
ATOM   185  C  CD  . PRO A 1 28 ? 16.325  6.240   6.622   1.00 17.61 ? 119 PRO A CD  1 
ATOM   186  N  N   . THR A 1 29 ? 13.737  5.191   4.003   1.00 16.23 ? 120 THR A N   1 
ATOM   187  C  CA  . THR A 1 29 ? 12.887  4.508   3.029   1.00 15.89 ? 120 THR A CA  1 
ATOM   188  C  C   . THR A 1 29 ? 11.393  4.709   3.322   1.00 15.62 ? 120 THR A C   1 
ATOM   189  O  O   . THR A 1 29 ? 10.546  4.304   2.523   1.00 15.54 ? 120 THR A O   1 
ATOM   190  C  CB  . THR A 1 29 ? 13.222  2.994   2.903   1.00 16.17 ? 120 THR A CB  1 
ATOM   191  O  OG1 . THR A 1 29 ? 12.720  2.284   4.037   1.00 16.86 ? 120 THR A OG1 1 
ATOM   192  C  CG2 . THR A 1 29 ? 14.723  2.774   2.771   1.00 16.21 ? 120 THR A CG2 1 
ATOM   193  N  N   . CYS A 1 30 ? 11.064  5.325   4.464   1.00 14.99 ? 121 CYS A N   1 
ATOM   194  C  CA  . CYS A 1 30 ? 9.678   5.723   4.760   1.00 15.17 ? 121 CYS A CA  1 
ATOM   195  C  C   . CYS A 1 30 ? 9.438   7.024   4.048   1.00 15.71 ? 121 CYS A C   1 
ATOM   196  O  O   . CYS A 1 30 ? 10.088  8.037   4.351   1.00 15.72 ? 121 CYS A O   1 
ATOM   197  C  CB  . CYS A 1 30 ? 9.432   5.890   6.258   1.00 15.18 ? 121 CYS A CB  1 
ATOM   198  S  SG  . CYS A 1 30 ? 9.746   4.356   7.124   1.00 14.05 ? 121 CYS A SG  1 
ATOM   199  N  N   . VAL A 1 31 ? 8.523   6.985   3.085   1.00 15.70 ? 122 VAL A N   1 
ATOM   200  C  CA  . VAL A 1 31 ? 8.471   8.014   2.066   1.00 16.48 ? 122 VAL A CA  1 
ATOM   201  C  C   . VAL A 1 31 ? 7.018   8.411   1.751   1.00 16.65 ? 122 VAL A C   1 
ATOM   202  O  O   . VAL A 1 31 ? 6.078   7.614   1.923   1.00 16.32 ? 122 VAL A O   1 
ATOM   203  C  CB  . VAL A 1 31 ? 9.332   7.542   0.821   1.00 16.67 ? 122 VAL A CB  1 
ATOM   204  C  CG1 . VAL A 1 31 ? 8.486   6.958   -0.299  1.00 16.48 ? 122 VAL A CG1 1 
ATOM   205  C  CG2 . VAL A 1 31 ? 10.257  8.613   0.350   1.00 18.06 ? 122 VAL A CG2 1 
ATOM   206  N  N   . LEU A 1 32 ? 6.833   9.652   1.315   1.00 16.23 ? 123 LEU A N   1 
ATOM   207  C  CA  . LEU A 1 32 ? 5.504   10.189  1.055   1.00 16.41 ? 123 LEU A CA  1 
ATOM   208  C  C   . LEU A 1 32 ? 5.442   10.742  -0.380  1.00 15.94 ? 123 LEU A C   1 
ATOM   209  O  O   . LEU A 1 32 ? 6.435   11.271  -0.869  1.00 16.09 ? 123 LEU A O   1 
ATOM   210  C  CB  . LEU A 1 32 ? 5.214   11.302  2.077   1.00 16.88 ? 123 LEU A CB  1 
ATOM   211  C  CG  . LEU A 1 32 ? 4.084   11.242  3.121   1.00 17.90 ? 123 LEU A CG  1 
ATOM   212  C  CD1 . LEU A 1 32 ? 3.636   9.857   3.568   1.00 16.08 ? 123 LEU A CD1 1 
ATOM   213  C  CD2 . LEU A 1 32 ? 4.395   12.156  4.327   1.00 17.35 ? 123 LEU A CD2 1 
ATOM   214  N  N   . CYS A 1 33 ? 4.301   10.613  -1.060  1.00 15.29 ? 124 CYS A N   1 
ATOM   215  C  CA  . CYS A 1 33 ? 4.139   11.275  -2.364  1.00 15.05 ? 124 CYS A CA  1 
ATOM   216  C  C   . CYS A 1 33 ? 4.019   12.789  -2.158  1.00 15.15 ? 124 CYS A C   1 
ATOM   217  O  O   . CYS A 1 33 ? 3.692   13.251  -1.064  1.00 14.76 ? 124 CYS A O   1 
ATOM   218  C  CB  . CYS A 1 33 ? 2.933   10.737  -3.152  1.00 14.91 ? 124 CYS A CB  1 
ATOM   219  S  SG  . CYS A 1 33 ? 1.315   11.214  -2.526  1.00 13.78 ? 124 CYS A SG  1 
ATOM   220  N  N   . MET A 1 34 ? 4.278   13.553  -3.214  1.00 15.75 ? 125 MET A N   1 
ATOM   221  C  CA  . MET A 1 34 ? 4.326   15.008  -3.114  1.00 16.27 ? 125 MET A CA  1 
ATOM   222  C  C   . MET A 1 34 ? 3.026   15.598  -2.599  1.00 15.97 ? 125 MET A C   1 
ATOM   223  O  O   . MET A 1 34 ? 3.050   16.552  -1.828  1.00 16.25 ? 125 MET A O   1 
ATOM   224  C  CB  . MET A 1 34 ? 4.705   15.631  -4.448  1.00 16.69 ? 125 MET A CB  1 
ATOM   225  C  CG  . MET A 1 34 ? 6.109   15.258  -4.871  1.00 18.87 ? 125 MET A CG  1 
ATOM   226  S  SD  . MET A 1 34 ? 6.642   16.143  -6.328  1.00 21.71 ? 125 MET A SD  1 
ATOM   227  C  CE  . MET A 1 34 ? 6.915   17.791  -5.680  1.00 21.04 ? 125 MET A CE  1 
ATOM   228  N  N   . ASP A 1 35 ? 1.901   15.017  -3.003  1.00 15.65 ? 126 ASP A N   1 
ATOM   229  C  CA  . ASP A 1 35 ? 0.582   15.539  -2.618  1.00 15.43 ? 126 ASP A CA  1 
ATOM   230  C  C   . ASP A 1 35 ? 0.253   15.239  -1.152  1.00 14.64 ? 126 ASP A C   1 
ATOM   231  O  O   . ASP A 1 35 ? -0.269  16.094  -0.441  1.00 14.38 ? 126 ASP A O   1 
ATOM   232  C  CB  . ASP A 1 35 ? -0.508  15.080  -3.586  1.00 15.65 ? 126 ASP A CB  1 
ATOM   233  C  CG  . ASP A 1 35 ? -0.401  15.763  -4.967  1.00 18.26 ? 126 ASP A CG  1 
ATOM   234  O  OD1 . ASP A 1 35 ? -0.655  16.987  -5.086  1.00 19.58 ? 126 ASP A OD1 1 
ATOM   235  O  OD2 . ASP A 1 35 ? -0.056  15.072  -5.948  1.00 20.81 ? 126 ASP A OD2 1 
ATOM   236  N  N   . CYS A 1 36 ? 0.598   14.043  -0.685  1.00 13.88 ? 127 CYS A N   1 
ATOM   237  C  CA  . CYS A 1 36 ? 0.467   13.743  0.739   1.00 13.03 ? 127 CYS A CA  1 
ATOM   238  C  C   . CYS A 1 36 ? 1.456   14.584  1.572   1.00 12.86 ? 127 CYS A C   1 
ATOM   239  O  O   . CYS A 1 36 ? 1.117   15.078  2.654   1.00 12.22 ? 127 CYS A O   1 
ATOM   240  C  CB  . CYS A 1 36 ? 0.659   12.235  1.013   1.00 12.91 ? 127 CYS A CB  1 
ATOM   241  S  SG  . CYS A 1 36 ? -0.766  11.149  0.521   1.00 9.93  ? 127 CYS A SG  1 
ATOM   242  N  N   . PHE A 1 37 ? 2.682   14.721  1.083   1.00 13.05 ? 128 PHE A N   1 
ATOM   243  C  CA  . PHE A 1 37 ? 3.696   15.475  1.829   1.00 14.06 ? 128 PHE A CA  1 
ATOM   244  C  C   . PHE A 1 37 ? 3.227   16.921  2.010   1.00 14.23 ? 128 PHE A C   1 
ATOM   245  O  O   . PHE A 1 37 ? 3.176   17.427  3.134   1.00 14.06 ? 128 PHE A O   1 
ATOM   246  C  CB  . PHE A 1 37 ? 5.077   15.428  1.151   1.00 13.86 ? 128 PHE A CB  1 
ATOM   247  C  CG  . PHE A 1 37 ? 6.075   16.427  1.724   1.00 16.08 ? 128 PHE A CG  1 
ATOM   248  C  CD1 . PHE A 1 37 ? 6.770   16.147  2.912   1.00 18.06 ? 128 PHE A CD1 1 
ATOM   249  C  CD2 . PHE A 1 37 ? 6.299   17.631  1.089   1.00 17.01 ? 128 PHE A CD2 1 
ATOM   250  C  CE1 . PHE A 1 37 ? 7.678   17.056  3.455   1.00 18.12 ? 128 PHE A CE1 1 
ATOM   251  C  CE2 . PHE A 1 37 ? 7.203   18.555  1.621   1.00 19.53 ? 128 PHE A CE2 1 
ATOM   252  C  CZ  . PHE A 1 37 ? 7.898   18.258  2.809   1.00 16.93 ? 128 PHE A CZ  1 
ATOM   253  N  N   . GLN A 1 38 ? 2.853   17.560  0.905   1.00 15.00 ? 129 GLN A N   1 
ATOM   254  C  CA  . GLN A 1 38 ? 2.475   18.983  0.924   1.00 16.06 ? 129 GLN A CA  1 
ATOM   255  C  C   . GLN A 1 38 ? 1.166   19.247  1.690   1.00 16.07 ? 129 GLN A C   1 
ATOM   256  O  O   . GLN A 1 38 ? 0.800   20.400  1.916   1.00 16.28 ? 129 GLN A O   1 
ATOM   257  C  CB  . GLN A 1 38 ? 2.491   19.574  -0.498  1.00 16.38 ? 129 GLN A CB  1 
ATOM   258  C  CG  . GLN A 1 38 ? 3.921   19.949  -0.956  1.00 18.46 ? 129 GLN A CG  1 
ATOM   259  C  CD  . GLN A 1 38 ? 4.151   19.854  -2.475  1.00 21.07 ? 129 GLN A CD  1 
ATOM   260  O  OE1 . GLN A 1 38 ? 3.433   20.454  -3.262  1.00 20.41 ? 129 GLN A OE1 1 
ATOM   261  N  NE2 . GLN A 1 38 ? 5.186   19.114  -2.877  1.00 23.63 ? 129 GLN A NE2 1 
ATOM   262  N  N   . ASP A 1 39 ? 0.495   18.170  2.112   1.00 15.89 ? 130 ASP A N   1 
ATOM   263  C  CA  . ASP A 1 39 ? -0.759  18.263  2.874   1.00 16.05 ? 130 ASP A CA  1 
ATOM   264  C  C   . ASP A 1 39 ? -0.640  17.685  4.298   1.00 15.47 ? 130 ASP A C   1 
ATOM   265  O  O   . ASP A 1 39 ? -1.648  17.325  4.890   1.00 15.59 ? 130 ASP A O   1 
ATOM   266  C  CB  . ASP A 1 39 ? -1.880  17.528  2.110   1.00 16.42 ? 130 ASP A CB  1 
ATOM   267  C  CG  . ASP A 1 39 ? -3.179  18.318  2.055   1.00 17.78 ? 130 ASP A CG  1 
ATOM   268  O  OD1 . ASP A 1 39 ? -3.502  19.065  3.003   1.00 18.73 ? 130 ASP A OD1 1 
ATOM   269  O  OD2 . ASP A 1 39 ? -3.885  18.197  1.037   1.00 20.65 ? 130 ASP A OD2 1 
ATOM   270  N  N   . SER A 1 40 ? 0.585   17.614  4.836   1.00 14.93 ? 131 SER A N   1 
ATOM   271  C  CA  . SER A 1 40 ? 0.872   16.986  6.139   1.00 14.36 ? 131 SER A CA  1 
ATOM   272  C  C   . SER A 1 40 ? 1.725   17.898  7.053   1.00 14.50 ? 131 SER A C   1 
ATOM   273  O  O   . SER A 1 40 ? 2.250   18.914  6.592   1.00 13.30 ? 131 SER A O   1 
ATOM   274  C  CB  . SER A 1 40 ? 1.639   15.690  5.914   1.00 14.34 ? 131 SER A CB  1 
ATOM   275  O  OG  . SER A 1 40 ? 2.950   15.994  5.466   1.00 13.88 ? 131 SER A OG  1 
ATOM   276  N  N   . VAL A 1 41 ? 1.874   17.510  8.326   1.00 13.87 ? 132 VAL A N   1 
ATOM   277  C  CA  . VAL A 1 41 ? 2.690   18.259  9.299   1.00 14.07 ? 132 VAL A CA  1 
ATOM   278  C  C   . VAL A 1 41 ? 4.177   18.313  8.914   1.00 13.97 ? 132 VAL A C   1 
ATOM   279  O  O   . VAL A 1 41 ? 4.896   19.225  9.328   1.00 14.99 ? 132 VAL A O   1 
ATOM   280  C  CB  . VAL A 1 41 ? 2.514   17.741  10.762  1.00 13.76 ? 132 VAL A CB  1 
ATOM   281  C  CG1 . VAL A 1 41 ? 1.042   17.832  11.211  1.00 13.03 ? 132 VAL A CG1 1 
ATOM   282  C  CG2 . VAL A 1 41 ? 3.028   16.303  10.907  1.00 13.41 ? 132 VAL A CG2 1 
ATOM   283  N  N   . HIS A 1 42 ? 4.624   17.363  8.095   1.00 13.55 ? 133 HIS A N   1 
ATOM   284  C  CA  . HIS A 1 42 ? 6.043   17.234  7.757   1.00 12.90 ? 133 HIS A CA  1 
ATOM   285  C  C   . HIS A 1 42 ? 6.584   18.319  6.835   1.00 13.14 ? 133 HIS A C   1 
ATOM   286  O  O   . HIS A 1 42 ? 7.786   18.519  6.778   1.00 12.50 ? 133 HIS A O   1 
ATOM   287  C  CB  . HIS A 1 42 ? 6.356   15.828  7.225   1.00 12.92 ? 133 HIS A CB  1 
ATOM   288  C  CG  . HIS A 1 42 ? 5.740   14.744  8.052   1.00 11.72 ? 133 HIS A CG  1 
ATOM   289  N  ND1 . HIS A 1 42 ? 6.136   14.482  9.351   1.00 10.45 ? 133 HIS A ND1 1 
ATOM   290  C  CD2 . HIS A 1 42 ? 4.717   13.895  7.792   1.00 10.44 ? 133 HIS A CD2 1 
ATOM   291  C  CE1 . HIS A 1 42 ? 5.396   13.504  9.846   1.00 9.59  ? 133 HIS A CE1 1 
ATOM   292  N  NE2 . HIS A 1 42 ? 4.523   13.136  8.922   1.00 10.46 ? 133 HIS A NE2 1 
ATOM   293  N  N   . LYS A 1 43 ? 5.709   19.041  6.135   1.00 13.28 ? 134 LYS A N   1 
ATOM   294  C  CA  . LYS A 1 43 ? 6.166   20.174  5.331   1.00 13.44 ? 134 LYS A CA  1 
ATOM   295  C  C   . LYS A 1 43 ? 6.842   21.290  6.163   1.00 13.58 ? 134 LYS A C   1 
ATOM   296  O  O   . LYS A 1 43 ? 7.527   22.151  5.605   1.00 13.12 ? 134 LYS A O   1 
ATOM   297  C  CB  . LYS A 1 43 ? 5.024   20.729  4.485   1.00 14.81 ? 134 LYS A CB  1 
ATOM   298  C  CG  . LYS A 1 43 ? 3.945   21.501  5.252   1.00 15.76 ? 134 LYS A CG  1 
ATOM   299  C  CD  . LYS A 1 43 ? 2.872   21.932  4.272   1.00 19.99 ? 134 LYS A CD  1 
ATOM   300  C  CE  . LYS A 1 43 ? 1.610   22.370  4.988   1.00 22.47 ? 134 LYS A CE  1 
ATOM   301  N  NZ  . LYS A 1 43 ? 0.534   22.652  3.981   1.00 24.57 ? 134 LYS A NZ  1 
ATOM   302  N  N   . ASN A 1 44 ? 6.656   21.265  7.486   1.00 13.11 ? 135 ASN A N   1 
ATOM   303  C  CA  . ASN A 1 44 ? 7.288   22.249  8.393   1.00 13.52 ? 135 ASN A CA  1 
ATOM   304  C  C   . ASN A 1 44 ? 8.406   21.620  9.242   1.00 12.95 ? 135 ASN A C   1 
ATOM   305  O  O   . ASN A 1 44 ? 8.897   22.244  10.186  1.00 13.37 ? 135 ASN A O   1 
ATOM   306  C  CB  . ASN A 1 44 ? 6.239   22.908  9.307   1.00 13.46 ? 135 ASN A CB  1 
ATOM   307  C  CG  . ASN A 1 44 ? 5.249   23.799  8.541   1.00 15.62 ? 135 ASN A CG  1 
ATOM   308  O  OD1 . ASN A 1 44 ? 5.641   24.640  7.733   1.00 17.74 ? 135 ASN A OD1 1 
ATOM   309  N  ND2 . ASN A 1 44 ? 3.959   23.630  8.824   1.00 15.78 ? 135 ASN A ND2 1 
ATOM   310  N  N   . HIS A 1 45 ? 8.797   20.393  8.889   1.00 12.45 ? 136 HIS A N   1 
ATOM   311  C  CA  . HIS A 1 45 ? 9.856   19.635  9.598   1.00 12.60 ? 136 HIS A CA  1 
ATOM   312  C  C   . HIS A 1 45 ? 11.171  19.560  8.783   1.00 12.70 ? 136 HIS A C   1 
ATOM   313  O  O   . HIS A 1 45 ? 11.246  20.114  7.684   1.00 13.03 ? 136 HIS A O   1 
ATOM   314  C  CB  . HIS A 1 45 ? 9.363   18.212  9.909   1.00 11.95 ? 136 HIS A CB  1 
ATOM   315  C  CG  . HIS A 1 45 ? 8.202   18.148  10.868  1.00 10.76 ? 136 HIS A CG  1 
ATOM   316  N  ND1 . HIS A 1 45 ? 7.532   16.972  11.132  1.00 8.81  ? 136 HIS A ND1 1 
ATOM   317  C  CD2 . HIS A 1 45 ? 7.591   19.105  11.616  1.00 9.22  ? 136 HIS A CD2 1 
ATOM   318  C  CE1 . HIS A 1 45 ? 6.551   17.206  11.988  1.00 10.33 ? 136 HIS A CE1 1 
ATOM   319  N  NE2 . HIS A 1 45 ? 6.560   18.493  12.294  1.00 9.58  ? 136 HIS A NE2 1 
ATOM   320  N  N   . ARG A 1 46 ? 12.198  18.893  9.320   1.00 12.93 ? 137 ARG A N   1 
ATOM   321  C  CA  . ARG A 1 46 ? 13.423  18.572  8.544   1.00 13.44 ? 137 ARG A CA  1 
ATOM   322  C  C   . ARG A 1 46 ? 13.141  17.472  7.513   1.00 13.84 ? 137 ARG A C   1 
ATOM   323  O  O   . ARG A 1 46 ? 13.391  16.299  7.759   1.00 14.15 ? 137 ARG A O   1 
ATOM   324  C  CB  . ARG A 1 46 ? 14.571  18.088  9.455   1.00 12.87 ? 137 ARG A CB  1 
ATOM   325  C  CG  . ARG A 1 46 ? 15.218  19.117  10.403  1.00 15.07 ? 137 ARG A CG  1 
ATOM   326  C  CD  . ARG A 1 46 ? 16.489  18.536  11.046  1.00 15.62 ? 137 ARG A CD  1 
ATOM   327  N  NE  . ARG A 1 46 ? 16.227  17.228  11.662  1.00 19.09 ? 137 ARG A NE  1 
ATOM   328  C  CZ  . ARG A 1 46 ? 17.083  16.210  11.703  1.00 20.62 ? 137 ARG A CZ  1 
ATOM   329  N  NH1 . ARG A 1 46 ? 18.290  16.318  11.161  1.00 22.09 ? 137 ARG A NH1 1 
ATOM   330  N  NH2 . ARG A 1 46 ? 16.732  15.072  12.295  1.00 21.11 ? 137 ARG A NH2 1 
ATOM   331  N  N   . TYR A 1 47 ? 12.646  17.836  6.347   1.00 14.78 ? 138 TYR A N   1 
ATOM   332  C  CA  . TYR A 1 47 ? 12.359  16.824  5.337   1.00 15.55 ? 138 TYR A CA  1 
ATOM   333  C  C   . TYR A 1 47 ? 13.488  16.674  4.328   1.00 16.34 ? 138 TYR A C   1 
ATOM   334  O  O   . TYR A 1 47 ? 14.267  17.610  4.119   1.00 15.94 ? 138 TYR A O   1 
ATOM   335  C  CB  . TYR A 1 47 ? 11.064  17.159  4.594   1.00 15.60 ? 138 TYR A CB  1 
ATOM   336  C  CG  . TYR A 1 47 ? 11.087  18.471  3.844   1.00 15.62 ? 138 TYR A CG  1 
ATOM   337  C  CD1 . TYR A 1 47 ? 10.676  19.657  4.465   1.00 14.47 ? 138 TYR A CD1 1 
ATOM   338  C  CD2 . TYR A 1 47 ? 11.484  18.525  2.506   1.00 17.02 ? 138 TYR A CD2 1 
ATOM   339  C  CE1 . TYR A 1 47 ? 10.686  20.852  3.795   1.00 13.82 ? 138 TYR A CE1 1 
ATOM   340  C  CE2 . TYR A 1 47 ? 11.489  19.729  1.813   1.00 15.92 ? 138 TYR A CE2 1 
ATOM   341  C  CZ  . TYR A 1 47 ? 11.094  20.883  2.469   1.00 16.46 ? 138 TYR A CZ  1 
ATOM   342  O  OH  . TYR A 1 47 ? 11.084  22.075  1.794   1.00 16.64 ? 138 TYR A OH  1 
ATOM   343  N  N   . LYS A 1 48 ? 13.547  15.505  3.685   1.00 16.53 ? 139 LYS A N   1 
ATOM   344  C  CA  . LYS A 1 48 ? 14.498  15.257  2.598   1.00 17.76 ? 139 LYS A CA  1 
ATOM   345  C  C   . LYS A 1 48 ? 13.769  14.729  1.375   1.00 18.27 ? 139 LYS A C   1 
ATOM   346  O  O   . LYS A 1 48 ? 12.846  13.909  1.485   1.00 18.38 ? 139 LYS A O   1 
ATOM   347  C  CB  . LYS A 1 48 ? 15.603  14.265  3.003   1.00 17.10 ? 139 LYS A CB  1 
ATOM   348  C  CG  . LYS A 1 48 ? 16.937  14.526  2.282   1.00 18.25 ? 139 LYS A CG  1 
ATOM   349  C  CD  . LYS A 1 48 ? 17.847  13.298  2.242   1.00 19.52 ? 139 LYS A CD  1 
ATOM   350  C  CE  . LYS A 1 48 ? 19.326  13.678  2.468   1.00 21.04 ? 139 LYS A CE  1 
ATOM   351  N  NZ  . LYS A 1 48 ? 20.321  12.613  2.055   1.00 20.34 ? 139 LYS A NZ  1 
ATOM   352  N  N   . MET A 1 49 ? 14.195  15.200  0.211   1.00 19.02 ? 140 MET A N   1 
ATOM   353  C  CA  . MET A 1 49 ? 13.657  14.720  -1.047  1.00 20.34 ? 140 MET A CA  1 
ATOM   354  C  C   . MET A 1 49 ? 14.460  13.529  -1.586  1.00 20.53 ? 140 MET A C   1 
ATOM   355  O  O   . MET A 1 49 ? 15.693  13.550  -1.603  1.00 20.60 ? 140 MET A O   1 
ATOM   356  C  CB  . MET A 1 49 ? 13.636  15.855  -2.054  1.00 20.82 ? 140 MET A CB  1 
ATOM   357  C  CG  . MET A 1 49 ? 13.177  17.183  -1.452  1.00 24.44 ? 140 MET A CG  1 
ATOM   358  S  SD  . MET A 1 49 ? 12.674  18.310  -2.739  1.00 34.18 ? 140 MET A SD  1 
ATOM   359  C  CE  . MET A 1 49 ? 13.223  17.355  -4.165  1.00 32.03 ? 140 MET A CE  1 
ATOM   360  N  N   . HIS A 1 50 ? 13.745  12.489  -2.000  1.00 20.50 ? 141 HIS A N   1 
ATOM   361  C  CA  . HIS A 1 50 ? 14.342  11.331  -2.627  1.00 20.69 ? 141 HIS A CA  1 
ATOM   362  C  C   . HIS A 1 50 ? 13.775  11.210  -4.032  1.00 20.76 ? 141 HIS A C   1 
ATOM   363  O  O   . HIS A 1 50 ? 12.593  11.459  -4.244  1.00 20.77 ? 141 HIS A O   1 
ATOM   364  C  CB  . HIS A 1 50 ? 14.029  10.060  -1.826  1.00 21.00 ? 141 HIS A CB  1 
ATOM   365  C  CG  . HIS A 1 50 ? 14.653  10.025  -0.467  1.00 21.18 ? 141 HIS A CG  1 
ATOM   366  N  ND1 . HIS A 1 50 ? 14.207  10.805  0.577   1.00 22.60 ? 141 HIS A ND1 1 
ATOM   367  C  CD2 . HIS A 1 50 ? 15.672  9.283   0.027   1.00 22.65 ? 141 HIS A CD2 1 
ATOM   368  C  CE1 . HIS A 1 50 ? 14.931  10.555  1.655   1.00 22.47 ? 141 HIS A CE1 1 
ATOM   369  N  NE2 . HIS A 1 50 ? 15.831  9.636   1.346   1.00 23.81 ? 141 HIS A NE2 1 
ATOM   370  N  N   . THR A 1 51 ? 14.634  10.854  -4.984  1.00 20.95 ? 142 THR A N   1 
ATOM   371  C  CA  . THR A 1 51 ? 14.222  10.470  -6.328  1.00 21.10 ? 142 THR A CA  1 
ATOM   372  C  C   . THR A 1 51 ? 14.043  8.952   -6.336  1.00 21.39 ? 142 THR A C   1 
ATOM   373  O  O   . THR A 1 51 ? 15.019  8.222   -6.169  1.00 21.34 ? 142 THR A O   1 
ATOM   374  C  CB  . THR A 1 51 ? 15.294  10.887  -7.376  1.00 21.09 ? 142 THR A CB  1 
ATOM   375  O  OG1 . THR A 1 51 ? 15.272  12.306  -7.542  1.00 20.30 ? 142 THR A OG1 1 
ATOM   376  C  CG2 . THR A 1 51 ? 15.052  10.230  -8.737  1.00 20.61 ? 142 THR A CG2 1 
ATOM   377  N  N   . SER A 1 52 ? 12.807  8.481   -6.505  1.00 21.74 ? 143 SER A N   1 
ATOM   378  C  CA  . SER A 1 52 ? 12.553  7.046   -6.606  1.00 22.68 ? 143 SER A CA  1 
ATOM   379  C  C   . SER A 1 52 ? 13.243  6.438   -7.827  1.00 22.94 ? 143 SER A C   1 
ATOM   380  O  O   . SER A 1 52 ? 13.330  7.059   -8.893  1.00 23.33 ? 143 SER A O   1 
ATOM   381  C  CB  . SER A 1 52 ? 11.054  6.729   -6.644  1.00 22.85 ? 143 SER A CB  1 
ATOM   382  O  OG  . SER A 1 52 ? 10.828  5.455   -7.248  1.00 23.60 ? 143 SER A OG  1 
ATOM   383  N  N   . THR A 1 53 ? 13.748  5.224   -7.664  1.00 23.05 ? 144 THR A N   1 
ATOM   384  C  CA  . THR A 1 53 ? 14.364  4.506   -8.782  1.00 23.21 ? 144 THR A CA  1 
ATOM   385  C  C   . THR A 1 53 ? 13.303  3.689   -9.522  1.00 22.98 ? 144 THR A C   1 
ATOM   386  O  O   . THR A 1 53 ? 13.623  2.924   -10.438 1.00 23.06 ? 144 THR A O   1 
ATOM   387  C  CB  . THR A 1 53 ? 15.525  3.582   -8.320  1.00 23.56 ? 144 THR A CB  1 
ATOM   388  O  OG1 . THR A 1 53 ? 15.026  2.598   -7.397  1.00 24.15 ? 144 THR A OG1 1 
ATOM   389  C  CG2 . THR A 1 53 ? 16.656  4.397   -7.654  1.00 23.62 ? 144 THR A CG2 1 
ATOM   390  N  N   . GLY A 1 54 ? 12.042  3.857   -9.108  1.00 22.79 ? 145 GLY A N   1 
ATOM   391  C  CA  . GLY A 1 54 ? 10.885  3.213   -9.751  1.00 22.33 ? 145 GLY A CA  1 
ATOM   392  C  C   . GLY A 1 54 ? 10.374  1.964   -9.068  1.00 21.62 ? 145 GLY A C   1 
ATOM   393  O  O   . GLY A 1 54 ? 11.167  1.142   -8.614  1.00 22.10 ? 145 GLY A O   1 
ATOM   394  N  N   . GLY A 1 55 ? 9.049   1.826   -9.001  1.00 21.02 ? 146 GLY A N   1 
ATOM   395  C  CA  . GLY A 1 55 ? 8.394   0.652   -8.399  1.00 20.23 ? 146 GLY A CA  1 
ATOM   396  C  C   . GLY A 1 55 ? 7.881   0.812   -6.964  1.00 19.80 ? 146 GLY A C   1 
ATOM   397  O  O   . GLY A 1 55 ? 7.077   -0.016  -6.491  1.00 20.12 ? 146 GLY A O   1 
ATOM   398  N  N   . GLY A 1 56 ? 8.341   1.859   -6.264  1.00 18.62 ? 147 GLY A N   1 
ATOM   399  C  CA  . GLY A 1 56 ? 7.940   2.120   -4.875  1.00 17.22 ? 147 GLY A CA  1 
ATOM   400  C  C   . GLY A 1 56 ? 6.516   2.632   -4.732  1.00 16.49 ? 147 GLY A C   1 
ATOM   401  O  O   . GLY A 1 56 ? 5.787   2.760   -5.722  1.00 16.25 ? 147 GLY A O   1 
ATOM   402  N  N   . PHE A 1 57 ? 6.113   2.917   -3.496  1.00 15.45 ? 148 PHE A N   1 
ATOM   403  C  CA  . PHE A 1 57 ? 4.758   3.396   -3.202  1.00 14.86 ? 148 PHE A CA  1 
ATOM   404  C  C   . PHE A 1 57 ? 4.695   4.324   -1.970  1.00 15.02 ? 148 PHE A C   1 
ATOM   405  O  O   . PHE A 1 57 ? 5.557   4.281   -1.086  1.00 14.76 ? 148 PHE A O   1 
ATOM   406  C  CB  . PHE A 1 57 ? 3.744   2.231   -3.092  1.00 14.13 ? 148 PHE A CB  1 
ATOM   407  C  CG  . PHE A 1 57 ? 4.148   1.140   -2.115  1.00 14.08 ? 148 PHE A CG  1 
ATOM   408  C  CD1 . PHE A 1 57 ? 4.860   0.015   -2.556  1.00 13.42 ? 148 PHE A CD1 1 
ATOM   409  C  CD2 . PHE A 1 57 ? 3.826   1.229   -0.772  1.00 11.14 ? 148 PHE A CD2 1 
ATOM   410  C  CE1 . PHE A 1 57 ? 5.248   -0.984  -1.663  1.00 12.33 ? 148 PHE A CE1 1 
ATOM   411  C  CE2 . PHE A 1 57 ? 4.207   0.220   0.122   1.00 11.37 ? 148 PHE A CE2 1 
ATOM   412  C  CZ  . PHE A 1 57 ? 4.921   -0.883  -0.335  1.00 10.62 ? 148 PHE A CZ  1 
ATOM   413  N  N   . CYS A 1 58 ? 3.675   5.176   -1.933  1.00 15.08 ? 149 CYS A N   1 
ATOM   414  C  CA  . CYS A 1 58 ? 3.506   6.143   -0.846  1.00 14.98 ? 149 CYS A CA  1 
ATOM   415  C  C   . CYS A 1 58 ? 3.132   5.493   0.497   1.00 14.96 ? 149 CYS A C   1 
ATOM   416  O  O   . CYS A 1 58 ? 2.188   4.678   0.584   1.00 14.37 ? 149 CYS A O   1 
ATOM   417  C  CB  . CYS A 1 58 ? 2.469   7.187   -1.234  1.00 15.01 ? 149 CYS A CB  1 
ATOM   418  S  SG  . CYS A 1 58 ? 2.072   8.349   0.085   1.00 16.64 ? 149 CYS A SG  1 
ATOM   419  N  N   . ASP A 1 59 ? 3.849   5.899   1.551   1.00 13.95 ? 150 ASP A N   1 
ATOM   420  C  CA  . ASP A 1 59 ? 3.633   5.345   2.882   1.00 13.79 ? 150 ASP A CA  1 
ATOM   421  C  C   . ASP A 1 59 ? 2.642   6.082   3.757   1.00 13.77 ? 150 ASP A C   1 
ATOM   422  O  O   . ASP A 1 59 ? 2.543   5.790   4.946   1.00 14.12 ? 150 ASP A O   1 
ATOM   423  C  CB  . ASP A 1 59 ? 4.975   5.164   3.605   1.00 13.33 ? 150 ASP A CB  1 
ATOM   424  C  CG  . ASP A 1 59 ? 5.862   4.144   2.901   1.00 13.48 ? 150 ASP A CG  1 
ATOM   425  O  OD1 . ASP A 1 59 ? 5.346   3.073   2.518   1.00 12.49 ? 150 ASP A OD1 1 
ATOM   426  O  OD2 . ASP A 1 59 ? 7.054   4.412   2.715   1.00 12.24 ? 150 ASP A OD2 1 
ATOM   427  N  N   . CYS A 1 60 ? 1.884   7.008   3.171   1.00 14.34 ? 151 CYS A N   1 
ATOM   428  C  CA  . CYS A 1 60 ? 0.851   7.724   3.915   1.00 14.50 ? 151 CYS A CA  1 
ATOM   429  C  C   . CYS A 1 60 ? -0.039  6.752   4.650   1.00 14.78 ? 151 CYS A C   1 
ATOM   430  O  O   . CYS A 1 60 ? -0.505  5.747   4.075   1.00 14.17 ? 151 CYS A O   1 
ATOM   431  C  CB  . CYS A 1 60 ? -0.024  8.592   3.009   1.00 14.77 ? 151 CYS A CB  1 
ATOM   432  S  SG  . CYS A 1 60 ? -1.159  9.622   4.011   1.00 17.98 ? 151 CYS A SG  1 
ATOM   433  N  N   . GLY A 1 61 ? -0.247  7.049   5.927   1.00 15.03 ? 152 GLY A N   1 
ATOM   434  C  CA  . GLY A 1 61 ? -1.119  6.261   6.784   1.00 15.81 ? 152 GLY A CA  1 
ATOM   435  C  C   . GLY A 1 61 ? -0.542  4.941   7.243   1.00 16.38 ? 152 GLY A C   1 
ATOM   436  O  O   . GLY A 1 61 ? -1.244  4.163   7.896   1.00 15.88 ? 152 GLY A O   1 
ATOM   437  N  N   . ASP A 1 62 ? 0.722   4.664   6.894   1.00 17.22 ? 153 ASP A N   1 
ATOM   438  C  CA  . ASP A 1 62 ? 1.406   3.489   7.460   1.00 17.50 ? 153 ASP A CA  1 
ATOM   439  C  C   . ASP A 1 62 ? 1.845   3.842   8.873   1.00 17.57 ? 153 ASP A C   1 
ATOM   440  O  O   . ASP A 1 62 ? 2.835   4.539   9.101   1.00 17.52 ? 153 ASP A O   1 
ATOM   441  C  CB  . ASP A 1 62 ? 2.603   3.032   6.629   1.00 17.80 ? 153 ASP A CB  1 
ATOM   442  C  CG  . ASP A 1 62 ? 3.234   1.746   7.172   1.00 18.40 ? 153 ASP A CG  1 
ATOM   443  O  OD1 . ASP A 1 62 ? 2.813   1.276   8.257   1.00 15.84 ? 153 ASP A OD1 1 
ATOM   444  O  OD2 . ASP A 1 62 ? 4.150   1.205   6.513   1.00 20.23 ? 153 ASP A OD2 1 
ATOM   445  N  N   . THR A 1 63 ? 1.086   3.337   9.819   1.00 17.55 ? 154 THR A N   1 
ATOM   446  C  CA  . THR A 1 63 ? 1.161   3.791   11.185  1.00 18.42 ? 154 THR A CA  1 
ATOM   447  C  C   . THR A 1 63 ? 2.382   3.165   11.919  1.00 18.20 ? 154 THR A C   1 
ATOM   448  O  O   . THR A 1 63 ? 2.762   3.580   13.016  1.00 18.53 ? 154 THR A O   1 
ATOM   449  C  CB  . THR A 1 63 ? -0.217  3.511   11.821  1.00 18.83 ? 154 THR A CB  1 
ATOM   450  O  OG1 . THR A 1 63 ? -0.534  4.525   12.778  1.00 22.56 ? 154 THR A OG1 1 
ATOM   451  C  CG2 . THR A 1 63 ? -0.300  2.124   12.401  1.00 15.87 ? 154 THR A CG2 1 
ATOM   452  N  N   . GLU A 1 64 ? 3.007   2.205   11.245  1.00 17.58 ? 155 GLU A N   1 
ATOM   453  C  CA  . GLU A 1 64 ? 4.252   1.560   11.629  1.00 17.45 ? 155 GLU A CA  1 
ATOM   454  C  C   . GLU A 1 64 ? 5.485   2.280   11.014  1.00 16.58 ? 155 GLU A C   1 
ATOM   455  O  O   . GLU A 1 64 ? 6.631   1.932   11.309  1.00 16.38 ? 155 GLU A O   1 
ATOM   456  C  CB  . GLU A 1 64 ? 4.182   0.112   11.119  1.00 17.85 ? 155 GLU A CB  1 
ATOM   457  C  CG  . GLU A 1 64 ? 4.880   -0.936  11.962  1.00 20.90 ? 155 GLU A CG  1 
ATOM   458  C  CD  . GLU A 1 64 ? 3.937   -1.973  12.624  1.00 22.23 ? 155 GLU A CD  1 
ATOM   459  O  OE1 . GLU A 1 64 ? 4.463   -2.779  13.404  1.00 21.22 ? 155 GLU A OE1 1 
ATOM   460  O  OE2 . GLU A 1 64 ? 2.710   -2.016  12.366  1.00 22.97 ? 155 GLU A OE2 1 
ATOM   461  N  N   . ALA A 1 65 ? 5.255   3.284   10.163  1.00 15.36 ? 156 ALA A N   1 
ATOM   462  C  CA  . ALA A 1 65 ? 6.335   3.945   9.439   1.00 14.39 ? 156 ALA A CA  1 
ATOM   463  C  C   . ALA A 1 65 ? 6.690   5.353   9.941   1.00 13.86 ? 156 ALA A C   1 
ATOM   464  O  O   . ALA A 1 65 ? 7.678   5.930   9.502   1.00 13.98 ? 156 ALA A O   1 
ATOM   465  C  CB  . ALA A 1 65 ? 6.019   3.987   7.913   1.00 14.55 ? 156 ALA A CB  1 
ATOM   466  N  N   . TRP A 1 66 ? 5.879   5.916   10.826  1.00 13.20 ? 157 TRP A N   1 
ATOM   467  C  CA  . TRP A 1 66 ? 6.032   7.311   11.251  1.00 12.63 ? 157 TRP A CA  1 
ATOM   468  C  C   . TRP A 1 66 ? 5.910   7.379   12.773  1.00 12.58 ? 157 TRP A C   1 
ATOM   469  O  O   . TRP A 1 66 ? 4.985   6.804   13.332  1.00 12.84 ? 157 TRP A O   1 
ATOM   470  C  CB  . TRP A 1 66 ? 4.959   8.193   10.567  1.00 12.42 ? 157 TRP A CB  1 
ATOM   471  C  CG  . TRP A 1 66 ? 4.983   8.066   9.058   1.00 12.87 ? 157 TRP A CG  1 
ATOM   472  C  CD1 . TRP A 1 66 ? 4.221   7.228   8.292   1.00 14.09 ? 157 TRP A CD1 1 
ATOM   473  C  CD2 . TRP A 1 66 ? 5.860   8.749   8.142   1.00 12.93 ? 157 TRP A CD2 1 
ATOM   474  N  NE1 . TRP A 1 66 ? 4.555   7.359   6.960   1.00 10.81 ? 157 TRP A NE1 1 
ATOM   475  C  CE2 . TRP A 1 66 ? 5.560   8.275   6.841   1.00 12.37 ? 157 TRP A CE2 1 
ATOM   476  C  CE3 . TRP A 1 66 ? 6.860   9.721   8.293   1.00 10.87 ? 157 TRP A CE3 1 
ATOM   477  C  CZ2 . TRP A 1 66 ? 6.223   8.741   5.697   1.00 12.32 ? 157 TRP A CZ2 1 
ATOM   478  C  CZ3 . TRP A 1 66 ? 7.527   10.178  7.159   1.00 10.96 ? 157 TRP A CZ3 1 
ATOM   479  C  CH2 . TRP A 1 66 ? 7.197   9.690   5.872   1.00 11.58 ? 157 TRP A CH2 1 
ATOM   480  N  N   . LYS A 1 67 ? 6.829   8.054   13.459  1.00 12.67 ? 158 LYS A N   1 
ATOM   481  C  CA  . LYS A 1 67 ? 6.719   8.159   14.932  1.00 13.24 ? 158 LYS A CA  1 
ATOM   482  C  C   . LYS A 1 67 ? 5.576   9.097   15.296  1.00 13.63 ? 158 LYS A C   1 
ATOM   483  O  O   . LYS A 1 67 ? 4.928   8.959   16.350  1.00 13.51 ? 158 LYS A O   1 
ATOM   484  C  CB  . LYS A 1 67 ? 8.014   8.680   15.582  1.00 13.66 ? 158 LYS A CB  1 
ATOM   485  C  CG  . LYS A 1 67 ? 9.180   7.690   15.649  1.00 15.02 ? 158 LYS A CG  1 
ATOM   486  C  CD  . LYS A 1 67 ? 10.193  7.961   14.559  1.00 17.78 ? 158 LYS A CD  1 
ATOM   487  C  CE  . LYS A 1 67 ? 11.140  9.077   14.942  1.00 18.27 ? 158 LYS A CE  1 
ATOM   488  N  NZ  . LYS A 1 67 ? 12.469  8.548   15.317  1.00 20.81 ? 158 LYS A NZ  1 
ATOM   489  N  N   . THR A 1 68 ? 5.349   10.046  14.394  1.00 13.60 ? 159 THR A N   1 
ATOM   490  C  CA  . THR A 1 68 ? 4.427   11.152  14.568  1.00 14.29 ? 159 THR A CA  1 
ATOM   491  C  C   . THR A 1 68 ? 3.861   11.493  13.175  1.00 14.29 ? 159 THR A C   1 
ATOM   492  O  O   . THR A 1 68 ? 4.559   11.328  12.163  1.00 13.75 ? 159 THR A O   1 
ATOM   493  C  CB  . THR A 1 68 ? 5.180   12.355  15.270  1.00 14.57 ? 159 THR A CB  1 
ATOM   494  O  OG1 . THR A 1 68 ? 4.961   12.304  16.695  1.00 14.79 ? 159 THR A OG1 1 
ATOM   495  C  CG2 . THR A 1 68 ? 4.767   13.707  14.720  1.00 14.94 ? 159 THR A CG2 1 
ATOM   496  N  N   . GLY A 1 69 ? 2.597   11.924  13.135  1.00 14.49 ? 160 GLY A N   1 
ATOM   497  C  CA  . GLY A 1 69 ? 1.939   12.395  11.910  1.00 14.71 ? 160 GLY A CA  1 
ATOM   498  C  C   . GLY A 1 69 ? 1.876   11.381  10.768  1.00 14.95 ? 160 GLY A C   1 
ATOM   499  O  O   . GLY A 1 69 ? 2.314   11.691  9.650   1.00 14.91 ? 160 GLY A O   1 
ATOM   500  N  N   . PRO A 1 70 ? 1.327   10.173  11.026  1.00 14.32 ? 161 PRO A N   1 
ATOM   501  C  CA  . PRO A 1 70 ? 1.299   9.151   9.973   1.00 14.18 ? 161 PRO A CA  1 
ATOM   502  C  C   . PRO A 1 70 ? 0.351   9.403   8.782   1.00 14.43 ? 161 PRO A C   1 
ATOM   503  O  O   . PRO A 1 70 ? 0.557   8.802   7.713   1.00 14.40 ? 161 PRO A O   1 
ATOM   504  C  CB  . PRO A 1 70 ? 0.916   7.864   10.732  1.00 13.49 ? 161 PRO A CB  1 
ATOM   505  C  CG  . PRO A 1 70 ? 0.202   8.327   11.938  1.00 14.35 ? 161 PRO A CG  1 
ATOM   506  C  CD  . PRO A 1 70 ? 0.795   9.667   12.307  1.00 14.68 ? 161 PRO A CD  1 
ATOM   507  N  N   . PHE A 1 71 ? -0.658  10.269  8.943   1.00 14.46 ? 162 PHE A N   1 
ATOM   508  C  CA  . PHE A 1 71 ? -1.624  10.569  7.865   1.00 14.78 ? 162 PHE A CA  1 
ATOM   509  C  C   . PHE A 1 71 ? -1.536  12.033  7.436   1.00 14.97 ? 162 PHE A C   1 
ATOM   510  O  O   . PHE A 1 71 ? -1.441  12.905  8.286   1.00 15.21 ? 162 PHE A O   1 
ATOM   511  C  CB  . PHE A 1 71 ? -3.090  10.351  8.314   1.00 14.89 ? 162 PHE A CB  1 
ATOM   512  C  CG  . PHE A 1 71 ? -3.334  9.097   9.124   1.00 15.49 ? 162 PHE A CG  1 
ATOM   513  C  CD1 . PHE A 1 71 ? -3.789  7.938   8.510   1.00 16.49 ? 162 PHE A CD1 1 
ATOM   514  C  CD2 . PHE A 1 71 ? -3.174  9.099   10.510  1.00 16.12 ? 162 PHE A CD2 1 
ATOM   515  C  CE1 . PHE A 1 71 ? -4.032  6.780   9.254   1.00 17.27 ? 162 PHE A CE1 1 
ATOM   516  C  CE2 . PHE A 1 71 ? -3.405  7.945   11.257  1.00 16.38 ? 162 PHE A CE2 1 
ATOM   517  C  CZ  . PHE A 1 71 ? -3.826  6.785   10.630  1.00 16.78 ? 162 PHE A CZ  1 
ATOM   518  N  N   . CYS A 1 72 ? -1.632  12.313  6.140   1.00 15.10 ? 163 CYS A N   1 
ATOM   519  C  CA  . CYS A 1 72 ? -1.890  13.702  5.673   1.00 15.46 ? 163 CYS A CA  1 
ATOM   520  C  C   . CYS A 1 72 ? -3.323  14.138  6.034   1.00 15.37 ? 163 CYS A C   1 
ATOM   521  O  O   . CYS A 1 72 ? -4.092  13.330  6.554   1.00 14.95 ? 163 CYS A O   1 
ATOM   522  C  CB  . CYS A 1 72 ? -1.631  13.835  4.169   1.00 15.01 ? 163 CYS A CB  1 
ATOM   523  S  SG  . CYS A 1 72 ? -2.834  12.976  3.120   1.00 15.98 ? 163 CYS A SG  1 
ATOM   524  N  N   . VAL A 1 73 ? -3.693  15.397  5.782   1.00 15.65 ? 164 VAL A N   1 
ATOM   525  C  CA  . VAL A 1 73 ? -5.077  15.832  6.074   1.00 15.90 ? 164 VAL A CA  1 
ATOM   526  C  C   . VAL A 1 73 ? -6.132  15.103  5.182   1.00 16.03 ? 164 VAL A C   1 
ATOM   527  O  O   . VAL A 1 73 ? -7.212  14.740  5.664   1.00 16.08 ? 164 VAL A O   1 
ATOM   528  C  CB  . VAL A 1 73 ? -5.243  17.394  6.081   1.00 15.88 ? 164 VAL A CB  1 
ATOM   529  C  CG1 . VAL A 1 73 ? -6.712  17.808  6.168   1.00 16.05 ? 164 VAL A CG1 1 
ATOM   530  C  CG2 . VAL A 1 73 ? -4.479  18.007  7.235   1.00 15.61 ? 164 VAL A CG2 1 
ATOM   531  N  N   . ASN A 1 74 ? -5.790  14.883  3.910   1.00 16.05 ? 165 ASN A N   1 
ATOM   532  C  CA  . ASN A 1 74 ? -6.630  14.177  2.928   1.00 16.24 ? 165 ASN A CA  1 
ATOM   533  C  C   . ASN A 1 74 ? -6.949  12.720  3.337   1.00 16.69 ? 165 ASN A C   1 
ATOM   534  O  O   . ASN A 1 74 ? -8.095  12.286  3.203   1.00 16.19 ? 165 ASN A O   1 
ATOM   535  C  CB  . ASN A 1 74 ? -5.967  14.254  1.533   1.00 16.19 ? 165 ASN A CB  1 
ATOM   536  C  CG  . ASN A 1 74 ? -6.793  13.592  0.413   1.00 17.34 ? 165 ASN A CG  1 
ATOM   537  O  OD1 . ASN A 1 74 ? -7.986  13.878  0.227   1.00 17.04 ? 165 ASN A OD1 1 
ATOM   538  N  ND2 . ASN A 1 74 ? -6.139  12.720  -0.358  1.00 18.16 ? 165 ASN A ND2 1 
ATOM   539  N  N   . HIS A 1 75 ? -5.951  11.983  3.853   1.00 17.01 ? 166 HIS A N   1 
ATOM   540  C  CA  . HIS A 1 75 ? -6.159  10.579  4.282   1.00 17.29 ? 166 HIS A CA  1 
ATOM   541  C  C   . HIS A 1 75 ? -6.361  10.439  5.775   1.00 17.61 ? 166 HIS A C   1 
ATOM   542  O  O   . HIS A 1 75 ? -6.585  9.340   6.269   1.00 17.21 ? 166 HIS A O   1 
ATOM   543  C  CB  . HIS A 1 75 ? -5.072  9.630   3.757   1.00 17.16 ? 166 HIS A CB  1 
ATOM   544  C  CG  . HIS A 1 75 ? -4.945  9.647   2.268   1.00 16.15 ? 166 HIS A CG  1 
ATOM   545  N  ND1 . HIS A 1 75 ? -3.854  10.181  1.620   1.00 15.98 ? 166 HIS A ND1 1 
ATOM   546  C  CD2 . HIS A 1 75 ? -5.799  9.247   1.296   1.00 16.10 ? 166 HIS A CD2 1 
ATOM   547  C  CE1 . HIS A 1 75 ? -4.026  10.083  0.312   1.00 14.63 ? 166 HIS A CE1 1 
ATOM   548  N  NE2 . HIS A 1 75 ? -5.203  9.526   0.090   1.00 15.32 ? 166 HIS A NE2 1 
ATOM   549  N  N   . GLU A 1 76 ? -6.259  11.563  6.479   1.00 18.31 ? 167 GLU A N   1 
ATOM   550  C  CA  . GLU A 1 76 ? -6.848  11.736  7.814   1.00 19.81 ? 167 GLU A CA  1 
ATOM   551  C  C   . GLU A 1 76 ? -6.136  12.692  8.768   1.00 20.44 ? 167 GLU A C   1 
ATOM   552  O  O   . GLU A 1 76 ? -6.733  13.685  9.210   1.00 21.54 ? 167 GLU A O   1 
ATOM   553  C  CB  . GLU A 1 76 ? -7.131  10.408  8.494   1.00 20.00 ? 167 GLU A CB  1 
ATOM   554  C  CG  . GLU A 1 76 ? -8.573  10.259  8.802   1.00 19.21 ? 167 GLU A CG  1 
ATOM   555  C  CD  . GLU A 1 76 ? -8.786  9.278   9.902   1.00 20.78 ? 167 GLU A CD  1 
ATOM   556  O  OE1 . GLU A 1 76 ? -7.802  8.612   10.303  1.00 20.60 ? 167 GLU A OE1 1 
ATOM   557  O  OE2 . GLU A 1 76 ? -9.933  9.194   10.379  1.00 21.16 ? 167 GLU A OE2 1 
ATOM   558  N  N   . LEU B 1 7  ? -16.937 -5.245  -5.406  1.00 20.53 ? 98  LEU B N   1 
ATOM   559  C  CA  . LEU B 1 7  ? -17.297 -6.685  -5.299  1.00 20.53 ? 98  LEU B CA  1 
ATOM   560  C  C   . LEU B 1 7  ? -17.165 -7.176  -3.852  1.00 20.26 ? 98  LEU B C   1 
ATOM   561  O  O   . LEU B 1 7  ? -18.157 -7.194  -3.128  1.00 20.30 ? 98  LEU B O   1 
ATOM   562  C  CB  . LEU B 1 7  ? -16.456 -7.531  -6.263  1.00 20.56 ? 98  LEU B CB  1 
ATOM   563  C  CG  . LEU B 1 7  ? -16.943 -7.648  -7.708  1.00 21.58 ? 98  LEU B CG  1 
ATOM   564  C  CD1 . LEU B 1 7  ? -16.614 -6.402  -8.559  1.00 22.41 ? 98  LEU B CD1 1 
ATOM   565  C  CD2 . LEU B 1 7  ? -16.391 -8.915  -8.340  1.00 22.64 ? 98  LEU B CD2 1 
ATOM   566  N  N   . CYS B 1 8  ? -15.954 -7.562  -3.437  1.00 19.79 ? 99  CYS B N   1 
ATOM   567  C  CA  . CYS B 1 8  ? -15.671 -7.905  -2.030  1.00 19.61 ? 99  CYS B CA  1 
ATOM   568  C  C   . CYS B 1 8  ? -15.743 -6.667  -1.135  1.00 20.15 ? 99  CYS B C   1 
ATOM   569  O  O   . CYS B 1 8  ? -16.540 -6.606  -0.195  1.00 19.90 ? 99  CYS B O   1 
ATOM   570  C  CB  . CYS B 1 8  ? -14.296 -8.557  -1.891  1.00 19.16 ? 99  CYS B CB  1 
ATOM   571  S  SG  . CYS B 1 8  ? -13.811 -9.001  -0.193  1.00 17.32 ? 99  CYS B SG  1 
ATOM   572  N  N   . GLY B 1 9  ? -14.882 -5.694  -1.429  1.00 20.66 ? 100 GLY B N   1 
ATOM   573  C  CA  . GLY B 1 9  ? -14.888 -4.403  -0.759  1.00 21.18 ? 100 GLY B CA  1 
ATOM   574  C  C   . GLY B 1 9  ? -14.488 -4.395  0.705   1.00 21.38 ? 100 GLY B C   1 
ATOM   575  O  O   . GLY B 1 9  ? -14.482 -3.329  1.331   1.00 21.90 ? 100 GLY B O   1 
ATOM   576  N  N   . ARG B 1 10 ? -14.146 -5.559  1.262   1.00 21.00 ? 101 ARG B N   1 
ATOM   577  C  CA  . ARG B 1 10 ? -13.809 -5.609  2.676   1.00 20.73 ? 101 ARG B CA  1 
ATOM   578  C  C   . ARG B 1 10 ? -12.555 -4.782  2.972   1.00 19.73 ? 101 ARG B C   1 
ATOM   579  O  O   . ARG B 1 10 ? -11.559 -4.862  2.243   1.00 19.54 ? 101 ARG B O   1 
ATOM   580  C  CB  . ARG B 1 10 ? -13.709 -7.041  3.189   1.00 21.10 ? 101 ARG B CB  1 
ATOM   581  C  CG  . ARG B 1 10 ? -12.325 -7.595  3.333   1.00 22.93 ? 101 ARG B CG  1 
ATOM   582  C  CD  . ARG B 1 10 ? -12.248 -8.483  4.559   1.00 26.85 ? 101 ARG B CD  1 
ATOM   583  N  NE  . ARG B 1 10 ? -12.385 -7.697  5.785   1.00 29.15 ? 101 ARG B NE  1 
ATOM   584  C  CZ  . ARG B 1 10 ? -12.038 -8.121  6.997   1.00 30.28 ? 101 ARG B CZ  1 
ATOM   585  N  NH1 . ARG B 1 10 ? -11.516 -9.336  7.164   1.00 32.57 ? 101 ARG B NH1 1 
ATOM   586  N  NH2 . ARG B 1 10 ? -12.203 -7.328  8.046   1.00 29.83 ? 101 ARG B NH2 1 
ATOM   587  N  N   . VAL B 1 11 ? -12.644 -3.945  4.006   1.00 18.93 ? 102 VAL B N   1 
ATOM   588  C  CA  . VAL B 1 11 ? -11.528 -3.080  4.376   1.00 18.26 ? 102 VAL B CA  1 
ATOM   589  C  C   . VAL B 1 11 ? -10.829 -3.625  5.618   1.00 18.02 ? 102 VAL B C   1 
ATOM   590  O  O   . VAL B 1 11 ? -11.473 -4.111  6.543   1.00 17.82 ? 102 VAL B O   1 
ATOM   591  C  CB  . VAL B 1 11 ? -11.904 -1.555  4.471   1.00 18.09 ? 102 VAL B CB  1 
ATOM   592  C  CG1 . VAL B 1 11 ? -13.238 -1.270  3.804   1.00 17.94 ? 102 VAL B CG1 1 
ATOM   593  C  CG2 . VAL B 1 11 ? -11.825 -1.003  5.904   1.00 17.14 ? 102 VAL B CG2 1 
ATOM   594  N  N   . PHE B 1 12 ? -9.503  -3.572  5.597   1.00 17.52 ? 103 PHE B N   1 
ATOM   595  C  CA  . PHE B 1 12 ? -8.687  -4.209  6.624   1.00 17.36 ? 103 PHE B CA  1 
ATOM   596  C  C   . PHE B 1 12 ? -8.608  -3.415  7.918   1.00 17.67 ? 103 PHE B C   1 
ATOM   597  O  O   . PHE B 1 12 ? -8.563  -2.175  7.902   1.00 17.18 ? 103 PHE B O   1 
ATOM   598  C  CB  . PHE B 1 12 ? -7.292  -4.485  6.078   1.00 17.13 ? 103 PHE B CB  1 
ATOM   599  C  CG  . PHE B 1 12 ? -7.301  -5.154  4.729   1.00 17.23 ? 103 PHE B CG  1 
ATOM   600  C  CD1 . PHE B 1 12 ? -7.963  -6.372  4.538   1.00 17.34 ? 103 PHE B CD1 1 
ATOM   601  C  CD2 . PHE B 1 12 ? -6.654  -4.577  3.650   1.00 17.15 ? 103 PHE B CD2 1 
ATOM   602  C  CE1 . PHE B 1 12 ? -7.977  -7.001  3.287   1.00 16.96 ? 103 PHE B CE1 1 
ATOM   603  C  CE2 . PHE B 1 12 ? -6.657  -5.202  2.399   1.00 18.09 ? 103 PHE B CE2 1 
ATOM   604  C  CZ  . PHE B 1 12 ? -7.327  -6.413  2.220   1.00 16.83 ? 103 PHE B CZ  1 
ATOM   605  N  N   . LYS B 1 13 ? -8.631  -4.150  9.032   1.00 18.17 ? 104 LYS B N   1 
ATOM   606  C  CA  . LYS B 1 13 ? -8.485  -3.578  10.378  1.00 19.00 ? 104 LYS B CA  1 
ATOM   607  C  C   . LYS B 1 13 ? -7.034  -3.788  10.805  1.00 19.18 ? 104 LYS B C   1 
ATOM   608  O  O   . LYS B 1 13 ? -6.301  -4.521  10.136  1.00 19.11 ? 104 LYS B O   1 
ATOM   609  C  CB  . LYS B 1 13 ? -9.454  -4.241  11.360  1.00 18.90 ? 104 LYS B CB  1 
ATOM   610  N  N   . SER B 1 14 ? -6.612  -3.123  11.882  1.00 19.45 ? 105 SER B N   1 
ATOM   611  C  CA  . SER B 1 14 ? -5.210  -3.175  12.326  1.00 19.65 ? 105 SER B CA  1 
ATOM   612  C  C   . SER B 1 14 ? -4.820  -4.592  12.715  1.00 19.48 ? 105 SER B C   1 
ATOM   613  O  O   . SER B 1 14 ? -5.528  -5.233  13.500  1.00 19.73 ? 105 SER B O   1 
ATOM   614  C  CB  . SER B 1 14 ? -4.985  -2.241  13.521  1.00 19.72 ? 105 SER B CB  1 
ATOM   615  O  OG  . SER B 1 14 ? -5.489  -0.942  13.250  1.00 21.31 ? 105 SER B OG  1 
ATOM   616  N  N   . GLY B 1 15 ? -3.704  -5.071  12.164  1.00 18.91 ? 106 GLY B N   1 
ATOM   617  C  CA  . GLY B 1 15 ? -3.144  -6.375  12.513  1.00 18.86 ? 106 GLY B CA  1 
ATOM   618  C  C   . GLY B 1 15 ? -3.650  -7.528  11.661  1.00 18.92 ? 106 GLY B C   1 
ATOM   619  O  O   . GLY B 1 15 ? -3.274  -8.680  11.878  1.00 18.96 ? 106 GLY B O   1 
ATOM   620  N  N   . GLU B 1 16 ? -4.491  -7.211  10.682  1.00 18.71 ? 107 GLU B N   1 
ATOM   621  C  CA  . GLU B 1 16 ? -5.166  -8.212  9.878   1.00 18.45 ? 107 GLU B CA  1 
ATOM   622  C  C   . GLU B 1 16 ? -4.220  -8.778  8.824   1.00 18.19 ? 107 GLU B C   1 
ATOM   623  O  O   . GLU B 1 16 ? -3.393  -8.054  8.261   1.00 18.31 ? 107 GLU B O   1 
ATOM   624  C  CB  . GLU B 1 16 ? -6.407  -7.585  9.234   1.00 18.27 ? 107 GLU B CB  1 
ATOM   625  C  CG  . GLU B 1 16 ? -7.286  -8.554  8.484   1.00 19.08 ? 107 GLU B CG  1 
ATOM   626  C  CD  . GLU B 1 16 ? -8.561  -7.920  7.970   1.00 21.25 ? 107 GLU B CD  1 
ATOM   627  O  OE1 . GLU B 1 16 ? -8.984  -8.293  6.848   1.00 20.50 ? 107 GLU B OE1 1 
ATOM   628  O  OE2 . GLU B 1 16 ? -9.140  -7.056  8.684   1.00 20.25 ? 107 GLU B OE2 1 
ATOM   629  N  N   . THR B 1 17 ? -4.335  -10.078 8.566   1.00 17.97 ? 108 THR B N   1 
ATOM   630  C  CA  . THR B 1 17 ? -3.514  -10.743 7.537   1.00 17.23 ? 108 THR B CA  1 
ATOM   631  C  C   . THR B 1 17 ? -4.114  -10.583 6.132   1.00 16.69 ? 108 THR B C   1 
ATOM   632  O  O   . THR B 1 17 ? -5.315  -10.790 5.914   1.00 16.51 ? 108 THR B O   1 
ATOM   633  C  CB  . THR B 1 17 ? -3.258  -12.254 7.880   1.00 17.58 ? 108 THR B CB  1 
ATOM   634  O  OG1 . THR B 1 17 ? -2.887  -12.379 9.252   1.00 16.99 ? 108 THR B OG1 1 
ATOM   635  C  CG2 . THR B 1 17 ? -2.147  -12.855 7.014   1.00 16.84 ? 108 THR B CG2 1 
ATOM   636  N  N   . THR B 1 18 ? -3.270  -10.182 5.184   1.00 16.35 ? 109 THR B N   1 
ATOM   637  C  CA  . THR B 1 18 ? -3.653  -10.066 3.767   1.00 15.55 ? 109 THR B CA  1 
ATOM   638  C  C   . THR B 1 18 ? -2.615  -10.798 2.905   1.00 14.69 ? 109 THR B C   1 
ATOM   639  O  O   . THR B 1 18 ? -1.572  -11.266 3.416   1.00 14.57 ? 109 THR B O   1 
ATOM   640  C  CB  . THR B 1 18 ? -3.754  -8.583  3.319   1.00 16.04 ? 109 THR B CB  1 
ATOM   641  O  OG1 . THR B 1 18 ? -2.437  -8.022  3.272   1.00 17.56 ? 109 THR B OG1 1 
ATOM   642  C  CG2 . THR B 1 18 ? -4.595  -7.770  4.306   1.00 16.02 ? 109 THR B CG2 1 
ATOM   643  N  N   . TYR B 1 19 ? -2.890  -10.908 1.605   1.00 13.35 ? 110 TYR B N   1 
ATOM   644  C  CA  . TYR B 1 19 ? -2.000  -11.627 0.711   1.00 11.82 ? 110 TYR B CA  1 
ATOM   645  C  C   . TYR B 1 19 ? -1.850  -10.925 -0.616  1.00 12.18 ? 110 TYR B C   1 
ATOM   646  O  O   . TYR B 1 19 ? -2.817  -10.382 -1.150  1.00 11.11 ? 110 TYR B O   1 
ATOM   647  C  CB  . TYR B 1 19 ? -2.561  -13.016 0.416   1.00 12.31 ? 110 TYR B CB  1 
ATOM   648  C  CG  . TYR B 1 19 ? -2.463  -14.000 1.548   1.00 9.98  ? 110 TYR B CG  1 
ATOM   649  C  CD1 . TYR B 1 19 ? -3.470  -14.089 2.519   1.00 9.41  ? 110 TYR B CD1 1 
ATOM   650  C  CD2 . TYR B 1 19 ? -1.383  -14.866 1.634   1.00 6.73  ? 110 TYR B CD2 1 
ATOM   651  C  CE1 . TYR B 1 19 ? -3.373  -15.025 3.580   1.00 8.54  ? 110 TYR B CE1 1 
ATOM   652  C  CE2 . TYR B 1 19 ? -1.287  -15.783 2.668   1.00 9.44  ? 110 TYR B CE2 1 
ATOM   653  C  CZ  . TYR B 1 19 ? -2.278  -15.854 3.644   1.00 8.76  ? 110 TYR B CZ  1 
ATOM   654  O  OH  . TYR B 1 19 ? -2.164  -16.791 4.661   1.00 9.69  ? 110 TYR B OH  1 
ATOM   655  N  N   . SER B 1 20 ? -0.634  -10.977 -1.157  1.00 12.24 ? 111 SER B N   1 
ATOM   656  C  CA  . SER B 1 20 ? -0.392  -10.592 -2.535  1.00 12.73 ? 111 SER B CA  1 
ATOM   657  C  C   . SER B 1 20 ? 0.052   -11.837 -3.308  1.00 12.82 ? 111 SER B C   1 
ATOM   658  O  O   . SER B 1 20 ? 0.279   -12.882 -2.709  1.00 13.79 ? 111 SER B O   1 
ATOM   659  C  CB  . SER B 1 20 ? 0.656   -9.468  -2.626  1.00 12.93 ? 111 SER B CB  1 
ATOM   660  O  OG  . SER B 1 20 ? 0.542   -8.824  -3.883  1.00 12.88 ? 111 SER B OG  1 
ATOM   661  N  N   . CYS B 1 21 ? 0.126   -11.740 -4.633  1.00 12.70 ? 112 CYS B N   1 
ATOM   662  C  CA  . CYS B 1 21 ? 0.703   -12.808 -5.437  1.00 12.39 ? 112 CYS B CA  1 
ATOM   663  C  C   . CYS B 1 21 ? 1.839   -12.253 -6.281  1.00 12.89 ? 112 CYS B C   1 
ATOM   664  O  O   . CYS B 1 21 ? 1.632   -11.326 -7.089  1.00 12.22 ? 112 CYS B O   1 
ATOM   665  C  CB  . CYS B 1 21 ? -0.346  -13.469 -6.342  1.00 12.70 ? 112 CYS B CB  1 
ATOM   666  S  SG  . CYS B 1 21 ? 0.329   -14.916 -7.218  1.00 11.31 ? 112 CYS B SG  1 
ATOM   667  N  N   . ARG B 1 22 ? 3.035   -12.821 -6.096  1.00 12.52 ? 113 ARG B N   1 
ATOM   668  C  CA  . ARG B 1 22 ? 4.213   -12.330 -6.808  1.00 12.78 ? 113 ARG B CA  1 
ATOM   669  C  C   . ARG B 1 22 ? 4.114   -12.661 -8.279  1.00 11.95 ? 113 ARG B C   1 
ATOM   670  O  O   . ARG B 1 22 ? 4.670   -11.958 -9.108  1.00 12.08 ? 113 ARG B O   1 
ATOM   671  C  CB  . ARG B 1 22 ? 5.512   -12.889 -6.220  1.00 12.88 ? 113 ARG B CB  1 
ATOM   672  C  CG  . ARG B 1 22 ? 5.779   -12.459 -4.784  1.00 14.60 ? 113 ARG B CG  1 
ATOM   673  C  CD  . ARG B 1 22 ? 7.250   -12.493 -4.513  1.00 17.64 ? 113 ARG B CD  1 
ATOM   674  N  NE  . ARG B 1 22 ? 7.699   -13.818 -4.124  1.00 20.22 ? 113 ARG B NE  1 
ATOM   675  C  CZ  . ARG B 1 22 ? 8.867   -14.356 -4.463  1.00 21.23 ? 113 ARG B CZ  1 
ATOM   676  N  NH1 . ARG B 1 22 ? 9.715   -13.720 -5.265  1.00 22.97 ? 113 ARG B NH1 1 
ATOM   677  N  NH2 . ARG B 1 22 ? 9.176   -15.562 -4.020  1.00 22.05 ? 113 ARG B NH2 1 
ATOM   678  N  N   . ASP B 1 23 ? 3.397   -13.732 -8.601  1.00 11.15 ? 114 ASP B N   1 
ATOM   679  C  CA  . ASP B 1 23 ? 3.150   -14.093 -9.998  1.00 10.69 ? 114 ASP B CA  1 
ATOM   680  C  C   . ASP B 1 23 ? 2.113   -13.192 -10.707 1.00 10.66 ? 114 ASP B C   1 
ATOM   681  O  O   . ASP B 1 23 ? 2.266   -12.881 -11.884 1.00 10.70 ? 114 ASP B O   1 
ATOM   682  C  CB  . ASP B 1 23 ? 2.755   -15.573 -10.106 1.00 10.13 ? 114 ASP B CB  1 
ATOM   683  C  CG  . ASP B 1 23 ? 3.887   -16.519 -9.677  1.00 11.10 ? 114 ASP B CG  1 
ATOM   684  O  OD1 . ASP B 1 23 ? 3.612   -17.545 -9.019  1.00 10.86 ? 114 ASP B OD1 1 
ATOM   685  O  OD2 . ASP B 1 23 ? 5.056   -16.238 -9.985  1.00 11.75 ? 114 ASP B OD2 1 
ATOM   686  N  N   . CYS B 1 24 ? 1.076   -12.751 -9.991  1.00 10.62 ? 115 CYS B N   1 
ATOM   687  C  CA  . CYS B 1 24 ? -0.075  -12.106 -10.629 1.00 10.69 ? 115 CYS B CA  1 
ATOM   688  C  C   . CYS B 1 24 ? -0.289  -10.626 -10.315 1.00 11.24 ? 115 CYS B C   1 
ATOM   689  O  O   . CYS B 1 24 ? -0.970  -9.950  -11.071 1.00 11.01 ? 115 CYS B O   1 
ATOM   690  C  CB  . CYS B 1 24 ? -1.376  -12.883 -10.335 1.00 10.40 ? 115 CYS B CB  1 
ATOM   691  S  SG  . CYS B 1 24 ? -1.247  -14.664 -10.738 1.00 10.57 ? 115 CYS B SG  1 
ATOM   692  N  N   . ALA B 1 25 ? 0.255   -10.119 -9.213  1.00 11.82 ? 116 ALA B N   1 
ATOM   693  C  CA  . ALA B 1 25 ? 0.006   -8.718  -8.853  1.00 12.66 ? 116 ALA B CA  1 
ATOM   694  C  C   . ALA B 1 25 ? 0.625   -7.774  -9.888  1.00 13.15 ? 116 ALA B C   1 
ATOM   695  O  O   . ALA B 1 25 ? 1.790   -7.949  -10.297 1.00 12.83 ? 116 ALA B O   1 
ATOM   696  C  CB  . ALA B 1 25 ? 0.523   -8.407  -7.461  1.00 12.67 ? 116 ALA B CB  1 
ATOM   697  N  N   . ILE B 1 26 ? -0.156  -6.787  -10.321 1.00 13.17 ? 117 ILE B N   1 
ATOM   698  C  CA  . ILE B 1 26 ? 0.354   -5.762  -11.246 1.00 13.59 ? 117 ILE B CA  1 
ATOM   699  C  C   . ILE B 1 26 ? 1.377   -4.866  -10.540 1.00 14.40 ? 117 ILE B C   1 
ATOM   700  O  O   . ILE B 1 26 ? 2.382   -4.471  -11.135 1.00 14.15 ? 117 ILE B O   1 
ATOM   701  C  CB  . ILE B 1 26 ? -0.804  -4.944  -11.878 1.00 13.49 ? 117 ILE B CB  1 
ATOM   702  C  CG1 . ILE B 1 26 ? -1.638  -5.847  -12.810 1.00 12.77 ? 117 ILE B CG1 1 
ATOM   703  C  CG2 . ILE B 1 26 ? -0.290  -3.672  -12.602 1.00 11.95 ? 117 ILE B CG2 1 
ATOM   704  C  CD1 . ILE B 1 26 ? -0.923  -6.288  -14.087 1.00 14.22 ? 117 ILE B CD1 1 
ATOM   705  N  N   . ASP B 1 27 ? 1.117   -4.564  -9.262  1.00 15.12 ? 118 ASP B N   1 
ATOM   706  C  CA  . ASP B 1 27 ? 2.088   -3.858  -8.407  1.00 15.40 ? 118 ASP B CA  1 
ATOM   707  C  C   . ASP B 1 27 ? 2.049   -4.380  -6.941  1.00 14.98 ? 118 ASP B C   1 
ATOM   708  O  O   . ASP B 1 27 ? 1.144   -5.133  -6.592  1.00 14.86 ? 118 ASP B O   1 
ATOM   709  C  CB  . ASP B 1 27 ? 1.916   -2.331  -8.545  1.00 16.23 ? 118 ASP B CB  1 
ATOM   710  C  CG  . ASP B 1 27 ? 0.593   -1.825  -7.995  1.00 17.53 ? 118 ASP B CG  1 
ATOM   711  O  OD1 . ASP B 1 27 ? -0.182  -1.172  -8.740  1.00 17.82 ? 118 ASP B OD1 1 
ATOM   712  O  OD2 . ASP B 1 27 ? 0.345   -2.061  -6.802  1.00 20.71 ? 118 ASP B OD2 1 
ATOM   713  N  N   . PRO B 1 28 ? 3.025   -4.001  -6.085  1.00 14.74 ? 119 PRO B N   1 
ATOM   714  C  CA  . PRO B 1 28 ? 3.066   -4.597  -4.723  1.00 14.71 ? 119 PRO B CA  1 
ATOM   715  C  C   . PRO B 1 28 ? 1.895   -4.243  -3.765  1.00 13.98 ? 119 PRO B C   1 
ATOM   716  O  O   . PRO B 1 28 ? 1.741   -4.905  -2.734  1.00 13.13 ? 119 PRO B O   1 
ATOM   717  C  CB  . PRO B 1 28 ? 4.406   -4.100  -4.135  1.00 14.94 ? 119 PRO B CB  1 
ATOM   718  C  CG  . PRO B 1 28 ? 5.167   -3.507  -5.272  1.00 15.24 ? 119 PRO B CG  1 
ATOM   719  C  CD  . PRO B 1 28 ? 4.160   -3.091  -6.322  1.00 15.17 ? 119 PRO B CD  1 
ATOM   720  N  N   . THR B 1 29 ? 1.088   -3.231  -4.114  1.00 13.34 ? 120 THR B N   1 
ATOM   721  C  CA  . THR B 1 29 ? -0.065  -2.818  -3.300  1.00 12.92 ? 120 THR B CA  1 
ATOM   722  C  C   . THR B 1 29 ? -1.323  -3.624  -3.652  1.00 13.34 ? 120 THR B C   1 
ATOM   723  O  O   . THR B 1 29 ? -2.367  -3.443  -3.010  1.00 13.07 ? 120 THR B O   1 
ATOM   724  C  CB  . THR B 1 29 ? -0.438  -1.329  -3.497  1.00 12.98 ? 120 THR B CB  1 
ATOM   725  O  OG1 . THR B 1 29 ? -0.975  -1.153  -4.820  1.00 13.65 ? 120 THR B OG1 1 
ATOM   726  C  CG2 . THR B 1 29 ? 0.764   -0.398  -3.283  1.00 11.29 ? 120 THR B CG2 1 
ATOM   727  N  N   . CYS B 1 30 ? -1.242  -4.470  -4.686  1.00 12.38 ? 121 CYS B N   1 
ATOM   728  C  CA  . CYS B 1 30 ? -2.374  -5.335  -5.035  1.00 13.02 ? 121 CYS B CA  1 
ATOM   729  C  C   . CYS B 1 30 ? -2.480  -6.456  -4.004  1.00 12.92 ? 121 CYS B C   1 
ATOM   730  O  O   . CYS B 1 30 ? -1.518  -7.195  -3.778  1.00 12.23 ? 121 CYS B O   1 
ATOM   731  C  CB  . CYS B 1 30 ? -2.242  -5.899  -6.454  1.00 12.79 ? 121 CYS B CB  1 
ATOM   732  S  SG  . CYS B 1 30 ? -2.237  -4.610  -7.706  1.00 14.75 ? 121 CYS B SG  1 
ATOM   733  N  N   . VAL B 1 31 ? -3.651  -6.571  -3.383  1.00 12.85 ? 122 VAL B N   1 
ATOM   734  C  CA  . VAL B 1 31 ? -3.793  -7.386  -2.184  1.00 13.23 ? 122 VAL B CA  1 
ATOM   735  C  C   . VAL B 1 31 ? -5.197  -8.042  -2.094  1.00 13.43 ? 122 VAL B C   1 
ATOM   736  O  O   . VAL B 1 31 ? -6.168  -7.518  -2.652  1.00 13.57 ? 122 VAL B O   1 
ATOM   737  C  CB  . VAL B 1 31 ? -3.445  -6.480  -0.967  1.00 13.83 ? 122 VAL B CB  1 
ATOM   738  C  CG1 . VAL B 1 31 ? -4.676  -5.816  -0.341  1.00 14.28 ? 122 VAL B CG1 1 
ATOM   739  C  CG2 . VAL B 1 31 ? -2.543  -7.178  0.030   1.00 14.66 ? 122 VAL B CG2 1 
ATOM   740  N  N   . LEU B 1 32 ? -5.291  -9.195  -1.430  1.00 13.10 ? 123 LEU B N   1 
ATOM   741  C  CA  . LEU B 1 32 ? -6.575  -9.862  -1.157  1.00 13.03 ? 123 LEU B CA  1 
ATOM   742  C  C   . LEU B 1 32 ? -6.709  -10.110 0.327   1.00 12.88 ? 123 LEU B C   1 
ATOM   743  O  O   . LEU B 1 32 ? -5.707  -10.435 0.985   1.00 12.17 ? 123 LEU B O   1 
ATOM   744  C  CB  . LEU B 1 32 ? -6.661  -11.256 -1.822  1.00 13.15 ? 123 LEU B CB  1 
ATOM   745  C  CG  . LEU B 1 32 ? -6.940  -11.622 -3.294  1.00 14.35 ? 123 LEU B CG  1 
ATOM   746  C  CD1 . LEU B 1 32 ? -7.527  -10.490 -4.110  1.00 12.17 ? 123 LEU B CD1 1 
ATOM   747  C  CD2 . LEU B 1 32 ? -5.753  -12.259 -3.958  1.00 14.40 ? 123 LEU B CD2 1 
ATOM   748  N  N   . CYS B 1 33 ? -7.947  -10.015 0.827   1.00 12.33 ? 124 CYS B N   1 
ATOM   749  C  CA  . CYS B 1 33 ? -8.322  -10.521 2.152   1.00 12.51 ? 124 CYS B CA  1 
ATOM   750  C  C   . CYS B 1 33 ? -8.155  -12.046 2.213   1.00 13.02 ? 124 CYS B C   1 
ATOM   751  O  O   . CYS B 1 33 ? -8.084  -12.719 1.184   1.00 12.96 ? 124 CYS B O   1 
ATOM   752  C  CB  . CYS B 1 33 ? -9.754  -10.145 2.487   1.00 12.47 ? 124 CYS B CB  1 
ATOM   753  S  SG  . CYS B 1 33 ? -10.989 -11.118 1.597   1.00 12.79 ? 124 CYS B SG  1 
ATOM   754  N  N   . MET B 1 34 ? -8.056  -12.601 3.405   1.00 13.17 ? 125 MET B N   1 
ATOM   755  C  CA  . MET B 1 34 ? -7.735  -14.028 3.498   1.00 14.06 ? 125 MET B CA  1 
ATOM   756  C  C   . MET B 1 34 ? -8.839  -14.947 2.953   1.00 13.43 ? 125 MET B C   1 
ATOM   757  O  O   . MET B 1 34 ? -8.554  -15.996 2.383   1.00 13.04 ? 125 MET B O   1 
ATOM   758  C  CB  . MET B 1 34 ? -7.397  -14.398 4.932   1.00 14.51 ? 125 MET B CB  1 
ATOM   759  C  CG  . MET B 1 34 ? -6.872  -15.806 5.091   1.00 16.84 ? 125 MET B CG  1 
ATOM   760  S  SD  . MET B 1 34 ? -6.169  -15.954 6.729   1.00 25.06 ? 125 MET B SD  1 
ATOM   761  C  CE  . MET B 1 34 ? -7.566  -15.416 7.745   1.00 22.98 ? 125 MET B CE  1 
ATOM   762  N  N   . ASP B 1 35 ? -10.095 -14.542 3.120   1.00 13.60 ? 126 ASP B N   1 
ATOM   763  C  CA  . ASP B 1 35 ? -11.224 -15.337 2.621   1.00 13.89 ? 126 ASP B CA  1 
ATOM   764  C  C   . ASP B 1 35 ? -11.149 -15.455 1.085   1.00 13.62 ? 126 ASP B C   1 
ATOM   765  O  O   . ASP B 1 35 ? -11.263 -16.561 0.528   1.00 13.18 ? 126 ASP B O   1 
ATOM   766  C  CB  . ASP B 1 35 ? -12.559 -14.747 3.097   1.00 13.97 ? 126 ASP B CB  1 
ATOM   767  C  CG  . ASP B 1 35 ? -12.892 -15.126 4.559   1.00 16.26 ? 126 ASP B CG  1 
ATOM   768  O  OD1 . ASP B 1 35 ? -12.081 -15.788 5.270   1.00 15.42 ? 126 ASP B OD1 1 
ATOM   769  O  OD2 . ASP B 1 35 ? -13.993 -14.759 5.004   1.00 19.10 ? 126 ASP B OD2 1 
ATOM   770  N  N   . CYS B 1 36 ? -10.936 -14.321 0.417   1.00 12.64 ? 127 CYS B N   1 
ATOM   771  C  CA  . CYS B 1 36 ? -10.744 -14.319 -1.029  1.00 12.92 ? 127 CYS B CA  1 
ATOM   772  C  C   . CYS B 1 36 ? -9.488  -15.099 -1.468  1.00 12.45 ? 127 CYS B C   1 
ATOM   773  O  O   . CYS B 1 36 ? -9.560  -15.899 -2.395  1.00 11.95 ? 127 CYS B O   1 
ATOM   774  C  CB  . CYS B 1 36 ? -10.700 -12.896 -1.570  1.00 13.18 ? 127 CYS B CB  1 
ATOM   775  S  SG  . CYS B 1 36 ? -12.310 -12.086 -1.620  1.00 13.35 ? 127 CYS B SG  1 
ATOM   776  N  N   . PHE B 1 37 ? -8.356  -14.888 -0.788  1.00 12.19 ? 128 PHE B N   1 
ATOM   777  C  CA  . PHE B 1 37 ? -7.091  -15.543 -1.152  1.00 11.83 ? 128 PHE B CA  1 
ATOM   778  C  C   . PHE B 1 37 ? -7.152  -17.081 -1.071  1.00 11.63 ? 128 PHE B C   1 
ATOM   779  O  O   . PHE B 1 37 ? -6.701  -17.789 -1.984  1.00 10.71 ? 128 PHE B O   1 
ATOM   780  C  CB  . PHE B 1 37 ? -5.951  -15.037 -0.266  1.00 12.02 ? 128 PHE B CB  1 
ATOM   781  C  CG  . PHE B 1 37 ? -4.707  -15.900 -0.331  1.00 13.72 ? 128 PHE B CG  1 
ATOM   782  C  CD1 . PHE B 1 37 ? -3.773  -15.728 -1.364  1.00 15.98 ? 128 PHE B CD1 1 
ATOM   783  C  CD2 . PHE B 1 37 ? -4.469  -16.882 0.630   1.00 14.24 ? 128 PHE B CD2 1 
ATOM   784  C  CE1 . PHE B 1 37 ? -2.621  -16.533 -1.429  1.00 17.10 ? 128 PHE B CE1 1 
ATOM   785  C  CE2 . PHE B 1 37 ? -3.309  -17.698 0.573   1.00 14.90 ? 128 PHE B CE2 1 
ATOM   786  C  CZ  . PHE B 1 37 ? -2.390  -17.514 -0.454  1.00 14.37 ? 128 PHE B CZ  1 
ATOM   787  N  N   . GLN B 1 38 ? -7.699  -17.574 0.036   1.00 11.53 ? 129 GLN B N   1 
ATOM   788  C  CA  . GLN B 1 38 ? -7.811  -19.004 0.280   1.00 12.36 ? 129 GLN B CA  1 
ATOM   789  C  C   . GLN B 1 38 ? -8.781  -19.677 -0.678  1.00 12.08 ? 129 GLN B C   1 
ATOM   790  O  O   . GLN B 1 38 ? -8.748  -20.896 -0.844  1.00 11.54 ? 129 GLN B O   1 
ATOM   791  C  CB  . GLN B 1 38 ? -8.159  -19.288 1.743   1.00 12.90 ? 129 GLN B CB  1 
ATOM   792  C  CG  . GLN B 1 38 ? -6.988  -18.948 2.664   1.00 15.50 ? 129 GLN B CG  1 
ATOM   793  C  CD  . GLN B 1 38 ? -7.202  -19.374 4.091   1.00 20.83 ? 129 GLN B CD  1 
ATOM   794  O  OE1 . GLN B 1 38 ? -8.339  -19.428 4.580   1.00 23.70 ? 129 GLN B OE1 1 
ATOM   795  N  NE2 . GLN B 1 38 ? -6.100  -19.676 4.787   1.00 21.30 ? 129 GLN B NE2 1 
ATOM   796  N  N   . ASP B 1 39 ? -9.607  -18.865 -1.342  1.00 12.17 ? 130 ASP B N   1 
ATOM   797  C  CA  . ASP B 1 39 ? -10.565 -19.362 -2.322  1.00 12.18 ? 130 ASP B CA  1 
ATOM   798  C  C   . ASP B 1 39 ? -10.186 -18.915 -3.739  1.00 12.56 ? 130 ASP B C   1 
ATOM   799  O  O   . ASP B 1 39 ? -11.054 -18.880 -4.633  1.00 13.05 ? 130 ASP B O   1 
ATOM   800  C  CB  . ASP B 1 39 ? -11.981 -18.874 -1.969  1.00 11.95 ? 130 ASP B CB  1 
ATOM   801  C  CG  . ASP B 1 39 ? -12.742 -19.826 -1.039  1.00 13.12 ? 130 ASP B CG  1 
ATOM   802  O  OD1 . ASP B 1 39 ? -12.441 -21.054 -0.945  1.00 12.77 ? 130 ASP B OD1 1 
ATOM   803  O  OD2 . ASP B 1 39 ? -13.692 -19.332 -0.401  1.00 14.63 ? 130 ASP B OD2 1 
ATOM   804  N  N   . SER B 1 40 ? -8.903  -18.563 -3.936  1.00 11.94 ? 131 SER B N   1 
ATOM   805  C  CA  . SER B 1 40 ? -8.375  -18.071 -5.226  1.00 11.58 ? 131 SER B CA  1 
ATOM   806  C  C   . SER B 1 40 ? -7.337  -19.057 -5.802  1.00 11.32 ? 131 SER B C   1 
ATOM   807  O  O   . SER B 1 40 ? -6.847  -19.944 -5.094  1.00 10.21 ? 131 SER B O   1 
ATOM   808  C  CB  . SER B 1 40 ? -7.708  -16.693 -5.046  1.00 11.52 ? 131 SER B CB  1 
ATOM   809  O  OG  . SER B 1 40 ? -6.450  -16.814 -4.358  1.00 12.36 ? 131 SER B OG  1 
ATOM   810  N  N   . VAL B 1 41 ? -6.983  -18.872 -7.071  1.00 11.17 ? 132 VAL B N   1 
ATOM   811  C  CA  . VAL B 1 41 ? -5.905  -19.638 -7.686  1.00 11.60 ? 132 VAL B CA  1 
ATOM   812  C  C   . VAL B 1 41 ? -4.499  -19.249 -7.139  1.00 12.23 ? 132 VAL B C   1 
ATOM   813  O  O   . VAL B 1 41 ? -3.528  -19.989 -7.336  1.00 12.50 ? 132 VAL B O   1 
ATOM   814  C  CB  . VAL B 1 41 ? -5.943  -19.542 -9.247  1.00 11.73 ? 132 VAL B CB  1 
ATOM   815  C  CG1 . VAL B 1 41 ? -7.233  -20.155 -9.793  1.00 11.58 ? 132 VAL B CG1 1 
ATOM   816  C  CG2 . VAL B 1 41 ? -5.778  -18.096 -9.714  1.00 10.38 ? 132 VAL B CG2 1 
ATOM   817  N  N   . HIS B 1 42 ? -4.400  -18.119 -6.431  1.00 12.58 ? 133 HIS B N   1 
ATOM   818  C  CA  . HIS B 1 42 ? -3.090  -17.596 -5.998  1.00 12.94 ? 133 HIS B CA  1 
ATOM   819  C  C   . HIS B 1 42 ? -2.498  -18.339 -4.792  1.00 13.44 ? 133 HIS B C   1 
ATOM   820  O  O   . HIS B 1 42 ? -1.316  -18.197 -4.483  1.00 13.83 ? 133 HIS B O   1 
ATOM   821  C  CB  . HIS B 1 42 ? -3.142  -16.076 -5.761  1.00 12.50 ? 133 HIS B CB  1 
ATOM   822  C  CG  . HIS B 1 42 ? -3.770  -15.319 -6.891  1.00 13.31 ? 133 HIS B CG  1 
ATOM   823  N  ND1 . HIS B 1 42 ? -3.138  -15.132 -8.105  1.00 14.08 ? 133 HIS B ND1 1 
ATOM   824  C  CD2 . HIS B 1 42 ? -5.001  -14.765 -7.017  1.00 12.64 ? 133 HIS B CD2 1 
ATOM   825  C  CE1 . HIS B 1 42 ? -3.954  -14.482 -8.921  1.00 14.99 ? 133 HIS B CE1 1 
ATOM   826  N  NE2 . HIS B 1 42 ? -5.084  -14.237 -8.282  1.00 12.71 ? 133 HIS B NE2 1 
ATOM   827  N  N   . LYS B 1 43 ? -3.317  -19.137 -4.119  1.00 14.27 ? 134 LYS B N   1 
ATOM   828  C  CA  . LYS B 1 43 ? -2.830  -19.920 -2.992  1.00 15.27 ? 134 LYS B CA  1 
ATOM   829  C  C   . LYS B 1 43 ? -1.900  -21.059 -3.456  1.00 15.55 ? 134 LYS B C   1 
ATOM   830  O  O   . LYS B 1 43 ? -1.238  -21.702 -2.636  1.00 15.27 ? 134 LYS B O   1 
ATOM   831  C  CB  . LYS B 1 43 ? -3.989  -20.425 -2.124  1.00 15.21 ? 134 LYS B CB  1 
ATOM   832  C  CG  . LYS B 1 43 ? -4.838  -21.499 -2.756  1.00 16.89 ? 134 LYS B CG  1 
ATOM   833  C  CD  . LYS B 1 43 ? -5.824  -22.030 -1.742  1.00 19.10 ? 134 LYS B CD  1 
ATOM   834  C  CE  . LYS B 1 43 ? -6.015  -23.516 -1.911  1.00 21.48 ? 134 LYS B CE  1 
ATOM   835  N  NZ  . LYS B 1 43 ? -6.931  -24.051 -0.869  1.00 24.11 ? 134 LYS B NZ  1 
ATOM   836  N  N   . ASN B 1 44 ? -1.855  -21.280 -4.771  1.00 15.47 ? 135 ASN B N   1 
ATOM   837  C  CA  . ASN B 1 44 ? -0.953  -22.265 -5.369  1.00 15.95 ? 135 ASN B CA  1 
ATOM   838  C  C   . ASN B 1 44 ? 0.165   -21.631 -6.208  1.00 15.88 ? 135 ASN B C   1 
ATOM   839  O  O   . ASN B 1 44 ? 0.911   -22.330 -6.896  1.00 15.88 ? 135 ASN B O   1 
ATOM   840  C  CB  . ASN B 1 44 ? -1.750  -23.268 -6.209  1.00 16.28 ? 135 ASN B CB  1 
ATOM   841  C  CG  . ASN B 1 44 ? -2.807  -23.995 -5.405  1.00 17.23 ? 135 ASN B CG  1 
ATOM   842  O  OD1 . ASN B 1 44 ? -2.533  -24.544 -4.332  1.00 17.51 ? 135 ASN B OD1 1 
ATOM   843  N  ND2 . ASN B 1 44 ? -4.030  -24.008 -5.924  1.00 19.92 ? 135 ASN B ND2 1 
ATOM   844  N  N   . HIS B 1 45 ? 0.251   -20.303 -6.162  1.00 15.72 ? 136 HIS B N   1 
ATOM   845  C  CA  . HIS B 1 45 ? 1.325   -19.545 -6.798  1.00 15.19 ? 136 HIS B CA  1 
ATOM   846  C  C   . HIS B 1 45 ? 2.337   -19.081 -5.750  1.00 15.24 ? 136 HIS B C   1 
ATOM   847  O  O   . HIS B 1 45 ? 2.247   -19.483 -4.587  1.00 15.28 ? 136 HIS B O   1 
ATOM   848  C  CB  . HIS B 1 45 ? 0.764   -18.326 -7.527  1.00 14.85 ? 136 HIS B CB  1 
ATOM   849  C  CG  . HIS B 1 45 ? -0.314  -18.643 -8.506  1.00 12.96 ? 136 HIS B CG  1 
ATOM   850  N  ND1 . HIS B 1 45 ? -1.100  -17.668 -9.073  1.00 12.34 ? 136 HIS B ND1 1 
ATOM   851  C  CD2 . HIS B 1 45 ? -0.747  -19.820 -9.013  1.00 12.25 ? 136 HIS B CD2 1 
ATOM   852  C  CE1 . HIS B 1 45 ? -1.965  -18.228 -9.899  1.00 12.44 ? 136 HIS B CE1 1 
ATOM   853  N  NE2 . HIS B 1 45 ? -1.779  -19.535 -9.871  1.00 12.09 ? 136 HIS B NE2 1 
ATOM   854  N  N   . ARG B 1 46 ? 3.290   -18.245 -6.163  1.00 16.02 ? 137 ARG B N   1 
ATOM   855  C  CA  . ARG B 1 46 ? 4.276   -17.652 -5.252  1.00 17.03 ? 137 ARG B CA  1 
ATOM   856  C  C   . ARG B 1 46 ? 3.639   -16.449 -4.557  1.00 18.10 ? 137 ARG B C   1 
ATOM   857  O  O   . ARG B 1 46 ? 3.764   -15.313 -5.017  1.00 18.21 ? 137 ARG B O   1 
ATOM   858  C  CB  . ARG B 1 46 ? 5.518   -17.175 -6.008  1.00 16.69 ? 137 ARG B CB  1 
ATOM   859  C  CG  . ARG B 1 46 ? 6.516   -18.224 -6.487  1.00 16.03 ? 137 ARG B CG  1 
ATOM   860  C  CD  . ARG B 1 46 ? 7.723   -17.526 -7.139  1.00 12.99 ? 137 ARG B CD  1 
ATOM   861  N  NE  . ARG B 1 46 ? 7.241   -16.540 -8.101  1.00 12.20 ? 137 ARG B NE  1 
ATOM   862  C  CZ  . ARG B 1 46 ? 7.900   -15.460 -8.502  1.00 11.13 ? 137 ARG B CZ  1 
ATOM   863  N  NH1 . ARG B 1 46 ? 9.122   -15.194 -8.058  1.00 10.81 ? 137 ARG B NH1 1 
ATOM   864  N  NH2 . ARG B 1 46 ? 7.322   -14.641 -9.365  1.00 10.76 ? 137 ARG B NH2 1 
ATOM   865  N  N   . TYR B 1 47 ? 2.942   -16.698 -3.458  1.00 19.28 ? 138 TYR B N   1 
ATOM   866  C  CA  . TYR B 1 47 ? 2.233   -15.617 -2.769  1.00 20.91 ? 138 TYR B CA  1 
ATOM   867  C  C   . TYR B 1 47 ? 3.101   -15.056 -1.635  1.00 21.74 ? 138 TYR B C   1 
ATOM   868  O  O   . TYR B 1 47 ? 4.243   -15.488 -1.454  1.00 22.46 ? 138 TYR B O   1 
ATOM   869  C  CB  . TYR B 1 47 ? 0.876   -16.114 -2.251  1.00 20.60 ? 138 TYR B CB  1 
ATOM   870  C  CG  . TYR B 1 47 ? 1.006   -17.260 -1.280  1.00 20.95 ? 138 TYR B CG  1 
ATOM   871  C  CD1 . TYR B 1 47 ? 0.852   -18.573 -1.702  1.00 19.78 ? 138 TYR B CD1 1 
ATOM   872  C  CD2 . TYR B 1 47 ? 1.308   -17.026 0.063   1.00 21.82 ? 138 TYR B CD2 1 
ATOM   873  C  CE1 . TYR B 1 47 ? 0.978   -19.622 -0.823  1.00 22.32 ? 138 TYR B CE1 1 
ATOM   874  C  CE2 . TYR B 1 47 ? 1.447   -18.064 0.950   1.00 22.50 ? 138 TYR B CE2 1 
ATOM   875  C  CZ  . TYR B 1 47 ? 1.280   -19.360 0.507   1.00 23.10 ? 138 TYR B CZ  1 
ATOM   876  O  OH  . TYR B 1 47 ? 1.417   -20.392 1.405   1.00 25.33 ? 138 TYR B OH  1 
ATOM   877  N  N   . LYS B 1 48 ? 2.582   -14.075 -0.897  1.00 22.43 ? 139 LYS B N   1 
ATOM   878  C  CA  . LYS B 1 48 ? 3.243   -13.591 0.328   1.00 22.95 ? 139 LYS B CA  1 
ATOM   879  C  C   . LYS B 1 48 ? 2.247   -12.952 1.287   1.00 22.75 ? 139 LYS B C   1 
ATOM   880  O  O   . LYS B 1 48 ? 1.371   -12.192 0.855   1.00 22.15 ? 139 LYS B O   1 
ATOM   881  C  CB  . LYS B 1 48 ? 4.398   -12.622 0.029   1.00 23.36 ? 139 LYS B CB  1 
ATOM   882  C  CG  . LYS B 1 48 ? 4.165   -11.659 -1.125  1.00 25.01 ? 139 LYS B CG  1 
ATOM   883  C  CD  . LYS B 1 48 ? 5.451   -10.908 -1.462  1.00 29.11 ? 139 LYS B CD  1 
ATOM   884  C  CE  . LYS B 1 48 ? 5.411   -9.446  -1.031  1.00 30.60 ? 139 LYS B CE  1 
ATOM   885  N  NZ  . LYS B 1 48 ? 4.521   -8.629  -1.940  1.00 31.25 ? 139 LYS B NZ  1 
ATOM   886  N  N   . MET B 1 49 ? 2.379   -13.287 2.572   1.00 22.41 ? 140 MET B N   1 
ATOM   887  C  CA  . MET B 1 49 ? 1.595   -12.658 3.632   1.00 22.58 ? 140 MET B CA  1 
ATOM   888  C  C   . MET B 1 49 ? 2.048   -11.229 3.846   1.00 22.22 ? 140 MET B C   1 
ATOM   889  O  O   . MET B 1 49 ? 3.239   -10.935 3.782   1.00 21.77 ? 140 MET B O   1 
ATOM   890  C  CB  . MET B 1 49 ? 1.787   -13.373 4.961   1.00 22.88 ? 140 MET B CB  1 
ATOM   891  C  CG  . MET B 1 49 ? 0.946   -14.587 5.210   1.00 24.19 ? 140 MET B CG  1 
ATOM   892  S  SD  . MET B 1 49 ? 0.722   -14.911 6.981   1.00 27.72 ? 140 MET B SD  1 
ATOM   893  C  CE  . MET B 1 49 ? 2.092   -14.048 7.766   1.00 27.31 ? 140 MET B CE  1 
ATOM   894  N  N   . HIS B 1 50 ? 1.084   -10.355 4.118   1.00 22.16 ? 141 HIS B N   1 
ATOM   895  C  CA  . HIS B 1 50 ? 1.348   -8.988  4.553   1.00 22.24 ? 141 HIS B CA  1 
ATOM   896  C  C   . HIS B 1 50 ? 0.537   -8.715  5.804   1.00 21.86 ? 141 HIS B C   1 
ATOM   897  O  O   . HIS B 1 50 ? -0.530  -9.300  5.994   1.00 22.11 ? 141 HIS B O   1 
ATOM   898  C  CB  . HIS B 1 50 ? 0.912   -7.985  3.489   1.00 22.42 ? 141 HIS B CB  1 
ATOM   899  C  CG  . HIS B 1 50 ? 1.841   -7.882  2.323   1.00 24.00 ? 141 HIS B CG  1 
ATOM   900  N  ND1 . HIS B 1 50 ? 3.002   -7.135  2.358   1.00 24.93 ? 141 HIS B ND1 1 
ATOM   901  C  CD2 . HIS B 1 50 ? 1.766   -8.405  1.075   1.00 24.84 ? 141 HIS B CD2 1 
ATOM   902  C  CE1 . HIS B 1 50 ? 3.606   -7.212  1.186   1.00 25.49 ? 141 HIS B CE1 1 
ATOM   903  N  NE2 . HIS B 1 50 ? 2.874   -7.971  0.389   1.00 26.03 ? 141 HIS B NE2 1 
ATOM   904  N  N   . THR B 1 51 ? 1.025   -7.822  6.651   1.00 21.31 ? 142 THR B N   1 
ATOM   905  C  CA  . THR B 1 51 ? 0.210   -7.319  7.754   1.00 21.00 ? 142 THR B CA  1 
ATOM   906  C  C   . THR B 1 51 ? -0.317  -5.916  7.426   1.00 20.47 ? 142 THR B C   1 
ATOM   907  O  O   . THR B 1 51 ? 0.420   -5.068  6.915   1.00 20.64 ? 142 THR B O   1 
ATOM   908  C  CB  . THR B 1 51 ? 0.981   -7.318  9.097   1.00 20.95 ? 142 THR B CB  1 
ATOM   909  O  OG1 . THR B 1 51 ? 1.478   -8.632  9.363   1.00 21.06 ? 142 THR B OG1 1 
ATOM   910  C  CG2 . THR B 1 51 ? 0.068   -6.905  10.249  1.00 21.55 ? 142 THR B CG2 1 
ATOM   911  N  N   . SER B 1 52 ? -1.597  -5.691  7.705   1.00 19.54 ? 143 SER B N   1 
ATOM   912  C  CA  . SER B 1 52 ? -2.193  -4.368  7.585   1.00 18.77 ? 143 SER B CA  1 
ATOM   913  C  C   . SER B 1 52 ? -2.101  -3.593  8.912   1.00 18.56 ? 143 SER B C   1 
ATOM   914  O  O   . SER B 1 52 ? -2.189  -4.176  10.001  1.00 18.05 ? 143 SER B O   1 
ATOM   915  C  CB  . SER B 1 52 ? -3.646  -4.494  7.136   1.00 18.38 ? 143 SER B CB  1 
ATOM   916  O  OG  . SER B 1 52 ? -4.221  -3.222  6.903   1.00 18.35 ? 143 SER B OG  1 
ATOM   917  N  N   . THR B 1 53 ? -1.902  -2.279  8.812   1.00 18.36 ? 144 THR B N   1 
ATOM   918  C  CA  . THR B 1 53 ? -1.995  -1.388  9.980   1.00 18.32 ? 144 THR B CA  1 
ATOM   919  C  C   . THR B 1 53 ? -3.438  -0.835  10.097  1.00 18.46 ? 144 THR B C   1 
ATOM   920  O  O   . THR B 1 53 ? -3.773  -0.102  11.041  1.00 18.17 ? 144 THR B O   1 
ATOM   921  C  CB  . THR B 1 53 ? -0.962  -0.235  9.911   1.00 18.07 ? 144 THR B CB  1 
ATOM   922  O  OG1 . THR B 1 53 ? -1.005  0.369   8.616   1.00 18.68 ? 144 THR B OG1 1 
ATOM   923  C  CG2 . THR B 1 53 ? 0.435   -0.748  10.148  1.00 18.17 ? 144 THR B CG2 1 
ATOM   924  N  N   . GLY B 1 54 ? -4.276  -1.212  9.124   1.00 18.41 ? 145 GLY B N   1 
ATOM   925  C  CA  . GLY B 1 54 ? -5.663  -0.765  9.033   1.00 18.23 ? 145 GLY B CA  1 
ATOM   926  C  C   . GLY B 1 54 ? -5.852  0.175   7.861   1.00 18.08 ? 145 GLY B C   1 
ATOM   927  O  O   . GLY B 1 54 ? -5.002  1.032   7.614   1.00 18.06 ? 145 GLY B O   1 
ATOM   928  N  N   . GLY B 1 55 ? -6.952  0.003   7.123   1.00 17.94 ? 146 GLY B N   1 
ATOM   929  C  CA  . GLY B 1 55 ? -7.362  0.993   6.112   1.00 18.11 ? 146 GLY B CA  1 
ATOM   930  C  C   . GLY B 1 55 ? -7.304  0.670   4.625   1.00 17.71 ? 146 GLY B C   1 
ATOM   931  O  O   . GLY B 1 55 ? -7.914  1.375   3.820   1.00 18.40 ? 146 GLY B O   1 
ATOM   932  N  N   . GLY B 1 56 ? -6.585  -0.376  4.235   1.00 17.56 ? 147 GLY B N   1 
ATOM   933  C  CA  . GLY B 1 56 ? -6.581  -0.784  2.814   1.00 17.10 ? 147 GLY B CA  1 
ATOM   934  C  C   . GLY B 1 56 ? -7.875  -1.508  2.469   1.00 16.64 ? 147 GLY B C   1 
ATOM   935  O  O   . GLY B 1 56 ? -8.779  -1.580  3.297   1.00 16.80 ? 147 GLY B O   1 
ATOM   936  N  N   . PHE B 1 57 ? -7.988  -2.045  1.259   1.00 15.93 ? 148 PHE B N   1 
ATOM   937  C  CA  . PHE B 1 57 ? -9.137  -2.887  0.936   1.00 15.49 ? 148 PHE B CA  1 
ATOM   938  C  C   . PHE B 1 57 ? -8.775  -3.997  -0.049  1.00 14.60 ? 148 PHE B C   1 
ATOM   939  O  O   . PHE B 1 57 ? -7.794  -3.892  -0.778  1.00 14.37 ? 148 PHE B O   1 
ATOM   940  C  CB  . PHE B 1 57 ? -10.339 -2.061  0.438   1.00 16.17 ? 148 PHE B CB  1 
ATOM   941  C  CG  . PHE B 1 57 ? -10.048 -1.225  -0.784  1.00 17.38 ? 148 PHE B CG  1 
ATOM   942  C  CD1 . PHE B 1 57 ? -9.703  0.121   -0.655  1.00 19.99 ? 148 PHE B CD1 1 
ATOM   943  C  CD2 . PHE B 1 57 ? -10.128 -1.778  -2.064  1.00 18.19 ? 148 PHE B CD2 1 
ATOM   944  C  CE1 . PHE B 1 57 ? -9.432  0.911   -1.795  1.00 20.35 ? 148 PHE B CE1 1 
ATOM   945  C  CE2 . PHE B 1 57 ? -9.858  -1.001  -3.204  1.00 18.72 ? 148 PHE B CE2 1 
ATOM   946  C  CZ  . PHE B 1 57 ? -9.515  0.338   -3.068  1.00 19.22 ? 148 PHE B CZ  1 
ATOM   947  N  N   . CYS B 1 58 ? -9.573  -5.059  -0.031  1.00 14.00 ? 149 CYS B N   1 
ATOM   948  C  CA  . CYS B 1 58 ? -9.381  -6.225  -0.890  1.00 13.18 ? 149 CYS B CA  1 
ATOM   949  C  C   . CYS B 1 58 ? -9.608  -5.832  -2.340  1.00 13.19 ? 149 CYS B C   1 
ATOM   950  O  O   . CYS B 1 58 ? -10.585 -5.119  -2.660  1.00 12.07 ? 149 CYS B O   1 
ATOM   951  C  CB  . CYS B 1 58 ? -10.348 -7.340  -0.485  1.00 13.20 ? 149 CYS B CB  1 
ATOM   952  S  SG  . CYS B 1 58 ? -10.261 -8.891  -1.451  1.00 11.15 ? 149 CYS B SG  1 
ATOM   953  N  N   . ASP B 1 59 ? -8.692  -6.291  -3.196  1.00 12.77 ? 150 ASP B N   1 
ATOM   954  C  CA  . ASP B 1 59 ? -8.748  -6.069  -4.647  1.00 13.17 ? 150 ASP B CA  1 
ATOM   955  C  C   . ASP B 1 59 ? -9.384  -7.223  -5.429  1.00 13.47 ? 150 ASP B C   1 
ATOM   956  O  O   . ASP B 1 59 ? -9.267  -7.285  -6.656  1.00 14.06 ? 150 ASP B O   1 
ATOM   957  C  CB  . ASP B 1 59 ? -7.335  -5.785  -5.191  1.00 12.61 ? 150 ASP B CB  1 
ATOM   958  C  CG  . ASP B 1 59 ? -6.726  -4.501  -4.598  1.00 13.11 ? 150 ASP B CG  1 
ATOM   959  O  OD1 . ASP B 1 59 ? -7.472  -3.499  -4.503  1.00 11.23 ? 150 ASP B OD1 1 
ATOM   960  O  OD2 . ASP B 1 59 ? -5.520  -4.487  -4.240  1.00 11.28 ? 150 ASP B OD2 1 
ATOM   961  N  N   . CYS B 1 60 ? -10.048 -8.144  -4.736  1.00 13.70 ? 151 CYS B N   1 
ATOM   962  C  CA  . CYS B 1 60 ? -10.799 -9.189  -5.444  1.00 13.65 ? 151 CYS B CA  1 
ATOM   963  C  C   . CYS B 1 60 ? -11.778 -8.574  -6.465  1.00 13.79 ? 151 CYS B C   1 
ATOM   964  O  O   . CYS B 1 60 ? -12.540 -7.652  -6.139  1.00 13.80 ? 151 CYS B O   1 
ATOM   965  C  CB  . CYS B 1 60 ? -11.586 -10.045 -4.466  1.00 13.40 ? 151 CYS B CB  1 
ATOM   966  S  SG  . CYS B 1 60 ? -12.324 -11.501 -5.263  1.00 14.79 ? 151 CYS B SG  1 
ATOM   967  N  N   . GLY B 1 61 ? -11.767 -9.076  -7.692  1.00 13.76 ? 152 GLY B N   1 
ATOM   968  C  CA  . GLY B 1 61 ? -12.657 -8.543  -8.732  1.00 14.10 ? 152 GLY B CA  1 
ATOM   969  C  C   . GLY B 1 61 ? -12.129 -7.325  -9.470  1.00 14.28 ? 152 GLY B C   1 
ATOM   970  O  O   . GLY B 1 61 ? -12.735 -6.885  -10.434 1.00 14.40 ? 152 GLY B O   1 
ATOM   971  N  N   . ASP B 1 62 ? -11.005 -6.773  -9.020  1.00 14.43 ? 153 ASP B N   1 
ATOM   972  C  CA  . ASP B 1 62 ? -10.357 -5.657  -9.711  1.00 14.64 ? 153 ASP B CA  1 
ATOM   973  C  C   . ASP B 1 62 ? -9.486  -6.164  -10.867 1.00 14.59 ? 153 ASP B C   1 
ATOM   974  O  O   . ASP B 1 62 ? -8.345  -6.596  -10.702 1.00 14.75 ? 153 ASP B O   1 
ATOM   975  C  CB  . ASP B 1 62 ? -9.558  -4.767  -8.758  1.00 14.78 ? 153 ASP B CB  1 
ATOM   976  C  CG  . ASP B 1 62 ? -8.968  -3.515  -9.458  1.00 16.41 ? 153 ASP B CG  1 
ATOM   977  O  OD1 . ASP B 1 62 ? -9.070  -3.376  -10.709 1.00 17.09 ? 153 ASP B OD1 1 
ATOM   978  O  OD2 . ASP B 1 62 ? -8.415  -2.656  -8.749  1.00 15.60 ? 153 ASP B OD2 1 
ATOM   979  N  N   . THR B 1 63 ? -10.069 -6.069  -12.045 1.00 14.49 ? 154 THR B N   1 
ATOM   980  C  CA  . THR B 1 63 ? -9.578  -6.626  -13.267 1.00 14.73 ? 154 THR B CA  1 
ATOM   981  C  C   . THR B 1 63 ? -8.260  -5.930  -13.687 1.00 15.45 ? 154 THR B C   1 
ATOM   982  O  O   . THR B 1 63 ? -7.468  -6.458  -14.505 1.00 15.26 ? 154 THR B O   1 
ATOM   983  C  CB  . THR B 1 63 ? -10.754 -6.469  -14.285 1.00 15.35 ? 154 THR B CB  1 
ATOM   984  O  OG1 . THR B 1 63 ? -11.196 -7.758  -14.745 1.00 15.93 ? 154 THR B OG1 1 
ATOM   985  C  CG2 . THR B 1 63 ? -10.477 -5.484  -15.394 1.00 13.52 ? 154 THR B CG2 1 
ATOM   986  N  N   . GLU B 1 64 ? -8.017  -4.770  -13.072 1.00 14.87 ? 155 GLU B N   1 
ATOM   987  C  CA  . GLU B 1 64 ? -6.811  -3.965  -13.301 1.00 15.53 ? 155 GLU B CA  1 
ATOM   988  C  C   . GLU B 1 64 ? -5.666  -4.337  -12.375 1.00 14.12 ? 155 GLU B C   1 
ATOM   989  O  O   . GLU B 1 64 ? -4.530  -3.950  -12.625 1.00 14.18 ? 155 GLU B O   1 
ATOM   990  C  CB  . GLU B 1 64 ? -7.119  -2.470  -13.102 1.00 15.60 ? 155 GLU B CB  1 
ATOM   991  C  CG  . GLU B 1 64 ? -6.687  -1.631  -14.244 1.00 20.44 ? 155 GLU B CG  1 
ATOM   992  C  CD  . GLU B 1 64 ? -7.452  -1.968  -15.513 1.00 26.19 ? 155 GLU B CD  1 
ATOM   993  O  OE1 . GLU B 1 64 ? -6.840  -1.989  -16.617 1.00 27.36 ? 155 GLU B OE1 1 
ATOM   994  O  OE2 . GLU B 1 64 ? -8.671  -2.227  -15.392 1.00 29.14 ? 155 GLU B OE2 1 
ATOM   995  N  N   . ALA B 1 65 ? -5.977  -5.093  -11.323 1.00 13.07 ? 156 ALA B N   1 
ATOM   996  C  CA  . ALA B 1 65 ? -5.037  -5.368  -10.241 1.00 12.35 ? 156 ALA B CA  1 
ATOM   997  C  C   . ALA B 1 65 ? -4.224  -6.653  -10.430 1.00 12.63 ? 156 ALA B C   1 
ATOM   998  O  O   . ALA B 1 65 ? -3.184  -6.826  -9.779  1.00 12.50 ? 156 ALA B O   1 
ATOM   999  C  CB  . ALA B 1 65 ? -5.789  -5.411  -8.908  1.00 12.00 ? 156 ALA B CB  1 
ATOM   1000 N  N   . TRP B 1 66 ? -4.701  -7.540  -11.313 1.00 12.31 ? 157 TRP B N   1 
ATOM   1001 C  CA  . TRP B 1 66 ? -4.174  -8.896  -11.457 1.00 11.58 ? 157 TRP B CA  1 
ATOM   1002 C  C   . TRP B 1 66 ? -3.911  -9.237  -12.928 1.00 11.66 ? 157 TRP B C   1 
ATOM   1003 O  O   . TRP B 1 66 ? -4.717  -8.887  -13.807 1.00 11.12 ? 157 TRP B O   1 
ATOM   1004 C  CB  . TRP B 1 66 ? -5.171  -9.895  -10.856 1.00 11.52 ? 157 TRP B CB  1 
ATOM   1005 C  CG  . TRP B 1 66 ? -5.590  -9.512  -9.453  1.00 11.27 ? 157 TRP B CG  1 
ATOM   1006 C  CD1 . TRP B 1 66 ? -6.766  -8.921  -9.081  1.00 9.48  ? 157 TRP B CD1 1 
ATOM   1007 C  CD2 . TRP B 1 66 ? -4.811  -9.651  -8.256  1.00 9.86  ? 157 TRP B CD2 1 
ATOM   1008 N  NE1 . TRP B 1 66 ? -6.768  -8.692  -7.729  1.00 8.82  ? 157 TRP B NE1 1 
ATOM   1009 C  CE2 . TRP B 1 66 ? -5.582  -9.123  -7.197  1.00 10.39 ? 157 TRP B CE2 1 
ATOM   1010 C  CE3 . TRP B 1 66 ? -3.531  -10.155 -7.981  1.00 11.92 ? 157 TRP B CE3 1 
ATOM   1011 C  CZ2 . TRP B 1 66 ? -5.130  -9.112  -5.871  1.00 9.87  ? 157 TRP B CZ2 1 
ATOM   1012 C  CZ3 . TRP B 1 66 ? -3.071  -10.134 -6.661  1.00 12.11 ? 157 TRP B CZ3 1 
ATOM   1013 C  CH2 . TRP B 1 66 ? -3.872  -9.615  -5.621  1.00 11.91 ? 157 TRP B CH2 1 
ATOM   1014 N  N   . LYS B 1 67 ? -2.780  -9.895  -13.190 1.00 11.11 ? 158 LYS B N   1 
ATOM   1015 C  CA  . LYS B 1 67 ? -2.438  -10.364 -14.532 1.00 11.13 ? 158 LYS B CA  1 
ATOM   1016 C  C   . LYS B 1 67 ? -3.361  -11.507 -14.889 1.00 11.20 ? 158 LYS B C   1 
ATOM   1017 O  O   . LYS B 1 67 ? -3.818  -11.605 -16.019 1.00 10.09 ? 158 LYS B O   1 
ATOM   1018 C  CB  . LYS B 1 67 ? -1.010  -10.882 -14.607 1.00 11.03 ? 158 LYS B CB  1 
ATOM   1019 C  CG  . LYS B 1 67 ? 0.026   -9.812  -14.833 1.00 13.11 ? 158 LYS B CG  1 
ATOM   1020 C  CD  . LYS B 1 67 ? 0.863   -9.624  -13.617 1.00 15.59 ? 158 LYS B CD  1 
ATOM   1021 C  CE  . LYS B 1 67 ? 2.226   -10.202 -13.825 1.00 16.66 ? 158 LYS B CE  1 
ATOM   1022 N  NZ  . LYS B 1 67 ? 3.223   -9.107  -14.000 1.00 17.11 ? 158 LYS B NZ  1 
ATOM   1023 N  N   . THR B 1 68 ? -3.601  -12.376 -13.905 1.00 11.50 ? 159 THR B N   1 
ATOM   1024 C  CA  . THR B 1 68 ? -4.525  -13.483 -14.038 1.00 11.79 ? 159 THR B CA  1 
ATOM   1025 C  C   . THR B 1 68 ? -5.212  -13.726 -12.669 1.00 11.43 ? 159 THR B C   1 
ATOM   1026 O  O   . THR B 1 68 ? -4.776  -13.185 -11.632 1.00 11.22 ? 159 THR B O   1 
ATOM   1027 C  CB  . THR B 1 68 ? -3.785  -14.717 -14.606 1.00 11.96 ? 159 THR B CB  1 
ATOM   1028 O  OG1 . THR B 1 68 ? -4.671  -15.436 -15.468 1.00 16.25 ? 159 THR B OG1 1 
ATOM   1029 C  CG2 . THR B 1 68 ? -3.256  -15.639 -13.508 1.00 12.55 ? 159 THR B CG2 1 
ATOM   1030 N  N   . GLY B 1 69 ? -6.288  -14.513 -12.674 1.00 10.66 ? 160 GLY B N   1 
ATOM   1031 C  CA  . GLY B 1 69 ? -7.084  -14.787 -11.473 1.00 10.42 ? 160 GLY B CA  1 
ATOM   1032 C  C   . GLY B 1 69 ? -7.587  -13.584 -10.683 1.00 10.99 ? 160 GLY B C   1 
ATOM   1033 O  O   . GLY B 1 69 ? -7.356  -13.525 -9.461  1.00 11.23 ? 160 GLY B O   1 
ATOM   1034 N  N   . PRO B 1 70 ? -8.268  -12.616 -11.350 1.00 10.56 ? 161 PRO B N   1 
ATOM   1035 C  CA  . PRO B 1 70 ? -8.841  -11.467 -10.625 1.00 10.54 ? 161 PRO B CA  1 
ATOM   1036 C  C   . PRO B 1 70 ? -9.950  -11.788 -9.598  1.00 10.91 ? 161 PRO B C   1 
ATOM   1037 O  O   . PRO B 1 70 ? -10.108 -11.042 -8.630  1.00 10.56 ? 161 PRO B O   1 
ATOM   1038 C  CB  . PRO B 1 70 ? -9.385  -10.563 -11.747 1.00 10.44 ? 161 PRO B CB  1 
ATOM   1039 C  CG  . PRO B 1 70 ? -9.549  -11.436 -12.908 1.00 11.32 ? 161 PRO B CG  1 
ATOM   1040 C  CD  . PRO B 1 70 ? -8.471  -12.485 -12.806 1.00 10.77 ? 161 PRO B CD  1 
ATOM   1041 N  N   . PHE B 1 71 ? -10.681 -12.891 -9.787  1.00 11.06 ? 162 PHE B N   1 
ATOM   1042 C  CA  . PHE B 1 71 ? -11.743 -13.289 -8.848  1.00 11.76 ? 162 PHE B CA  1 
ATOM   1043 C  C   . PHE B 1 71 ? -11.441 -14.562 -8.063  1.00 11.84 ? 162 PHE B C   1 
ATOM   1044 O  O   . PHE B 1 71 ? -10.908 -15.528 -8.622  1.00 11.80 ? 162 PHE B O   1 
ATOM   1045 C  CB  . PHE B 1 71 ? -13.042 -13.563 -9.608  1.00 11.37 ? 162 PHE B CB  1 
ATOM   1046 C  CG  . PHE B 1 71 ? -13.383 -12.527 -10.628 1.00 12.65 ? 162 PHE B CG  1 
ATOM   1047 C  CD1 . PHE B 1 71 ? -13.988 -11.342 -10.254 1.00 11.39 ? 162 PHE B CD1 1 
ATOM   1048 C  CD2 . PHE B 1 71 ? -13.134 -12.761 -11.982 1.00 13.86 ? 162 PHE B CD2 1 
ATOM   1049 C  CE1 . PHE B 1 71 ? -14.328 -10.377 -11.219 1.00 11.63 ? 162 PHE B CE1 1 
ATOM   1050 C  CE2 . PHE B 1 71 ? -13.473 -11.802 -12.950 1.00 14.68 ? 162 PHE B CE2 1 
ATOM   1051 C  CZ  . PHE B 1 71 ? -14.062 -10.609 -12.563 1.00 12.96 ? 162 PHE B CZ  1 
ATOM   1052 N  N   . CYS B 1 72 ? -11.839 -14.582 -6.788  1.00 11.88 ? 163 CYS B N   1 
ATOM   1053 C  CA  . CYS B 1 72 ? -11.940 -15.837 -6.026  1.00 12.56 ? 163 CYS B CA  1 
ATOM   1054 C  C   . CYS B 1 72 ? -13.233 -16.537 -6.436  1.00 13.35 ? 163 CYS B C   1 
ATOM   1055 O  O   . CYS B 1 72 ? -14.093 -15.933 -7.104  1.00 13.26 ? 163 CYS B O   1 
ATOM   1056 C  CB  . CYS B 1 72 ? -11.936 -15.582 -4.508  1.00 12.61 ? 163 CYS B CB  1 
ATOM   1057 S  SG  . CYS B 1 72 ? -13.474 -14.832 -3.808  1.00 12.54 ? 163 CYS B SG  1 
ATOM   1058 N  N   . VAL B 1 73 ? -13.384 -17.804 -6.052  1.00 13.99 ? 164 VAL B N   1 
ATOM   1059 C  CA  . VAL B 1 73 ? -14.597 -18.559 -6.411  1.00 15.14 ? 164 VAL B CA  1 
ATOM   1060 C  C   . VAL B 1 73 ? -15.903 -17.894 -5.940  1.00 15.48 ? 164 VAL B C   1 
ATOM   1061 O  O   . VAL B 1 73 ? -16.940 -18.042 -6.589  1.00 15.38 ? 164 VAL B O   1 
ATOM   1062 C  CB  . VAL B 1 73 ? -14.542 -20.039 -5.934  1.00 14.96 ? 164 VAL B CB  1 
ATOM   1063 C  CG1 . VAL B 1 73 ? -14.388 -20.127 -4.438  1.00 15.84 ? 164 VAL B CG1 1 
ATOM   1064 C  CG2 . VAL B 1 73 ? -15.797 -20.808 -6.382  1.00 16.01 ? 164 VAL B CG2 1 
ATOM   1065 N  N   . ASN B 1 74 ? -15.839 -17.184 -4.815  1.00 15.93 ? 165 ASN B N   1 
ATOM   1066 C  CA  . ASN B 1 74 ? -17.009 -16.558 -4.196  1.00 16.84 ? 165 ASN B CA  1 
ATOM   1067 C  C   . ASN B 1 74 ? -17.483 -15.296 -4.921  1.00 17.23 ? 165 ASN B C   1 
ATOM   1068 O  O   . ASN B 1 74 ? -18.682 -14.968 -4.884  1.00 17.16 ? 165 ASN B O   1 
ATOM   1069 C  CB  . ASN B 1 74 ? -16.730 -16.234 -2.722  1.00 16.90 ? 165 ASN B CB  1 
ATOM   1070 C  CG  . ASN B 1 74 ? -16.437 -17.479 -1.890  1.00 18.62 ? 165 ASN B CG  1 
ATOM   1071 O  OD1 . ASN B 1 74 ? -17.029 -18.538 -2.101  1.00 17.17 ? 165 ASN B OD1 1 
ATOM   1072 N  ND2 . ASN B 1 74 ? -15.511 -17.351 -0.937  1.00 19.98 ? 165 ASN B ND2 1 
ATOM   1073 N  N   . HIS B 1 75 ? -16.552 -14.604 -5.584  1.00 17.23 ? 166 HIS B N   1 
ATOM   1074 C  CA  . HIS B 1 75 ? -16.883 -13.383 -6.327  1.00 17.99 ? 166 HIS B CA  1 
ATOM   1075 C  C   . HIS B 1 75 ? -16.819 -13.578 -7.839  1.00 18.83 ? 166 HIS B C   1 
ATOM   1076 O  O   . HIS B 1 75 ? -17.060 -12.654 -8.621  1.00 19.12 ? 166 HIS B O   1 
ATOM   1077 C  CB  . HIS B 1 75 ? -16.045 -12.207 -5.827  1.00 17.87 ? 166 HIS B CB  1 
ATOM   1078 C  CG  . HIS B 1 75 ? -16.276 -11.916 -4.379  1.00 17.28 ? 166 HIS B CG  1 
ATOM   1079 N  ND1 . HIS B 1 75 ? -15.265 -11.920 -3.443  1.00 18.25 ? 166 HIS B ND1 1 
ATOM   1080 C  CD2 . HIS B 1 75 ? -17.421 -11.679 -3.695  1.00 16.66 ? 166 HIS B CD2 1 
ATOM   1081 C  CE1 . HIS B 1 75 ? -15.773 -11.665 -2.250  1.00 17.31 ? 166 HIS B CE1 1 
ATOM   1082 N  NE2 . HIS B 1 75 ? -17.080 -11.521 -2.376  1.00 17.45 ? 166 HIS B NE2 1 
ATOM   1083 N  N   . GLU B 1 76 ? -16.476 -14.799 -8.225  1.00 19.36 ? 167 GLU B N   1 
ATOM   1084 C  CA  . GLU B 1 76 ? -16.985 -15.410 -9.447  1.00 20.63 ? 167 GLU B CA  1 
ATOM   1085 C  C   . GLU B 1 76 ? -15.931 -15.655 -10.525 1.00 21.08 ? 167 GLU B C   1 
ATOM   1086 O  O   . GLU B 1 76 ? -15.329 -16.735 -10.579 1.00 22.87 ? 167 GLU B O   1 
ATOM   1087 C  CB  . GLU B 1 76 ? -18.249 -14.669 -9.936  1.00 19.60 ? 167 GLU B CB  1 
ATOM   1088 C  CG  . GLU B 1 76 ? -18.583 -14.845 -11.360 1.00 20.34 ? 167 GLU B CG  1 
ATOM   1089 C  CD  . GLU B 1 76 ? -18.074 -13.721 -12.239 1.00 20.34 ? 167 GLU B CD  1 
ATOM   1090 O  OE1 . GLU B 1 76 ? -16.854 -13.464 -12.251 1.00 18.99 ? 167 GLU B OE1 1 
ATOM   1091 O  OE2 . GLU B 1 76 ? -18.906 -13.110 -12.954 1.00 19.39 ? 167 GLU B OE2 1 
HETATM 1092 ZN ZN  . ZN  C 2 .  ? 0.378   9.661   -0.913  1.00 13.35 ? 4   ZN  A ZN  1 
HETATM 1093 ZN ZN  . ZN  D 2 .  ? -2.007  11.006  2.334   1.00 16.96 ? 5   ZN  A ZN  1 
HETATM 1094 ZN ZN  . ZN  E 2 .  ? 7.831   15.099  10.428  1.00 6.75  ? 6   ZN  A ZN  1 
HETATM 1095 ZN ZN  . ZN  F 2 .  ? -11.740 -10.089 -0.339  1.00 10.58 ? 1   ZN  B ZN  1 
HETATM 1096 ZN ZN  . ZN  G 2 .  ? -13.272 -12.597 -3.584  1.00 10.16 ? 2   ZN  B ZN  1 
HETATM 1097 ZN ZN  . ZN  H 2 .  ? -1.209  -15.628 -8.719  1.00 7.57  ? 3   ZN  B ZN  1 
HETATM 1098 O  O   . HOH I 3 .  ? 10.251  3.336   -0.392  1.00 10.89 ? 1   HOH A O   1 
HETATM 1099 O  O   . HOH I 3 .  ? 7.422   2.316   0.591   1.00 14.09 ? 2   HOH A O   1 
HETATM 1100 O  O   . HOH I 3 .  ? 17.802  15.284  -1.512  1.00 18.63 ? 10  HOH A O   1 
HETATM 1101 O  O   . HOH I 3 .  ? 9.677   24.285  2.427   1.00 10.01 ? 13  HOH A O   1 
HETATM 1102 O  O   . HOH I 3 .  ? -7.330  2.616   -0.093  1.00 16.95 ? 15  HOH A O   1 
HETATM 1103 O  O   . HOH I 3 .  ? -1.451  2.972   4.384   1.00 19.78 ? 16  HOH A O   1 
HETATM 1104 O  O   . HOH I 3 .  ? 0.770   11.744  15.772  1.00 13.80 ? 23  HOH A O   1 
HETATM 1105 O  O   . HOH I 3 .  ? -3.835  -2.774  4.205   1.00 16.77 ? 25  HOH A O   1 
HETATM 1106 O  O   . HOH I 3 .  ? 2.722   13.242  -6.117  1.00 20.61 ? 26  HOH A O   1 
HETATM 1107 O  O   . HOH I 3 .  ? 2.315   6.245   13.472  1.00 11.54 ? 29  HOH A O   1 
HETATM 1108 O  O   . HOH I 3 .  ? 5.468   12.136  -6.094  1.00 39.97 ? 30  HOH A O   1 
HETATM 1109 O  O   . HOH I 3 .  ? -1.471  12.281  11.269  1.00 20.88 ? 31  HOH A O   1 
HETATM 1110 O  O   . HOH I 3 .  ? 12.220  1.265   -5.907  1.00 13.68 ? 33  HOH A O   1 
HETATM 1111 O  O   . HOH I 3 .  ? -3.223  0.826   -2.337  1.00 25.68 ? 41  HOH A O   1 
HETATM 1112 O  O   . HOH I 3 .  ? 0.821   3.323   -2.697  1.00 36.36 ? 46  HOH A O   1 
HETATM 1113 O  O   . HOH I 3 .  ? 3.633   1.478   3.864   1.00 6.87  ? 169 HOH A O   1 
HETATM 1114 O  O   . HOH I 3 .  ? -0.297  5.011   1.577   1.00 13.75 ? 170 HOH A O   1 
HETATM 1115 O  O   . HOH J 3 .  ? -2.634  -0.067  -7.893  1.00 21.46 ? 7   HOH B O   1 
HETATM 1116 O  O   . HOH J 3 .  ? 4.949   -12.744 -12.792 1.00 14.94 ? 8   HOH B O   1 
HETATM 1117 O  O   . HOH J 3 .  ? -3.345  -2.461  -14.449 1.00 11.46 ? 9   HOH B O   1 
HETATM 1118 O  O   . HOH J 3 .  ? -7.775  -10.402 5.561   1.00 17.50 ? 11  HOH B O   1 
HETATM 1119 O  O   . HOH J 3 .  ? -7.336  -9.430  -15.134 1.00 24.87 ? 12  HOH B O   1 
HETATM 1120 O  O   . HOH J 3 .  ? -13.235 -6.085  -3.759  1.00 10.44 ? 14  HOH B O   1 
HETATM 1121 O  O   . HOH J 3 .  ? -1.934  -5.310  3.502   1.00 9.76  ? 17  HOH B O   1 
HETATM 1122 O  O   . HOH J 3 .  ? -3.626  -22.490 -8.947  1.00 17.64 ? 18  HOH B O   1 
HETATM 1123 O  O   . HOH J 3 .  ? 3.441   -3.954  1.389   1.00 28.91 ? 19  HOH B O   1 
HETATM 1124 O  O   . HOH J 3 .  ? -9.526  -0.745  -11.112 1.00 20.46 ? 20  HOH B O   1 
HETATM 1125 O  O   . HOH J 3 .  ? -15.440 -4.122  5.336   1.00 12.05 ? 21  HOH B O   1 
HETATM 1126 O  O   . HOH J 3 .  ? -20.259 -15.418 -13.004 1.00 23.39 ? 22  HOH B O   1 
HETATM 1127 O  O   . HOH J 3 .  ? -10.849 -12.323 5.229   1.00 22.41 ? 24  HOH B O   1 
HETATM 1128 O  O   . HOH J 3 .  ? -10.402 -15.453 -11.521 1.00 15.45 ? 28  HOH B O   1 
HETATM 1129 O  O   . HOH J 3 .  ? -6.082  -1.667  -9.896  1.00 29.55 ? 32  HOH B O   1 
HETATM 1130 O  O   . HOH J 3 .  ? -18.391 -10.974 -0.089  1.00 34.95 ? 34  HOH B O   1 
HETATM 1131 O  O   . HOH J 3 .  ? 1.106   -4.763  3.193   1.00 29.69 ? 36  HOH B O   1 
HETATM 1132 O  O   . HOH J 3 .  ? -3.292  0.420   5.700   1.00 30.20 ? 39  HOH B O   1 
HETATM 1133 O  O   . HOH J 3 .  ? -0.957  -1.586  5.843   1.00 12.16 ? 54  HOH B O   1 
HETATM 1134 O  O   . HOH J 3 .  ? -4.328  -1.535  -5.674  1.00 22.72 ? 55  HOH B O   1 
HETATM 1135 O  O   . HOH J 3 .  ? 8.630   -12.426 -1.150  1.00 12.94 ? 56  HOH B O   1 
HETATM 1136 O  O   . HOH J 3 .  ? -4.381  0.960   -9.915  1.00 31.63 ? 57  HOH B O   1 
HETATM 1137 O  O   . HOH J 3 .  ? -9.259  -2.463  -6.438  1.00 10.23 ? 169 HOH B O   1 
# 
